data_8KDI
#
_entry.id   8KDI
#
_cell.length_a   1.00
_cell.length_b   1.00
_cell.length_c   1.00
_cell.angle_alpha   90.00
_cell.angle_beta   90.00
_cell.angle_gamma   90.00
#
_symmetry.space_group_name_H-M   'P 1'
#
loop_
_entity.id
_entity.type
_entity.pdbx_description
1 polymer '4F2 cell-surface antigen heavy chain'
2 polymer 'Large neutral amino acids transporter small subunit 1'
3 polymer 'Fab170 light chain'
4 polymer 'Fab170 heavy chain'
5 non-polymer 2-acetamido-2-deoxy-beta-D-glucopyranose
#
loop_
_entity_poly.entity_id
_entity_poly.type
_entity_poly.pdbx_seq_one_letter_code
_entity_poly.pdbx_strand_id
1 'polypeptide(L)'
;GSELQPPEASIAVVSIPRQLPGSHSEAGVQGLSAGDDSELGSHCVAQTGLELLASGDPLPSASQNAEMIETGSDCVTQAG
LQLLASSDPPALASKNAEVTGTMSQDTEVDMKEVELNELEPEKQPMNAASGAAMSLAGAEKNGLVKIKVAEDEAEAAAAA
KFTGLSKEELLKVAGSPGWVRTRWALLLLFWLGWLGMLAGAVVIIVRAPRCRELPAQKWWHTGALYRIGDLQAFQGHGAG
NLAGLKGRLDYLSSLKVKGLVLGPIHKNQKDDVAQTDLLQIDPNFGSKEDFDSLLQSAKKKSIRVILDLTPNYRGENSWF
STQVDTVATKVKDALEFWLQAGVDGFQVRDIENLKDASSFLAEWQNITKGFSEDRLLIAGTNSSDLQQILSLLESNKDLL
LTSSYLSDSGSTGEHTKSLVTQYLNATGNRWCSWSLSQARLLTSFLPAQLLRLYQLMLFTLPGTPVFSYGDEIGLDAAAL
PGQPMEAPVMLWDESSFPDIPGAVSANMTVKGQSEDPGSLLSLFRRLSDQRSKERSLLHGDFHAFSAGPGLFSYIRHWDQ
NERFLVVLNFGDVGLSAGLQASDLPASASLPAKADLLLSTQPGREEGSPLELERLKLEPHEGLLLRFPYAA
;
A
2 'polypeptide(L)'
;MAGAGPKRRALAAPAAEEKEEAREKMLAAKSADGSAPAGEGEGVTLQRNITLLNGVAIIVGTIIGSGIFVTPTGVLKEAG
SPGLALVVWAACGVFSIVGALCYAELGTTISKSGGDYAYMLEVYGSLPAFLKLWIELLIIRPSSQYIVALVFATYLLKPL
FPTCPVPEEAAKLVACLCVLLLTAVNCYSVKAATRVQDAFAAAKLLALALIILLGFVQIGKGDVSNLDPNFSFEGTKLDV
GNIVLALYSGLFAYGGWNYLNFVTEEMINPYRNLPLAIIISLPIVTLVYVLTNLAYFTTLSTEQMLSSEAVAVDFGNYHL
GVMSWIIPVFVGLSCFGSVNGSLFTSSRLFFVGSREGHLPSILSMIHPQLLTPVPSLVFTCVMTLLYAFSKDIFSVINFF
SFFNWLCVALAIIGMIWLRHRKPELERPIKVNLALPVFFILACLFLIAVSFWKTPVECGIGFTIILSGLPVYFFGVWWKN
KPKWLLQGIFSTTVLCQKLMQVVPQETDYKDDDDK
;
B
3 'polypeptide(L)'
;DIVLTQSPSSLAMSVGQKVTMNCKSSQSLLNNNNQKNYLAWYQQKPGQSPKLLVYFTSTRESGVPDRFIGSGSGTDFTLT
ISSVQAEDLALYYCQQHYTIPPTFGGGTKLEIKRADAAPTVSIFPPSSEQLTSGGASVVCFLNNFYPKDINVKWKIDGSE
RQNGVLNSWTDQDSKDSTYSMSSTLTLTKDEYERHNSYTCEATHKTSTSPIVKSFNRNEC
;
L
4 'polypeptide(L)'
;EVQLQQSGAELVKPGASVNLSCKASGYTFTNYWMHWVRLRPGQGLEWIGEIDPSDSYSYYSQNFKGKATLTVDQSSNTAY
LQLTSLTSEDSAVYYCARGRQTYYPWFPYWGQGTLVTVSAAKTTPPSDYPLAPGSAAQTNSMVTLGCLVKGYFPEPVTVT
WNSGSLSSGVHTFPAVLQSDLYTLSSSVTVPSSTWPSETVTCNVAHPASSTKVDKKIVPRDCGCKPCICT
;
H
#
# COMPACT_ATOMS: atom_id res chain seq x y z
N THR A 163 59.14 -16.31 -22.74
CA THR A 163 58.00 -17.08 -23.32
C THR A 163 57.20 -16.17 -24.25
N GLY A 164 56.52 -16.78 -25.25
CA GLY A 164 55.89 -16.07 -26.37
C GLY A 164 56.90 -15.46 -27.34
N LEU A 165 56.41 -14.69 -28.31
CA LEU A 165 57.25 -14.02 -29.31
C LEU A 165 57.98 -12.84 -28.65
N SER A 166 59.31 -12.72 -28.79
CA SER A 166 60.10 -11.76 -28.02
C SER A 166 60.27 -10.43 -28.76
N LYS A 167 60.80 -9.41 -28.03
CA LYS A 167 61.07 -8.07 -28.54
C LYS A 167 61.86 -8.11 -29.85
N GLU A 168 62.87 -8.99 -29.89
CA GLU A 168 63.82 -9.11 -30.99
C GLU A 168 63.15 -9.66 -32.25
N GLU A 169 62.01 -10.36 -32.12
CA GLU A 169 61.18 -10.74 -33.27
C GLU A 169 60.19 -9.62 -33.62
N LEU A 170 59.40 -9.17 -32.64
CA LEU A 170 58.28 -8.27 -32.91
C LEU A 170 58.68 -6.93 -33.56
N LEU A 171 59.91 -6.44 -33.31
CA LEU A 171 60.35 -5.18 -33.92
C LEU A 171 60.39 -5.20 -35.45
N LYS A 172 60.31 -6.38 -36.13
CA LYS A 172 60.21 -6.45 -37.59
C LYS A 172 58.90 -7.08 -38.12
N VAL A 173 58.04 -7.61 -37.24
CA VAL A 173 56.76 -8.21 -37.60
C VAL A 173 55.67 -7.13 -37.80
N ALA A 174 55.90 -5.91 -37.29
CA ALA A 174 55.02 -4.76 -37.46
C ALA A 174 55.04 -4.17 -38.88
N GLY A 175 54.60 -4.94 -39.90
CA GLY A 175 54.60 -4.48 -41.28
C GLY A 175 53.51 -3.44 -41.53
N SER A 176 53.89 -2.24 -42.01
CA SER A 176 53.05 -1.04 -41.95
C SER A 176 51.66 -1.20 -42.62
N PRO A 177 51.52 -1.80 -43.84
CA PRO A 177 50.20 -2.01 -44.46
C PRO A 177 49.16 -2.82 -43.68
N GLY A 178 49.61 -3.66 -42.73
CA GLY A 178 48.73 -4.45 -41.88
C GLY A 178 48.55 -3.86 -40.48
N TRP A 179 49.44 -4.26 -39.56
CA TRP A 179 49.22 -4.05 -38.13
C TRP A 179 49.33 -2.58 -37.74
N VAL A 180 50.26 -1.79 -38.30
CA VAL A 180 50.42 -0.39 -37.89
C VAL A 180 49.17 0.42 -38.25
N ARG A 181 48.63 0.24 -39.47
CA ARG A 181 47.39 0.90 -39.87
C ARG A 181 46.21 0.40 -39.02
N THR A 182 46.16 -0.91 -38.70
CA THR A 182 45.14 -1.51 -37.83
C THR A 182 45.14 -0.90 -36.43
N ARG A 183 46.32 -0.79 -35.80
CA ARG A 183 46.47 -0.22 -34.46
C ARG A 183 46.19 1.29 -34.42
N TRP A 184 46.48 2.04 -35.49
CA TRP A 184 45.96 3.39 -35.63
C TRP A 184 44.43 3.42 -35.64
N ALA A 185 43.79 2.54 -36.43
CA ALA A 185 42.33 2.47 -36.53
C ALA A 185 41.67 2.13 -35.17
N LEU A 186 42.17 1.12 -34.43
CA LEU A 186 41.59 0.79 -33.13
C LEU A 186 41.80 1.92 -32.11
N LEU A 187 42.96 2.60 -32.11
CA LEU A 187 43.19 3.70 -31.19
C LEU A 187 42.21 4.86 -31.50
N LEU A 188 41.96 5.17 -32.79
CA LEU A 188 40.92 6.14 -33.12
C LEU A 188 39.52 5.63 -32.76
N LEU A 189 39.21 4.34 -32.97
CA LEU A 189 37.91 3.77 -32.61
C LEU A 189 37.63 3.87 -31.10
N PHE A 190 38.64 3.67 -30.24
CA PHE A 190 38.47 3.88 -28.80
C PHE A 190 38.11 5.31 -28.50
N TRP A 191 38.91 6.32 -28.94
CA TRP A 191 38.52 7.70 -28.64
C TRP A 191 37.20 8.16 -29.28
N LEU A 192 36.87 7.69 -30.50
CA LEU A 192 35.57 7.93 -31.09
C LEU A 192 34.46 7.31 -30.22
N GLY A 193 34.62 6.06 -29.76
CA GLY A 193 33.65 5.37 -28.90
C GLY A 193 33.49 5.96 -27.49
N TRP A 194 34.58 6.40 -26.89
CA TRP A 194 34.53 7.10 -25.61
C TRP A 194 33.93 8.49 -25.74
N LEU A 195 34.23 9.25 -26.81
CA LEU A 195 33.46 10.48 -27.04
C LEU A 195 31.99 10.21 -27.37
N GLY A 196 31.67 9.08 -28.02
CA GLY A 196 30.30 8.60 -28.15
C GLY A 196 29.60 8.38 -26.81
N MET A 197 30.27 7.73 -25.87
CA MET A 197 29.75 7.49 -24.52
C MET A 197 29.66 8.82 -23.76
N LEU A 198 30.59 9.77 -23.93
CA LEU A 198 30.49 11.10 -23.33
C LEU A 198 29.26 11.81 -23.90
N ALA A 199 29.07 11.78 -25.21
CA ALA A 199 27.90 12.40 -25.79
C ALA A 199 26.62 11.73 -25.29
N GLY A 200 26.60 10.38 -25.20
CA GLY A 200 25.47 9.60 -24.65
C GLY A 200 25.09 10.05 -23.24
N ALA A 201 26.08 10.12 -22.35
CA ALA A 201 25.85 10.57 -21.01
C ALA A 201 25.35 12.01 -21.01
N VAL A 202 25.92 12.93 -21.82
CA VAL A 202 25.48 14.32 -21.82
C VAL A 202 24.04 14.44 -22.35
N VAL A 203 23.66 13.65 -23.35
CA VAL A 203 22.25 13.57 -23.76
C VAL A 203 21.34 13.19 -22.59
N ILE A 204 21.66 12.10 -21.85
CA ILE A 204 20.83 11.62 -20.75
C ILE A 204 20.68 12.72 -19.69
N ILE A 205 21.76 13.36 -19.31
CA ILE A 205 21.72 14.44 -18.33
C ILE A 205 20.93 15.67 -18.84
N VAL A 206 20.90 15.94 -20.16
CA VAL A 206 20.10 17.05 -20.71
C VAL A 206 18.60 16.70 -20.78
N ARG A 207 18.21 15.47 -21.18
CA ARG A 207 16.79 15.14 -21.35
C ARG A 207 16.13 14.51 -20.12
N ALA A 208 16.90 14.10 -19.09
CA ALA A 208 16.34 13.72 -17.80
C ALA A 208 15.54 14.87 -17.16
N PRO A 209 14.40 14.58 -16.47
CA PRO A 209 13.55 15.64 -15.91
C PRO A 209 14.16 16.34 -14.70
N ARG A 210 14.23 17.68 -14.73
CA ARG A 210 14.90 18.45 -13.68
C ARG A 210 14.03 18.51 -12.43
N CYS A 211 14.67 18.58 -11.24
CA CYS A 211 13.97 18.63 -9.95
C CYS A 211 13.08 19.86 -9.83
N ARG A 212 11.85 19.71 -9.29
CA ARG A 212 11.02 20.85 -8.91
C ARG A 212 11.74 21.56 -7.75
N GLU A 213 11.76 22.90 -7.76
CA GLU A 213 12.40 23.64 -6.67
C GLU A 213 11.57 23.54 -5.38
N LEU A 214 12.21 23.58 -4.21
CA LEU A 214 11.50 23.41 -2.95
C LEU A 214 10.69 24.63 -2.52
N PRO A 215 9.47 24.63 -2.15
CA PRO A 215 9.06 25.96 -1.68
C PRO A 215 9.73 26.37 -0.35
N ALA A 216 9.97 27.68 -0.20
CA ALA A 216 10.58 28.21 1.02
C ALA A 216 9.48 28.12 2.05
N GLN A 217 9.69 27.30 3.06
CA GLN A 217 8.58 26.97 3.95
C GLN A 217 8.83 27.67 5.29
N LYS A 218 7.80 28.42 5.71
CA LYS A 218 7.73 29.05 7.02
C LYS A 218 7.68 27.96 8.09
N TRP A 219 8.02 28.28 9.31
CA TRP A 219 8.08 27.22 10.30
C TRP A 219 6.78 26.48 10.57
N TRP A 220 5.68 27.21 10.50
CA TRP A 220 4.37 26.60 10.69
C TRP A 220 3.91 25.71 9.53
N HIS A 221 4.55 25.72 8.36
CA HIS A 221 4.32 24.60 7.48
C HIS A 221 4.86 23.27 7.98
N THR A 222 5.89 23.24 8.81
CA THR A 222 6.65 22.03 9.02
C THR A 222 6.01 21.08 10.03
N GLY A 223 4.78 21.34 10.55
CA GLY A 223 4.07 20.38 11.38
C GLY A 223 3.14 21.06 12.35
N ALA A 224 2.64 20.26 13.32
CA ALA A 224 1.43 20.67 14.05
C ALA A 224 1.63 21.83 15.05
N LEU A 225 0.74 22.81 15.12
CA LEU A 225 0.63 23.67 16.29
C LEU A 225 -0.17 22.98 17.39
N TYR A 226 -0.38 23.65 18.54
CA TYR A 226 -0.83 22.99 19.78
C TYR A 226 -1.28 24.07 20.77
N ARG A 227 -2.54 24.08 21.14
CA ARG A 227 -3.04 25.22 21.87
C ARG A 227 -3.32 24.92 23.33
N ILE A 228 -2.98 25.90 24.17
CA ILE A 228 -3.04 25.77 25.59
C ILE A 228 -3.91 26.88 26.13
N GLY A 229 -5.23 26.64 26.12
CA GLY A 229 -6.19 27.70 26.38
C GLY A 229 -6.21 28.12 27.85
N ASP A 230 -5.83 27.20 28.78
CA ASP A 230 -5.66 27.62 30.16
C ASP A 230 -4.48 26.88 30.77
N LEU A 231 -3.45 27.66 31.12
CA LEU A 231 -2.23 27.21 31.75
C LEU A 231 -2.51 26.40 33.02
N GLN A 232 -3.59 26.74 33.74
CA GLN A 232 -3.91 26.13 35.02
C GLN A 232 -4.44 24.73 34.76
N ALA A 233 -5.39 24.63 33.84
CA ALA A 233 -6.05 23.37 33.52
C ALA A 233 -5.06 22.37 32.91
N PHE A 234 -4.04 22.85 32.20
CA PHE A 234 -3.01 21.98 31.64
C PHE A 234 -2.11 21.39 32.70
N GLN A 235 -2.08 21.97 33.90
CA GLN A 235 -1.08 21.59 34.91
C GLN A 235 -1.67 20.99 36.21
N GLY A 236 -2.86 21.42 36.65
CA GLY A 236 -3.25 21.30 38.05
C GLY A 236 -2.79 22.54 38.82
N HIS A 237 -3.51 22.87 39.91
CA HIS A 237 -3.37 24.18 40.54
C HIS A 237 -2.06 24.30 41.31
N GLY A 238 -1.67 25.56 41.59
CA GLY A 238 -0.41 25.89 42.25
C GLY A 238 0.74 25.94 41.24
N ALA A 239 0.98 24.80 40.56
CA ALA A 239 1.88 24.73 39.41
C ALA A 239 1.31 25.42 38.17
N GLY A 240 0.07 25.98 38.24
CA GLY A 240 -0.53 26.70 37.12
C GLY A 240 0.08 28.07 36.85
N ASN A 241 1.34 28.11 36.36
CA ASN A 241 2.08 29.34 36.03
C ASN A 241 3.11 29.02 34.95
N LEU A 242 3.67 30.08 34.32
CA LEU A 242 4.54 29.95 33.15
C LEU A 242 5.83 29.18 33.48
N ALA A 243 6.34 29.31 34.70
CA ALA A 243 7.52 28.54 35.09
C ALA A 243 7.19 27.04 35.20
N GLY A 244 5.92 26.72 35.48
CA GLY A 244 5.44 25.36 35.43
C GLY A 244 5.48 24.82 34.01
N LEU A 245 5.00 25.66 33.07
CA LEU A 245 4.94 25.28 31.68
C LEU A 245 6.36 25.03 31.18
N LYS A 246 7.33 25.81 31.61
CA LYS A 246 8.72 25.61 31.19
C LYS A 246 9.16 24.17 31.46
N GLY A 247 8.54 23.51 32.46
CA GLY A 247 8.85 22.12 32.77
C GLY A 247 8.36 21.10 31.75
N ARG A 248 7.28 21.43 31.04
CA ARG A 248 6.53 20.45 30.27
C ARG A 248 7.00 20.29 28.84
N LEU A 249 7.79 21.24 28.33
CA LEU A 249 8.16 21.22 26.94
C LEU A 249 8.84 19.90 26.49
N ASP A 250 9.34 19.01 27.37
CA ASP A 250 9.90 17.76 26.90
C ASP A 250 8.80 16.82 26.39
N TYR A 251 7.59 16.97 26.95
CA TYR A 251 6.42 16.29 26.42
C TYR A 251 6.08 16.82 25.05
N LEU A 252 5.98 18.13 24.95
CA LEU A 252 5.67 18.76 23.69
C LEU A 252 6.73 18.37 22.65
N SER A 253 8.00 18.35 23.03
CA SER A 253 9.01 17.94 22.09
C SER A 253 8.77 16.48 21.65
N SER A 254 8.25 15.62 22.55
CA SER A 254 7.82 14.24 22.22
C SER A 254 6.69 14.15 21.20
N LEU A 255 5.73 15.07 21.33
CA LEU A 255 4.69 15.25 20.31
C LEU A 255 5.18 15.83 19.00
N LYS A 256 6.40 16.34 18.94
CA LYS A 256 7.00 16.88 17.73
C LYS A 256 6.21 18.12 17.24
N VAL A 257 5.53 18.80 18.19
CA VAL A 257 4.73 19.97 17.83
C VAL A 257 5.59 21.21 17.62
N LYS A 258 5.62 21.71 16.37
CA LYS A 258 6.46 22.81 15.89
C LYS A 258 5.93 24.13 16.39
N GLY A 259 5.26 24.17 17.50
CA GLY A 259 4.34 25.27 17.80
C GLY A 259 3.60 25.08 19.13
N LEU A 260 3.06 26.17 19.62
CA LEU A 260 2.41 26.35 20.91
C LEU A 260 1.60 27.63 20.77
N VAL A 261 0.53 27.74 21.55
CA VAL A 261 -0.30 28.93 21.53
C VAL A 261 -0.75 29.15 22.96
N LEU A 262 -0.20 30.15 23.67
CA LEU A 262 -0.58 30.32 25.10
C LEU A 262 -1.78 31.23 25.12
N GLY A 263 -2.91 30.60 25.51
CA GLY A 263 -4.15 31.28 25.68
C GLY A 263 -3.89 32.46 26.59
N PRO A 264 -4.70 33.52 26.44
CA PRO A 264 -4.30 34.84 26.87
C PRO A 264 -3.83 34.92 28.31
N ILE A 265 -2.71 35.62 28.45
CA ILE A 265 -2.07 35.81 29.73
C ILE A 265 -2.06 37.27 30.09
N HIS A 266 -2.64 38.14 29.27
CA HIS A 266 -2.56 39.55 29.58
C HIS A 266 -3.55 39.92 30.70
N LYS A 267 -3.32 41.07 31.36
CA LYS A 267 -4.13 41.50 32.50
C LYS A 267 -5.49 42.01 32.02
N ASN A 268 -6.46 41.09 31.98
CA ASN A 268 -7.83 41.39 31.63
C ASN A 268 -8.67 41.38 32.90
N GLN A 269 -9.46 42.44 33.08
CA GLN A 269 -10.53 42.48 34.08
C GLN A 269 -11.87 42.35 33.35
N LYS A 270 -12.73 41.45 33.84
CA LYS A 270 -13.91 41.01 33.08
C LYS A 270 -14.78 42.19 32.64
N ASP A 271 -14.98 42.33 31.32
CA ASP A 271 -15.83 43.33 30.67
C ASP A 271 -15.43 44.78 30.96
N ASP A 272 -14.26 45.03 31.57
CA ASP A 272 -13.79 46.38 31.85
C ASP A 272 -12.73 46.76 30.81
N VAL A 273 -13.11 47.66 29.89
CA VAL A 273 -12.28 48.07 28.77
C VAL A 273 -11.04 48.82 29.26
N ALA A 274 -11.19 49.59 30.35
CA ALA A 274 -10.18 50.51 30.83
C ALA A 274 -9.15 49.84 31.75
N GLN A 275 -9.61 48.93 32.63
CA GLN A 275 -8.73 48.18 33.52
C GLN A 275 -7.98 47.06 32.79
N THR A 276 -8.46 46.65 31.60
CA THR A 276 -7.78 45.65 30.78
C THR A 276 -6.61 46.25 30.00
N ASP A 277 -5.47 45.53 30.04
CA ASP A 277 -4.27 45.83 29.28
C ASP A 277 -3.79 44.58 28.55
N LEU A 278 -3.29 44.75 27.30
CA LEU A 278 -2.81 43.60 26.54
C LEU A 278 -1.31 43.47 26.67
N LEU A 279 -0.66 44.35 27.44
CA LEU A 279 0.79 44.40 27.48
C LEU A 279 1.30 43.86 28.81
N GLN A 280 0.78 44.34 29.94
CA GLN A 280 1.13 43.78 31.24
C GLN A 280 0.48 42.39 31.41
N ILE A 281 1.30 41.38 31.86
CA ILE A 281 0.75 40.02 32.08
C ILE A 281 -0.05 39.96 33.38
N ASP A 282 -1.05 39.07 33.41
CA ASP A 282 -1.86 38.81 34.59
C ASP A 282 -1.00 38.05 35.59
N PRO A 283 -0.68 38.63 36.78
CA PRO A 283 0.37 38.10 37.65
C PRO A 283 0.16 36.68 38.16
N ASN A 284 -1.08 36.15 38.14
CA ASN A 284 -1.37 34.76 38.47
C ASN A 284 -0.45 33.80 37.73
N PHE A 285 -0.15 34.09 36.46
CA PHE A 285 0.66 33.24 35.61
C PHE A 285 2.16 33.48 35.79
N GLY A 286 2.59 34.52 36.49
CA GLY A 286 4.02 34.71 36.77
C GLY A 286 4.46 36.17 36.65
N SER A 287 5.53 36.39 35.88
CA SER A 287 6.15 37.69 35.60
C SER A 287 6.70 37.68 34.17
N LYS A 288 6.97 38.86 33.58
CA LYS A 288 7.59 38.84 32.25
C LYS A 288 8.93 38.09 32.30
N GLU A 289 9.62 38.13 33.44
CA GLU A 289 10.87 37.41 33.66
C GLU A 289 10.64 35.91 33.59
N ASP A 290 9.47 35.40 34.02
CA ASP A 290 9.12 33.99 33.78
C ASP A 290 8.83 33.76 32.30
N PHE A 291 8.05 34.67 31.70
CA PHE A 291 7.61 34.53 30.32
C PHE A 291 8.84 34.36 29.42
N ASP A 292 9.82 35.26 29.60
CA ASP A 292 11.05 35.22 28.81
C ASP A 292 11.83 33.94 29.10
N SER A 293 11.80 33.45 30.34
CA SER A 293 12.55 32.26 30.71
C SER A 293 12.00 31.06 29.97
N LEU A 294 10.66 30.96 29.92
CA LEU A 294 9.94 30.00 29.10
C LEU A 294 10.31 30.16 27.64
N LEU A 295 10.09 31.35 27.14
CA LEU A 295 10.15 31.60 25.72
C LEU A 295 11.57 31.27 25.20
N GLN A 296 12.62 31.59 25.97
CA GLN A 296 14.00 31.23 25.67
C GLN A 296 14.21 29.73 25.72
N SER A 297 13.54 29.03 26.64
CA SER A 297 13.60 27.56 26.70
C SER A 297 12.95 26.93 25.48
N ALA A 298 11.83 27.50 25.07
CA ALA A 298 11.10 26.98 23.95
C ALA A 298 11.97 27.15 22.70
N LYS A 299 12.59 28.35 22.49
CA LYS A 299 13.52 28.59 21.39
C LYS A 299 14.60 27.52 21.39
N LYS A 300 15.20 27.29 22.56
CA LYS A 300 16.24 26.28 22.76
C LYS A 300 15.75 24.89 22.33
N LYS A 301 14.47 24.56 22.55
CA LYS A 301 13.94 23.23 22.24
C LYS A 301 13.20 23.16 20.87
N SER A 302 13.23 24.23 20.04
CA SER A 302 12.64 24.32 18.69
C SER A 302 11.08 24.36 18.64
N ILE A 303 10.45 24.71 19.76
CA ILE A 303 9.04 25.01 19.86
C ILE A 303 8.81 26.51 19.71
N ARG A 304 8.37 26.99 18.57
CA ARG A 304 8.00 28.39 18.48
C ARG A 304 6.79 28.63 19.40
N VAL A 305 6.69 29.82 20.00
CA VAL A 305 5.52 30.19 20.79
C VAL A 305 4.69 31.40 20.31
N ILE A 306 3.42 31.16 20.01
CA ILE A 306 2.42 32.18 19.79
C ILE A 306 1.63 32.56 21.04
N LEU A 307 1.30 33.81 21.18
CA LEU A 307 0.56 34.29 22.31
C LEU A 307 -0.80 34.73 21.78
N ASP A 308 -1.83 34.46 22.54
CA ASP A 308 -3.20 34.78 22.16
C ASP A 308 -3.56 36.14 22.75
N LEU A 309 -3.95 37.10 21.92
CA LEU A 309 -4.20 38.44 22.39
C LEU A 309 -5.68 38.82 22.42
N THR A 310 -6.60 37.85 22.33
CA THR A 310 -8.00 38.21 22.26
C THR A 310 -8.36 38.95 23.56
N PRO A 311 -8.77 40.24 23.51
CA PRO A 311 -8.74 41.11 24.71
C PRO A 311 -9.54 40.63 25.93
N ASN A 312 -10.86 40.40 25.82
CA ASN A 312 -11.73 40.26 26.97
C ASN A 312 -11.91 38.79 27.30
N TYR A 313 -10.81 38.04 27.39
CA TYR A 313 -10.93 36.60 27.41
C TYR A 313 -11.58 36.00 28.66
N ARG A 314 -11.66 36.75 29.79
CA ARG A 314 -12.41 36.28 30.93
C ARG A 314 -13.90 36.62 30.84
N GLY A 315 -14.32 37.38 29.80
CA GLY A 315 -15.70 37.83 29.64
C GLY A 315 -16.55 36.95 28.71
N GLU A 316 -17.72 37.49 28.35
CA GLU A 316 -18.67 36.82 27.48
C GLU A 316 -18.31 37.09 26.03
N ASN A 317 -18.13 38.37 25.69
CA ASN A 317 -17.82 38.81 24.33
C ASN A 317 -16.36 39.24 24.25
N SER A 318 -15.54 38.55 23.43
CA SER A 318 -14.09 38.63 23.59
C SER A 318 -13.51 39.97 23.11
N TRP A 319 -14.26 40.76 22.35
CA TRP A 319 -13.76 42.07 21.96
C TRP A 319 -14.46 43.24 22.66
N PHE A 320 -15.26 42.96 23.70
CA PHE A 320 -16.16 43.92 24.31
C PHE A 320 -17.25 44.42 23.35
N SER A 321 -18.30 45.02 23.93
CA SER A 321 -19.50 45.42 23.19
C SER A 321 -19.37 46.80 22.53
N THR A 322 -18.30 47.57 22.84
CA THR A 322 -18.30 49.04 22.69
C THR A 322 -16.93 49.54 22.27
N GLN A 323 -16.91 50.69 21.56
CA GLN A 323 -15.74 51.52 21.23
C GLN A 323 -14.58 50.69 20.66
N VAL A 324 -14.93 49.85 19.69
CA VAL A 324 -14.06 48.78 19.17
C VAL A 324 -12.70 49.30 18.68
N ASP A 325 -12.66 50.54 18.14
CA ASP A 325 -11.45 51.13 17.60
C ASP A 325 -10.39 51.35 18.69
N THR A 326 -10.80 51.62 19.95
CA THR A 326 -9.88 51.68 21.07
C THR A 326 -9.31 50.29 21.35
N VAL A 327 -10.15 49.25 21.23
CA VAL A 327 -9.72 47.87 21.44
C VAL A 327 -8.73 47.43 20.35
N ALA A 328 -9.09 47.64 19.08
CA ALA A 328 -8.11 47.50 18.01
C ALA A 328 -6.80 48.30 18.22
N THR A 329 -6.88 49.52 18.74
CA THR A 329 -5.70 50.32 19.05
C THR A 329 -4.85 49.60 20.11
N LYS A 330 -5.47 49.02 21.16
CA LYS A 330 -4.73 48.25 22.15
C LYS A 330 -3.91 47.19 21.43
N VAL A 331 -4.55 46.44 20.53
CA VAL A 331 -3.88 45.35 19.84
C VAL A 331 -2.74 45.88 18.96
N LYS A 332 -3.00 46.95 18.23
CA LYS A 332 -2.01 47.48 17.32
C LYS A 332 -0.70 47.77 18.06
N ASP A 333 -0.81 48.29 19.31
CA ASP A 333 0.33 48.55 20.18
C ASP A 333 0.91 47.25 20.70
N ALA A 334 0.04 46.31 21.07
CA ALA A 334 0.44 45.07 21.74
C ALA A 334 1.34 44.23 20.85
N LEU A 335 1.01 44.17 19.56
CA LEU A 335 1.72 43.25 18.68
C LEU A 335 3.19 43.66 18.62
N GLU A 336 3.44 44.99 18.57
CA GLU A 336 4.78 45.53 18.49
C GLU A 336 5.57 45.14 19.74
N PHE A 337 4.95 45.33 20.90
CA PHE A 337 5.62 45.04 22.15
C PHE A 337 6.05 43.57 22.23
N TRP A 338 5.10 42.69 21.96
CA TRP A 338 5.36 41.29 22.20
C TRP A 338 6.30 40.76 21.13
N LEU A 339 6.29 41.32 19.90
CA LEU A 339 7.30 40.93 18.93
C LEU A 339 8.69 41.31 19.43
N GLN A 340 8.82 42.51 19.99
CA GLN A 340 10.07 42.96 20.60
C GLN A 340 10.50 42.03 21.73
N ALA A 341 9.54 41.47 22.48
CA ALA A 341 9.79 40.50 23.54
C ALA A 341 10.21 39.13 22.99
N GLY A 342 9.82 38.77 21.75
CA GLY A 342 10.39 37.63 21.03
C GLY A 342 9.43 36.49 20.71
N VAL A 343 8.11 36.71 20.87
CA VAL A 343 7.11 35.72 20.51
C VAL A 343 7.07 35.51 19.01
N ASP A 344 6.66 34.32 18.54
CA ASP A 344 6.71 33.98 17.13
C ASP A 344 5.42 34.30 16.37
N GLY A 345 4.40 34.84 17.05
CA GLY A 345 3.18 35.21 16.36
C GLY A 345 2.02 35.37 17.32
N PHE A 346 0.82 35.54 16.78
CA PHE A 346 -0.35 35.81 17.58
C PHE A 346 -1.59 35.07 17.10
N GLN A 347 -2.40 34.66 18.04
CA GLN A 347 -3.70 34.11 17.75
C GLN A 347 -4.64 35.24 18.17
N VAL A 348 -5.69 35.44 17.39
CA VAL A 348 -6.88 36.17 17.87
C VAL A 348 -8.12 35.34 17.55
N ARG A 349 -9.12 35.45 18.40
CA ARG A 349 -10.32 34.65 18.32
C ARG A 349 -11.63 35.46 18.23
N ASP A 350 -12.66 34.72 17.97
CA ASP A 350 -13.99 35.25 17.90
C ASP A 350 -14.14 36.41 16.89
N ILE A 351 -13.43 36.44 15.77
CA ILE A 351 -13.47 37.58 14.91
C ILE A 351 -14.86 37.84 14.28
N GLU A 352 -15.85 36.95 14.40
CA GLU A 352 -17.22 37.33 14.07
C GLU A 352 -17.80 38.35 15.06
N ASN A 353 -17.25 38.45 16.29
CA ASN A 353 -17.65 39.45 17.27
C ASN A 353 -16.86 40.76 17.15
N LEU A 354 -15.97 40.87 16.14
CA LEU A 354 -15.21 42.08 15.89
C LEU A 354 -15.82 42.80 14.68
N LYS A 355 -16.20 44.08 14.85
CA LYS A 355 -16.68 44.89 13.75
C LYS A 355 -15.52 45.19 12.79
N ASP A 356 -15.78 45.20 11.47
CA ASP A 356 -14.79 45.54 10.44
C ASP A 356 -13.60 44.60 10.50
N ALA A 357 -13.89 43.32 10.73
CA ALA A 357 -12.91 42.30 11.08
C ALA A 357 -11.77 42.23 10.09
N SER A 358 -12.12 42.10 8.78
CA SER A 358 -11.14 41.91 7.72
C SER A 358 -10.07 43.03 7.71
N SER A 359 -10.48 44.27 8.02
CA SER A 359 -9.59 45.41 7.98
C SER A 359 -8.60 45.37 9.13
N PHE A 360 -9.06 45.01 10.34
CA PHE A 360 -8.17 44.89 11.49
C PHE A 360 -7.19 43.74 11.30
N LEU A 361 -7.65 42.61 10.76
CA LEU A 361 -6.72 41.51 10.46
C LEU A 361 -5.69 41.98 9.43
N ALA A 362 -6.10 42.74 8.43
CA ALA A 362 -5.15 43.24 7.43
C ALA A 362 -4.08 44.14 8.04
N GLU A 363 -4.50 45.00 9.00
CA GLU A 363 -3.57 45.90 9.64
C GLU A 363 -2.57 45.10 10.49
N TRP A 364 -3.10 44.18 11.33
CA TRP A 364 -2.28 43.40 12.23
C TRP A 364 -1.33 42.46 11.49
N GLN A 365 -1.81 41.93 10.36
CA GLN A 365 -0.99 41.08 9.53
C GLN A 365 0.15 41.92 8.96
N ASN A 366 -0.16 43.12 8.43
CA ASN A 366 0.88 44.02 7.94
C ASN A 366 1.89 44.30 9.04
N ILE A 367 1.43 44.59 10.27
CA ILE A 367 2.33 44.88 11.39
C ILE A 367 3.27 43.70 11.64
N THR A 368 2.71 42.48 11.60
CA THR A 368 3.46 41.27 11.91
C THR A 368 4.46 40.97 10.78
N LYS A 369 4.02 40.81 9.54
CA LYS A 369 4.92 40.49 8.44
C LYS A 369 5.93 41.61 8.20
N GLY A 370 5.52 42.86 8.47
CA GLY A 370 6.40 44.02 8.43
C GLY A 370 7.53 43.96 9.46
N PHE A 371 7.34 43.21 10.55
CA PHE A 371 8.41 42.94 11.49
C PHE A 371 9.38 41.91 10.93
N SER A 372 8.87 40.74 10.59
CA SER A 372 9.67 39.68 9.98
C SER A 372 8.78 38.70 9.24
N GLU A 373 9.35 38.01 8.25
CA GLU A 373 8.59 37.14 7.36
C GLU A 373 8.24 35.83 8.08
N ASP A 374 9.01 35.45 9.13
CA ASP A 374 8.79 34.23 9.89
C ASP A 374 7.99 34.45 11.18
N ARG A 375 6.93 35.26 11.13
CA ARG A 375 5.95 35.38 12.21
C ARG A 375 4.55 35.29 11.64
N LEU A 376 3.61 34.69 12.44
CA LEU A 376 2.25 34.56 11.90
C LEU A 376 1.15 35.05 12.82
N LEU A 377 0.03 35.38 12.18
CA LEU A 377 -1.22 35.71 12.83
C LEU A 377 -2.23 34.62 12.47
N ILE A 378 -2.65 33.82 13.46
CA ILE A 378 -3.72 32.83 13.39
C ILE A 378 -5.03 33.46 13.82
N ALA A 379 -5.89 33.79 12.89
CA ALA A 379 -7.25 34.21 13.25
C ALA A 379 -8.12 33.03 13.52
N GLY A 380 -9.23 33.29 14.18
CA GLY A 380 -10.15 32.19 14.45
C GLY A 380 -11.56 32.68 14.60
N THR A 381 -12.51 31.95 14.07
CA THR A 381 -13.90 32.32 14.10
C THR A 381 -14.78 31.13 14.52
N ASN A 382 -15.95 31.43 15.10
CA ASN A 382 -16.92 30.44 15.46
C ASN A 382 -17.65 29.97 14.21
N SER A 383 -17.47 30.68 13.08
CA SER A 383 -18.09 30.31 11.79
C SER A 383 -17.91 28.86 11.27
N SER A 384 -18.95 28.35 10.60
CA SER A 384 -18.89 27.15 9.81
C SER A 384 -19.45 27.37 8.40
N ASP A 385 -19.55 28.63 7.97
CA ASP A 385 -20.05 28.94 6.63
C ASP A 385 -18.86 29.08 5.70
N LEU A 386 -18.83 28.27 4.64
CA LEU A 386 -17.70 28.34 3.72
C LEU A 386 -17.47 29.75 3.15
N GLN A 387 -18.56 30.47 2.86
CA GLN A 387 -18.46 31.74 2.18
C GLN A 387 -17.95 32.82 3.13
N GLN A 388 -18.47 32.87 4.36
CA GLN A 388 -17.96 33.80 5.35
C GLN A 388 -16.45 33.62 5.54
N ILE A 389 -16.04 32.37 5.69
CA ILE A 389 -14.62 32.06 5.83
C ILE A 389 -13.84 32.50 4.60
N LEU A 390 -14.31 32.18 3.40
CA LEU A 390 -13.58 32.59 2.21
C LEU A 390 -13.48 34.10 2.12
N SER A 391 -14.45 34.86 2.70
CA SER A 391 -14.41 36.32 2.67
C SER A 391 -13.31 36.86 3.59
N LEU A 392 -13.16 36.30 4.80
CA LEU A 392 -12.07 36.69 5.74
C LEU A 392 -10.71 36.34 5.15
N LEU A 393 -10.64 35.27 4.38
CA LEU A 393 -9.42 34.85 3.71
C LEU A 393 -9.25 35.47 2.31
N GLU A 394 -10.07 36.47 1.91
CA GLU A 394 -9.96 36.99 0.55
C GLU A 394 -8.85 38.05 0.50
N SER A 395 -8.96 39.03 1.39
CA SER A 395 -8.04 40.14 1.50
C SER A 395 -6.72 39.75 2.17
N ASN A 396 -6.75 38.71 3.02
CA ASN A 396 -5.61 38.25 3.79
C ASN A 396 -5.21 36.87 3.29
N LYS A 397 -3.96 36.72 2.88
CA LYS A 397 -3.60 35.63 2.01
C LYS A 397 -2.58 34.71 2.68
N ASP A 398 -1.83 35.22 3.71
CA ASP A 398 -1.06 34.35 4.59
C ASP A 398 -1.53 34.48 6.04
N LEU A 399 -2.85 34.37 6.21
CA LEU A 399 -3.51 34.19 7.48
C LEU A 399 -3.93 32.74 7.66
N LEU A 400 -3.54 32.05 8.76
CA LEU A 400 -4.25 30.83 9.07
C LEU A 400 -5.54 31.19 9.72
N LEU A 401 -6.64 30.59 9.25
CA LEU A 401 -7.92 30.94 9.85
C LEU A 401 -8.57 29.63 10.26
N THR A 402 -8.47 29.35 11.57
CA THR A 402 -9.16 28.24 12.15
C THR A 402 -10.64 28.58 12.32
N SER A 403 -11.49 27.56 12.26
CA SER A 403 -12.92 27.75 12.19
C SER A 403 -13.63 26.49 12.60
N SER A 404 -14.94 26.60 12.68
CA SER A 404 -15.73 25.42 12.94
C SER A 404 -16.03 24.71 11.60
N TYR A 405 -15.37 25.01 10.50
CA TYR A 405 -15.89 24.50 9.24
C TYR A 405 -15.96 22.97 9.08
N LEU A 406 -14.88 22.25 9.43
CA LEU A 406 -15.02 20.80 9.51
C LEU A 406 -15.83 20.21 10.69
N SER A 407 -16.40 21.00 11.62
CA SER A 407 -16.99 20.52 12.84
C SER A 407 -18.28 19.74 12.57
N ASP A 408 -19.07 20.23 11.58
CA ASP A 408 -20.41 19.72 11.27
C ASP A 408 -20.33 18.46 10.39
N SER A 409 -19.60 17.45 10.87
CA SER A 409 -19.08 16.35 10.06
C SER A 409 -20.12 15.29 9.67
N GLY A 410 -21.38 15.37 10.14
CA GLY A 410 -22.34 14.30 9.90
C GLY A 410 -22.32 13.16 10.93
N SER A 411 -21.33 13.15 11.85
CA SER A 411 -21.30 12.29 13.03
C SER A 411 -21.44 10.78 12.73
N THR A 412 -21.24 10.36 11.47
CA THR A 412 -20.45 9.16 11.16
C THR A 412 -19.54 9.49 9.98
N GLY A 413 -18.88 10.65 10.04
CA GLY A 413 -17.87 11.06 9.09
C GLY A 413 -18.38 11.47 7.71
N GLU A 414 -19.66 11.23 7.42
CA GLU A 414 -20.11 10.95 6.07
C GLU A 414 -19.83 12.12 5.13
N HIS A 415 -19.92 13.35 5.67
CA HIS A 415 -19.73 14.57 4.92
C HIS A 415 -18.28 14.94 4.64
N THR A 416 -17.34 14.40 5.39
CA THR A 416 -15.99 14.92 5.36
C THR A 416 -15.28 14.89 4.02
N LYS A 417 -15.40 13.82 3.20
CA LYS A 417 -14.72 13.80 1.90
C LYS A 417 -15.06 15.09 1.18
N SER A 418 -16.28 15.60 1.43
CA SER A 418 -16.85 16.64 0.61
C SER A 418 -16.50 17.96 1.27
N LEU A 419 -16.62 18.07 2.61
CA LEU A 419 -16.25 19.33 3.24
C LEU A 419 -14.81 19.66 2.91
N VAL A 420 -13.95 18.66 2.94
CA VAL A 420 -12.55 18.92 2.74
C VAL A 420 -12.27 19.24 1.30
N THR A 421 -12.77 18.49 0.34
CA THR A 421 -12.36 18.77 -1.01
C THR A 421 -13.08 19.97 -1.60
N GLN A 422 -14.25 20.40 -1.08
CA GLN A 422 -14.80 21.67 -1.50
C GLN A 422 -13.89 22.77 -1.00
N TYR A 423 -13.40 22.69 0.22
CA TYR A 423 -12.66 23.82 0.75
C TYR A 423 -11.32 24.02 0.06
N LEU A 424 -10.59 22.96 -0.14
CA LEU A 424 -9.40 23.01 -0.96
C LEU A 424 -9.71 23.62 -2.32
N ASN A 425 -10.74 23.14 -3.02
CA ASN A 425 -11.10 23.67 -4.34
C ASN A 425 -11.44 25.14 -4.31
N ALA A 426 -12.27 25.53 -3.36
CA ALA A 426 -12.66 26.93 -3.22
C ALA A 426 -11.50 27.89 -2.94
N THR A 427 -10.58 27.52 -2.04
CA THR A 427 -9.41 28.34 -1.75
C THR A 427 -8.34 28.25 -2.84
N GLY A 428 -8.44 27.29 -3.75
CA GLY A 428 -7.47 27.17 -4.84
C GLY A 428 -6.15 26.54 -4.38
N ASN A 429 -6.25 25.64 -3.41
CA ASN A 429 -5.13 24.88 -2.88
C ASN A 429 -4.04 25.78 -2.30
N ARG A 430 -4.42 26.91 -1.66
CA ARG A 430 -3.48 27.69 -0.86
C ARG A 430 -3.11 26.91 0.41
N TRP A 431 -2.38 27.56 1.32
CA TRP A 431 -2.23 27.00 2.67
C TRP A 431 -3.48 27.15 3.52
N CYS A 432 -3.68 26.19 4.43
CA CYS A 432 -4.87 26.07 5.25
C CYS A 432 -4.47 25.73 6.68
N SER A 433 -5.35 25.85 7.60
CA SER A 433 -5.13 25.24 8.89
C SER A 433 -6.28 24.29 9.29
N TRP A 434 -6.05 23.01 9.20
CA TRP A 434 -7.10 22.10 9.56
C TRP A 434 -7.31 22.00 11.05
N SER A 435 -8.57 22.06 11.46
CA SER A 435 -8.88 22.10 12.87
C SER A 435 -10.35 21.84 13.03
N LEU A 436 -10.77 21.07 14.05
CA LEU A 436 -12.20 21.04 14.25
C LEU A 436 -12.71 22.26 14.97
N SER A 437 -11.88 23.09 15.62
CA SER A 437 -12.41 24.36 16.08
C SER A 437 -11.34 25.42 16.27
N GLN A 438 -11.76 26.67 16.42
CA GLN A 438 -10.92 27.71 17.03
C GLN A 438 -10.47 27.47 18.48
N ALA A 439 -11.16 26.65 19.29
CA ALA A 439 -10.70 26.43 20.65
C ALA A 439 -10.98 25.02 21.19
N ARG A 440 -12.20 24.50 21.05
CA ARG A 440 -12.61 23.32 21.78
C ARG A 440 -11.91 22.06 21.26
N LEU A 441 -11.88 20.98 22.09
CA LEU A 441 -11.21 19.72 21.77
C LEU A 441 -11.80 18.97 20.58
N LEU A 442 -11.06 18.06 19.90
CA LEU A 442 -11.71 17.16 18.93
C LEU A 442 -12.90 16.43 19.50
N THR A 443 -12.73 15.91 20.72
CA THR A 443 -13.78 15.12 21.33
C THR A 443 -15.00 15.97 21.74
N SER A 444 -14.97 17.31 21.55
CA SER A 444 -16.18 18.11 21.64
C SER A 444 -17.15 17.87 20.49
N PHE A 445 -16.71 17.23 19.40
CA PHE A 445 -17.47 17.13 18.17
C PHE A 445 -17.50 15.70 17.66
N LEU A 446 -16.35 15.06 17.60
CA LEU A 446 -16.28 13.68 17.20
C LEU A 446 -16.78 12.67 18.24
N PRO A 447 -17.48 11.61 17.78
CA PRO A 447 -17.69 10.44 18.61
C PRO A 447 -16.43 9.61 18.57
N ALA A 448 -16.14 8.91 19.67
CA ALA A 448 -14.81 8.42 19.94
C ALA A 448 -14.27 7.35 18.97
N GLN A 449 -15.11 6.72 18.11
CA GLN A 449 -14.59 5.79 17.10
C GLN A 449 -13.86 6.48 15.96
N LEU A 450 -14.20 7.75 15.73
CA LEU A 450 -13.55 8.52 14.69
C LEU A 450 -12.29 9.23 15.15
N LEU A 451 -12.01 9.42 16.45
CA LEU A 451 -10.85 10.19 16.84
C LEU A 451 -9.61 9.62 16.13
N ARG A 452 -9.41 8.29 16.05
CA ARG A 452 -8.19 7.87 15.38
C ARG A 452 -8.18 8.21 13.90
N LEU A 453 -9.37 8.08 13.32
CA LEU A 453 -9.51 8.30 11.91
C LEU A 453 -9.29 9.76 11.54
N TYR A 454 -9.66 10.71 12.41
CA TYR A 454 -9.45 12.09 12.10
C TYR A 454 -7.99 12.45 12.38
N GLN A 455 -7.36 11.88 13.37
CA GLN A 455 -5.96 12.22 13.53
C GLN A 455 -5.16 11.74 12.34
N LEU A 456 -5.59 10.68 11.65
CA LEU A 456 -4.85 10.23 10.51
C LEU A 456 -5.06 11.23 9.39
N MET A 457 -6.15 11.94 9.40
CA MET A 457 -6.49 12.80 8.29
C MET A 457 -5.92 14.19 8.57
N LEU A 458 -6.12 14.77 9.74
CA LEU A 458 -5.56 16.04 10.10
C LEU A 458 -4.03 16.07 10.00
N PHE A 459 -3.37 14.94 10.14
CA PHE A 459 -1.94 14.98 9.93
C PHE A 459 -1.50 14.83 8.48
N THR A 460 -2.40 14.69 7.52
CA THR A 460 -2.01 14.36 6.16
C THR A 460 -2.74 15.12 5.05
N LEU A 461 -3.61 16.07 5.38
CA LEU A 461 -4.06 17.07 4.41
C LEU A 461 -3.02 18.19 4.28
N PRO A 462 -3.02 18.84 3.10
CA PRO A 462 -2.19 20.02 2.86
C PRO A 462 -2.46 21.18 3.79
N GLY A 463 -1.51 21.55 4.62
CA GLY A 463 -1.75 22.57 5.62
C GLY A 463 -1.32 22.24 7.03
N THR A 464 -1.40 23.20 7.88
CA THR A 464 -0.87 23.14 9.21
C THR A 464 -1.92 22.69 10.20
N PRO A 465 -1.95 21.48 10.70
CA PRO A 465 -3.00 21.12 11.62
C PRO A 465 -2.90 21.78 12.96
N VAL A 466 -4.03 21.99 13.61
CA VAL A 466 -4.06 22.56 14.92
C VAL A 466 -4.91 21.75 15.92
N PHE A 467 -4.30 21.38 17.02
CA PHE A 467 -4.95 20.65 18.07
C PHE A 467 -5.00 21.44 19.36
N SER A 468 -6.06 21.22 20.15
CA SER A 468 -6.05 21.72 21.52
C SER A 468 -5.44 20.68 22.42
N TYR A 469 -5.18 21.07 23.65
CA TYR A 469 -4.33 20.22 24.46
C TYR A 469 -5.11 19.00 24.89
N GLY A 470 -4.47 17.87 24.77
CA GLY A 470 -5.14 16.65 25.13
C GLY A 470 -5.90 16.01 23.99
N ASP A 471 -5.98 16.62 22.82
CA ASP A 471 -6.42 15.92 21.61
C ASP A 471 -5.58 14.69 21.37
N GLU A 472 -4.32 14.78 21.74
CA GLU A 472 -3.34 13.73 21.47
C GLU A 472 -3.61 12.54 22.36
N ILE A 473 -4.44 12.69 23.41
CA ILE A 473 -4.80 11.57 24.27
C ILE A 473 -6.30 11.30 24.25
N GLY A 474 -7.04 11.97 23.39
CA GLY A 474 -8.47 11.82 23.36
C GLY A 474 -9.12 12.22 24.67
N LEU A 475 -8.64 13.32 25.22
CA LEU A 475 -9.27 13.86 26.40
C LEU A 475 -10.72 14.22 26.07
N ASP A 476 -11.60 14.18 27.08
CA ASP A 476 -13.01 14.48 26.90
C ASP A 476 -13.54 15.13 28.17
N ALA A 477 -14.17 16.29 28.01
CA ALA A 477 -14.62 17.05 29.16
C ALA A 477 -15.74 16.31 29.90
N ALA A 478 -16.53 15.50 29.17
CA ALA A 478 -17.68 14.80 29.75
C ALA A 478 -17.29 13.59 30.63
N ALA A 479 -16.13 12.97 30.37
CA ALA A 479 -15.78 11.69 30.96
C ALA A 479 -15.50 11.78 32.46
N LEU A 480 -15.02 12.94 32.94
CA LEU A 480 -14.81 13.26 34.34
C LEU A 480 -15.74 14.41 34.73
N PRO A 481 -17.00 14.14 35.14
CA PRO A 481 -18.03 15.18 35.22
C PRO A 481 -17.74 16.40 36.13
N GLY A 482 -18.32 17.54 35.74
CA GLY A 482 -18.31 18.75 36.55
C GLY A 482 -17.40 19.84 36.00
N GLN A 483 -16.25 19.43 35.44
CA GLN A 483 -15.24 20.33 34.90
C GLN A 483 -15.78 21.05 33.67
N PRO A 484 -15.33 22.30 33.38
CA PRO A 484 -15.90 23.08 32.29
C PRO A 484 -15.42 22.62 30.91
N MET A 485 -16.34 22.67 29.94
CA MET A 485 -16.04 22.35 28.56
C MET A 485 -15.08 23.37 27.91
N GLU A 486 -14.84 24.53 28.55
CA GLU A 486 -13.80 25.47 28.17
C GLU A 486 -12.38 24.95 28.40
N ALA A 487 -12.15 24.17 29.47
CA ALA A 487 -10.82 24.00 30.04
C ALA A 487 -10.72 22.75 30.90
N PRO A 488 -10.78 21.55 30.30
CA PRO A 488 -10.73 20.30 31.04
C PRO A 488 -9.32 19.99 31.51
N VAL A 489 -9.24 19.34 32.69
CA VAL A 489 -7.99 19.11 33.38
C VAL A 489 -7.28 17.99 32.69
N MET A 490 -6.01 18.21 32.37
CA MET A 490 -5.24 17.32 31.53
C MET A 490 -4.79 16.19 32.44
N LEU A 491 -4.88 14.95 31.94
CA LEU A 491 -4.65 13.75 32.72
C LEU A 491 -3.26 13.20 32.42
N TRP A 492 -2.28 13.68 33.18
CA TRP A 492 -0.91 13.21 33.04
C TRP A 492 -0.74 11.79 33.57
N ASP A 493 -1.29 11.52 34.78
CA ASP A 493 -1.23 10.23 35.43
C ASP A 493 -2.45 10.09 36.34
N GLU A 494 -2.63 8.94 37.01
CA GLU A 494 -3.88 8.61 37.71
C GLU A 494 -4.22 9.58 38.86
N SER A 495 -3.22 10.36 39.33
CA SER A 495 -3.45 11.41 40.33
C SER A 495 -4.22 12.64 39.82
N SER A 496 -4.24 12.87 38.49
CA SER A 496 -4.33 14.19 37.92
C SER A 496 -5.69 14.85 38.16
N PHE A 497 -6.75 14.07 38.43
CA PHE A 497 -8.06 14.61 38.79
C PHE A 497 -8.45 14.04 40.14
N PRO A 498 -7.93 14.61 41.24
CA PRO A 498 -8.12 14.05 42.58
C PRO A 498 -9.48 14.35 43.19
N ASP A 499 -10.29 15.23 42.56
CA ASP A 499 -11.57 15.69 43.09
C ASP A 499 -12.62 14.58 43.17
N ILE A 500 -12.48 13.52 42.34
CA ILE A 500 -13.25 12.28 42.43
C ILE A 500 -12.25 11.15 42.23
N PRO A 501 -11.51 10.73 43.28
CA PRO A 501 -10.37 9.81 43.08
C PRO A 501 -10.87 8.41 42.72
N GLY A 502 -10.12 7.73 41.85
CA GLY A 502 -10.51 6.45 41.30
C GLY A 502 -11.32 6.52 40.00
N ALA A 503 -11.79 7.72 39.58
CA ALA A 503 -12.54 7.91 38.33
C ALA A 503 -11.63 7.84 37.09
N VAL A 504 -10.38 8.30 37.22
CA VAL A 504 -9.37 8.22 36.16
C VAL A 504 -8.87 6.78 36.02
N SER A 505 -9.11 6.17 34.87
CA SER A 505 -8.48 4.92 34.47
C SER A 505 -7.09 5.19 33.89
N ALA A 506 -6.20 4.22 33.98
CA ALA A 506 -4.82 4.34 33.48
C ALA A 506 -4.77 4.73 32.01
N ASN A 507 -5.46 3.97 31.16
CA ASN A 507 -5.60 4.21 29.71
C ASN A 507 -6.10 5.62 29.32
N MET A 508 -6.77 6.37 30.21
CA MET A 508 -7.12 7.77 29.96
C MET A 508 -5.98 8.79 30.12
N THR A 509 -4.76 8.41 30.48
CA THR A 509 -3.73 9.35 30.95
C THR A 509 -2.48 9.27 30.11
N VAL A 510 -1.69 10.35 30.09
CA VAL A 510 -0.50 10.42 29.26
C VAL A 510 0.46 9.28 29.61
N LYS A 511 0.66 9.09 30.92
CA LYS A 511 1.55 8.07 31.45
C LYS A 511 1.08 6.70 30.96
N GLY A 512 -0.26 6.50 31.01
CA GLY A 512 -0.87 5.22 30.69
C GLY A 512 -0.92 4.90 29.21
N GLN A 513 -0.80 5.92 28.37
CA GLN A 513 -0.76 5.75 26.92
C GLN A 513 0.67 5.64 26.47
N SER A 514 1.60 6.37 27.11
CA SER A 514 2.94 6.52 26.57
C SER A 514 3.63 5.17 26.35
N GLU A 515 3.20 4.17 27.15
CA GLU A 515 3.78 2.84 27.18
C GLU A 515 3.26 1.92 26.07
N ASP A 516 2.06 2.21 25.52
CA ASP A 516 1.26 1.26 24.77
C ASP A 516 1.28 1.59 23.27
N PRO A 517 1.90 0.79 22.38
CA PRO A 517 1.89 1.05 20.93
C PRO A 517 0.52 1.17 20.26
N GLY A 518 -0.49 0.52 20.84
CA GLY A 518 -1.88 0.66 20.41
C GLY A 518 -2.57 1.98 20.77
N SER A 519 -2.04 2.76 21.71
CA SER A 519 -2.76 3.91 22.27
C SER A 519 -2.86 5.06 21.30
N LEU A 520 -3.84 5.94 21.59
CA LEU A 520 -4.06 7.16 20.81
C LEU A 520 -2.81 8.03 20.70
N LEU A 521 -2.17 8.32 21.81
CA LEU A 521 -0.93 9.10 21.84
C LEU A 521 0.24 8.39 21.15
N SER A 522 0.28 7.06 21.10
CA SER A 522 1.27 6.40 20.26
C SER A 522 1.00 6.56 18.75
N LEU A 523 -0.26 6.82 18.38
CA LEU A 523 -0.62 7.14 17.00
C LEU A 523 -0.25 8.58 16.74
N PHE A 524 -0.53 9.49 17.67
CA PHE A 524 -0.31 10.90 17.45
C PHE A 524 1.17 11.09 17.26
N ARG A 525 1.95 10.52 18.17
CA ARG A 525 3.40 10.68 18.12
C ARG A 525 3.90 10.15 16.79
N ARG A 526 3.34 9.04 16.34
CA ARG A 526 3.85 8.43 15.13
C ARG A 526 3.57 9.26 13.86
N LEU A 527 2.37 9.79 13.80
CA LEU A 527 1.96 10.61 12.68
C LEU A 527 2.67 11.95 12.68
N SER A 528 2.89 12.50 13.88
CA SER A 528 3.51 13.78 13.99
C SER A 528 4.92 13.71 13.39
N ASP A 529 5.55 12.51 13.54
CA ASP A 529 6.84 12.25 12.93
C ASP A 529 6.73 12.40 11.42
N GLN A 530 5.84 11.66 10.82
CA GLN A 530 5.75 11.57 9.39
C GLN A 530 5.49 12.94 8.78
N ARG A 531 4.54 13.70 9.33
CA ARG A 531 4.17 15.01 8.85
C ARG A 531 5.29 15.99 8.98
N SER A 532 6.30 15.71 9.82
CA SER A 532 7.32 16.73 10.03
C SER A 532 8.66 16.40 9.35
N LYS A 533 8.79 15.18 8.80
CA LYS A 533 10.00 14.73 8.19
C LYS A 533 9.85 14.57 6.67
N GLU A 534 8.69 14.11 6.20
CA GLU A 534 8.52 13.55 4.87
C GLU A 534 8.19 14.65 3.88
N ARG A 535 8.97 14.78 2.83
CA ARG A 535 8.82 15.96 2.01
C ARG A 535 7.45 15.93 1.34
N SER A 536 6.91 14.73 1.13
CA SER A 536 5.63 14.56 0.47
C SER A 536 4.47 15.07 1.32
N LEU A 537 4.41 14.77 2.63
CA LEU A 537 3.41 15.29 3.59
C LEU A 537 3.71 16.76 3.92
N LEU A 538 4.99 17.14 3.94
CA LEU A 538 5.39 18.49 4.31
C LEU A 538 4.88 19.50 3.32
N HIS A 539 4.90 19.20 2.01
CA HIS A 539 4.37 20.13 1.02
C HIS A 539 4.06 19.58 -0.37
N GLY A 540 3.87 18.26 -0.43
CA GLY A 540 3.28 17.64 -1.60
C GLY A 540 1.93 18.18 -2.06
N ASP A 541 1.60 17.76 -3.28
CA ASP A 541 0.30 17.94 -3.89
C ASP A 541 -0.67 17.00 -3.19
N PHE A 542 -1.95 17.09 -3.59
CA PHE A 542 -3.03 16.36 -2.96
C PHE A 542 -4.02 16.00 -4.06
N HIS A 543 -4.35 14.70 -4.20
CA HIS A 543 -5.32 14.26 -5.19
C HIS A 543 -6.24 13.32 -4.46
N ALA A 544 -7.49 13.74 -4.23
CA ALA A 544 -8.52 12.82 -3.83
C ALA A 544 -8.97 11.93 -4.99
N PHE A 545 -9.38 10.68 -4.69
CA PHE A 545 -10.03 9.87 -5.71
C PHE A 545 -11.05 8.89 -5.15
N SER A 546 -11.91 8.33 -6.05
CA SER A 546 -13.00 7.48 -5.58
C SER A 546 -12.42 6.08 -5.55
N ALA A 547 -12.12 5.60 -4.36
CA ALA A 547 -11.36 4.35 -4.23
C ALA A 547 -12.27 3.26 -3.83
N GLY A 548 -13.56 3.52 -3.49
CA GLY A 548 -14.37 2.60 -2.65
C GLY A 548 -15.57 3.32 -2.11
N PRO A 549 -16.69 2.66 -1.67
CA PRO A 549 -17.93 3.29 -1.18
C PRO A 549 -17.74 4.26 -0.04
N GLY A 550 -17.33 3.88 1.15
CA GLY A 550 -17.18 4.96 2.15
C GLY A 550 -15.98 5.89 1.99
N LEU A 551 -14.95 5.31 1.43
CA LEU A 551 -13.59 5.78 1.59
C LEU A 551 -13.49 7.21 1.07
N PHE A 552 -12.89 8.03 1.94
CA PHE A 552 -12.20 9.25 1.53
C PHE A 552 -10.80 8.83 1.28
N SER A 553 -10.36 8.94 0.03
CA SER A 553 -9.06 8.42 -0.23
C SER A 553 -8.26 9.40 -1.05
N TYR A 554 -6.96 9.54 -0.73
CA TYR A 554 -6.21 10.56 -1.45
C TYR A 554 -4.74 10.29 -1.37
N ILE A 555 -3.99 10.80 -2.36
CA ILE A 555 -2.57 10.62 -2.46
C ILE A 555 -1.90 11.95 -2.22
N ARG A 556 -0.91 11.95 -1.35
CA ARG A 556 0.00 13.07 -1.20
C ARG A 556 1.26 12.71 -1.98
N HIS A 557 1.77 13.62 -2.82
CA HIS A 557 2.99 13.35 -3.54
C HIS A 557 3.78 14.61 -3.80
N TRP A 558 5.11 14.45 -3.98
CA TRP A 558 6.06 15.46 -4.46
C TRP A 558 7.02 14.88 -5.47
N ASP A 559 7.75 15.73 -6.18
CA ASP A 559 8.16 15.42 -7.54
C ASP A 559 8.65 13.98 -7.70
N GLN A 560 9.66 13.52 -6.90
CA GLN A 560 10.08 12.13 -7.07
C GLN A 560 10.23 11.40 -5.75
N ASN A 561 9.95 12.10 -4.64
CA ASN A 561 10.15 11.47 -3.34
C ASN A 561 9.06 10.40 -3.13
N GLU A 562 9.04 9.75 -1.96
CA GLU A 562 7.98 8.82 -1.58
C GLU A 562 6.55 9.39 -1.70
N ARG A 563 5.61 8.56 -2.15
CA ARG A 563 4.21 8.95 -2.40
C ARG A 563 3.36 8.26 -1.35
N PHE A 564 2.39 8.95 -0.75
CA PHE A 564 1.62 8.42 0.37
C PHE A 564 0.14 8.44 0.01
N LEU A 565 -0.48 7.29 0.08
CA LEU A 565 -1.89 7.10 -0.17
C LEU A 565 -2.51 6.96 1.21
N VAL A 566 -3.57 7.70 1.48
CA VAL A 566 -4.32 7.65 2.70
C VAL A 566 -5.70 7.13 2.33
N VAL A 567 -6.26 6.28 3.18
CA VAL A 567 -7.51 5.64 2.86
C VAL A 567 -8.28 5.66 4.15
N LEU A 568 -9.27 6.52 4.25
CA LEU A 568 -10.05 6.62 5.48
C LEU A 568 -11.43 6.00 5.27
N ASN A 569 -11.84 5.02 6.08
CA ASN A 569 -13.11 4.41 5.77
C ASN A 569 -14.13 5.00 6.68
N PHE A 570 -14.79 6.07 6.22
CA PHE A 570 -15.66 6.80 7.11
C PHE A 570 -16.96 6.07 7.41
N GLY A 571 -17.55 5.46 6.40
CA GLY A 571 -18.73 4.64 6.64
C GLY A 571 -18.52 3.46 7.60
N ASP A 572 -19.64 3.03 8.24
CA ASP A 572 -19.64 2.01 9.27
C ASP A 572 -19.64 0.57 8.77
N VAL A 573 -19.35 0.33 7.51
CA VAL A 573 -19.43 -0.99 6.93
C VAL A 573 -18.07 -1.28 6.36
N GLY A 574 -17.50 -2.42 6.68
CA GLY A 574 -16.18 -2.70 6.10
C GLY A 574 -16.19 -2.94 4.58
N LEU A 575 -15.04 -2.72 3.90
CA LEU A 575 -14.92 -3.14 2.51
C LEU A 575 -14.14 -4.43 2.36
N SER A 576 -14.51 -5.19 1.34
CA SER A 576 -14.21 -6.61 1.31
C SER A 576 -13.63 -7.02 -0.05
N ALA A 577 -13.26 -6.01 -0.85
CA ALA A 577 -13.06 -6.22 -2.29
C ALA A 577 -12.05 -5.23 -2.83
N GLY A 578 -11.15 -4.83 -1.96
CA GLY A 578 -10.08 -3.96 -2.37
C GLY A 578 -10.48 -2.53 -2.54
N LEU A 579 -9.44 -1.72 -2.78
CA LEU A 579 -9.56 -0.47 -3.51
C LEU A 579 -9.98 -0.85 -4.89
N GLN A 580 -10.78 0.04 -5.48
CA GLN A 580 -11.05 -0.09 -6.88
C GLN A 580 -11.20 1.32 -7.37
N ALA A 581 -10.00 1.95 -7.62
CA ALA A 581 -9.84 3.32 -8.06
C ALA A 581 -10.36 3.51 -9.50
N SER A 582 -11.42 4.31 -9.62
CA SER A 582 -11.76 4.92 -10.89
C SER A 582 -10.89 6.17 -11.06
N ASP A 583 -10.28 6.33 -12.25
CA ASP A 583 -9.93 7.63 -12.82
C ASP A 583 -8.90 8.38 -11.96
N LEU A 584 -7.75 7.74 -11.78
CA LEU A 584 -6.62 8.42 -11.17
C LEU A 584 -5.98 9.38 -12.16
N PRO A 585 -5.44 10.54 -11.68
CA PRO A 585 -4.59 11.38 -12.51
C PRO A 585 -3.41 10.56 -13.06
N ALA A 586 -3.06 10.78 -14.34
CA ALA A 586 -2.12 9.90 -15.04
C ALA A 586 -0.70 10.00 -14.46
N SER A 587 -0.38 11.14 -13.81
CA SER A 587 0.86 11.37 -13.08
C SER A 587 0.97 10.61 -11.76
N ALA A 588 -0.15 10.12 -11.20
CA ALA A 588 -0.25 9.71 -9.81
C ALA A 588 -0.80 8.30 -9.63
N SER A 589 -0.67 7.45 -10.66
CA SER A 589 -1.36 6.16 -10.71
C SER A 589 -0.96 5.30 -9.51
N LEU A 590 -1.95 4.54 -9.01
CA LEU A 590 -1.72 3.62 -7.91
C LEU A 590 -0.86 2.45 -8.34
N PRO A 591 0.00 1.96 -7.41
CA PRO A 591 0.77 0.74 -7.66
C PRO A 591 -0.08 -0.52 -7.54
N ALA A 592 0.52 -1.66 -7.87
CA ALA A 592 -0.11 -2.95 -7.60
C ALA A 592 -0.12 -3.26 -6.11
N LYS A 593 0.93 -2.79 -5.40
CA LYS A 593 1.14 -3.00 -3.96
C LYS A 593 1.89 -1.82 -3.36
N ALA A 594 1.72 -1.64 -2.06
CA ALA A 594 2.22 -0.47 -1.34
C ALA A 594 2.38 -0.84 0.14
N ASP A 595 3.35 -0.17 0.81
CA ASP A 595 3.83 -0.59 2.13
C ASP A 595 2.99 0.03 3.24
N LEU A 596 2.25 -0.79 4.03
CA LEU A 596 1.47 -0.25 5.14
C LEU A 596 2.38 0.38 6.22
N LEU A 597 2.42 1.70 6.28
CA LEU A 597 3.18 2.42 7.28
C LEU A 597 2.47 2.48 8.63
N LEU A 598 1.15 2.50 8.65
CA LEU A 598 0.39 2.32 9.86
C LEU A 598 -1.07 2.18 9.52
N SER A 599 -1.81 1.54 10.42
CA SER A 599 -3.25 1.53 10.39
C SER A 599 -3.75 2.08 11.72
N THR A 600 -4.92 2.70 11.65
CA THR A 600 -5.72 3.13 12.78
C THR A 600 -6.12 1.94 13.63
N GLN A 601 -6.02 0.69 13.12
CA GLN A 601 -6.45 -0.46 13.88
C GLN A 601 -5.30 -1.44 14.18
N PRO A 602 -5.36 -2.10 15.36
CA PRO A 602 -4.43 -3.21 15.62
C PRO A 602 -4.73 -4.43 14.76
N GLY A 603 -3.78 -5.37 14.75
CA GLY A 603 -3.96 -6.64 14.05
C GLY A 603 -3.59 -6.57 12.56
N ARG A 604 -2.69 -5.63 12.24
CA ARG A 604 -2.18 -5.45 10.89
C ARG A 604 -0.67 -5.64 10.83
N GLU A 605 -0.19 -6.05 9.64
CA GLU A 605 1.21 -6.42 9.43
C GLU A 605 2.03 -5.19 9.05
N GLU A 606 2.24 -4.27 10.00
CA GLU A 606 2.78 -2.95 9.67
C GLU A 606 4.22 -3.11 9.17
N GLY A 607 4.53 -2.38 8.08
CA GLY A 607 5.75 -2.54 7.30
C GLY A 607 5.55 -3.36 6.04
N SER A 608 4.57 -4.31 6.03
CA SER A 608 4.42 -5.25 4.91
C SER A 608 3.76 -4.60 3.71
N PRO A 609 4.05 -5.04 2.46
CA PRO A 609 3.27 -4.63 1.29
C PRO A 609 1.90 -5.31 1.25
N LEU A 610 0.89 -4.51 0.81
CA LEU A 610 -0.50 -4.93 0.66
C LEU A 610 -0.90 -4.94 -0.81
N GLU A 611 -1.78 -5.89 -1.19
CA GLU A 611 -2.38 -5.94 -2.52
C GLU A 611 -3.59 -5.03 -2.50
N LEU A 612 -3.52 -3.92 -3.21
CA LEU A 612 -4.59 -2.95 -3.15
C LEU A 612 -5.85 -3.51 -3.79
N GLU A 613 -5.77 -4.31 -4.87
CA GLU A 613 -6.98 -4.88 -5.46
C GLU A 613 -7.63 -5.95 -4.56
N ARG A 614 -6.99 -6.42 -3.46
CA ARG A 614 -7.57 -7.47 -2.58
C ARG A 614 -7.49 -7.14 -1.07
N LEU A 615 -7.31 -5.86 -0.77
CA LEU A 615 -7.27 -5.26 0.56
C LEU A 615 -8.63 -5.31 1.27
N LYS A 616 -8.65 -5.26 2.62
CA LYS A 616 -9.93 -5.33 3.35
C LYS A 616 -9.95 -4.34 4.52
N LEU A 617 -10.61 -3.17 4.36
CA LEU A 617 -10.82 -2.20 5.43
C LEU A 617 -11.94 -2.66 6.38
N GLU A 618 -11.71 -2.49 7.70
CA GLU A 618 -12.78 -2.70 8.65
C GLU A 618 -13.57 -1.42 8.77
N PRO A 619 -14.79 -1.38 9.36
CA PRO A 619 -15.46 -0.13 9.66
C PRO A 619 -14.55 0.83 10.45
N HIS A 620 -14.41 2.03 9.89
CA HIS A 620 -13.61 3.09 10.47
C HIS A 620 -12.09 2.81 10.46
N GLU A 621 -11.65 1.79 9.72
CA GLU A 621 -10.21 1.60 9.62
C GLU A 621 -9.64 2.60 8.63
N GLY A 622 -8.84 3.54 9.11
CA GLY A 622 -7.92 4.24 8.22
C GLY A 622 -6.51 3.66 8.04
N LEU A 623 -5.96 3.74 6.83
CA LEU A 623 -4.63 3.24 6.49
C LEU A 623 -3.77 4.34 5.95
N LEU A 624 -2.48 4.30 6.29
CA LEU A 624 -1.50 5.12 5.63
C LEU A 624 -0.55 4.22 4.87
N LEU A 625 -0.60 4.23 3.55
CA LEU A 625 0.27 3.41 2.73
C LEU A 625 1.28 4.37 2.15
N ARG A 626 2.48 3.83 2.02
CA ARG A 626 3.64 4.52 1.48
C ARG A 626 4.03 3.74 0.22
N PHE A 627 4.39 4.43 -0.86
CA PHE A 627 4.86 3.72 -2.03
C PHE A 627 5.86 4.55 -2.83
N PRO A 628 6.82 3.89 -3.52
CA PRO A 628 7.85 4.61 -4.25
C PRO A 628 7.44 5.11 -5.63
N TYR A 629 8.23 6.07 -6.13
CA TYR A 629 7.96 6.76 -7.40
C TYR A 629 8.06 5.85 -8.62
N ALA A 630 7.54 6.35 -9.76
CA ALA A 630 7.78 5.74 -11.06
C ALA A 630 7.97 6.86 -12.10
N ALA A 631 9.06 6.73 -12.89
CA ALA A 631 9.42 7.70 -13.93
C ALA A 631 8.52 7.51 -15.16
N THR B 51 61.73 9.21 10.36
CA THR B 51 61.26 9.27 11.78
C THR B 51 59.81 8.79 11.89
N LEU B 52 59.41 8.30 13.07
CA LEU B 52 58.09 7.68 13.29
C LEU B 52 56.95 8.66 12.95
N LEU B 53 57.08 9.94 13.34
CA LEU B 53 56.08 10.97 13.08
C LEU B 53 55.79 11.15 11.58
N ASN B 54 56.83 11.04 10.73
CA ASN B 54 56.67 11.11 9.27
C ASN B 54 56.16 9.78 8.69
N GLY B 55 56.41 8.64 9.35
CA GLY B 55 55.79 7.35 9.03
C GLY B 55 54.26 7.39 9.14
N VAL B 56 53.73 7.88 10.26
CA VAL B 56 52.29 8.06 10.47
C VAL B 56 51.68 8.94 9.37
N ALA B 57 52.34 10.01 8.93
CA ALA B 57 51.84 10.83 7.82
C ALA B 57 51.80 10.10 6.46
N ILE B 58 52.50 8.96 6.30
CA ILE B 58 52.40 8.12 5.11
C ILE B 58 51.24 7.14 5.27
N ILE B 59 51.14 6.46 6.43
CA ILE B 59 50.06 5.46 6.61
C ILE B 59 48.67 6.13 6.70
N VAL B 60 48.46 7.21 7.47
CA VAL B 60 47.14 7.84 7.58
C VAL B 60 46.65 8.29 6.19
N GLY B 61 47.50 8.92 5.36
CA GLY B 61 47.16 9.34 4.00
C GLY B 61 46.93 8.18 3.01
N THR B 62 47.42 6.98 3.35
CA THR B 62 47.17 5.75 2.60
C THR B 62 45.82 5.13 2.99
N ILE B 63 45.48 5.09 4.29
CA ILE B 63 44.28 4.42 4.79
C ILE B 63 42.99 5.20 4.50
N ILE B 64 43.00 6.55 4.58
CA ILE B 64 41.79 7.36 4.63
C ILE B 64 40.89 7.17 3.40
N GLY B 65 41.43 6.93 2.20
CA GLY B 65 40.63 6.47 1.09
C GLY B 65 39.57 7.47 0.58
N SER B 66 38.62 6.95 -0.22
CA SER B 66 37.44 7.70 -0.66
C SER B 66 36.16 7.08 -0.12
N GLY B 67 36.21 5.90 0.50
CA GLY B 67 35.00 5.26 0.98
C GLY B 67 34.22 6.11 2.00
N ILE B 68 34.88 7.02 2.71
CA ILE B 68 34.25 7.89 3.69
C ILE B 68 33.17 8.79 3.07
N PHE B 69 33.16 8.97 1.74
CA PHE B 69 32.16 9.81 1.09
C PHE B 69 30.95 9.02 0.62
N VAL B 70 31.08 7.67 0.56
CA VAL B 70 29.99 6.76 0.27
C VAL B 70 29.26 6.36 1.55
N THR B 71 30.05 5.86 2.51
CA THR B 71 29.58 4.89 3.47
C THR B 71 28.82 5.48 4.66
N PRO B 72 28.87 6.78 5.03
CA PRO B 72 28.01 7.32 6.10
C PRO B 72 26.55 6.94 5.95
N THR B 73 26.00 7.09 4.74
CA THR B 73 24.64 6.67 4.43
C THR B 73 24.45 5.16 4.66
N GLY B 74 25.50 4.36 4.41
CA GLY B 74 25.44 2.92 4.57
C GLY B 74 25.31 2.48 6.02
N VAL B 75 26.20 2.99 6.89
CA VAL B 75 26.14 2.64 8.31
C VAL B 75 24.85 3.18 8.91
N LEU B 76 24.42 4.40 8.52
CA LEU B 76 23.22 4.99 9.09
C LEU B 76 21.95 4.22 8.68
N LYS B 77 21.87 3.73 7.44
CA LYS B 77 20.73 2.94 7.00
C LYS B 77 20.56 1.66 7.82
N GLU B 78 21.66 0.99 8.17
CA GLU B 78 21.63 -0.27 8.92
C GLU B 78 21.58 -0.08 10.45
N ALA B 79 22.28 0.93 11.01
CA ALA B 79 22.26 1.26 12.44
C ALA B 79 21.03 2.08 12.87
N GLY B 80 20.27 2.62 11.90
CA GLY B 80 18.97 3.21 12.18
C GLY B 80 19.00 4.67 12.63
N SER B 81 19.92 5.01 13.58
CA SER B 81 19.97 6.35 14.16
C SER B 81 21.40 6.71 14.57
N PRO B 82 21.82 8.00 14.55
CA PRO B 82 23.23 8.39 14.67
C PRO B 82 24.06 7.77 15.81
N GLY B 83 23.47 7.60 17.00
CA GLY B 83 24.21 7.15 18.18
C GLY B 83 24.95 5.83 17.93
N LEU B 84 24.28 4.87 17.27
CA LEU B 84 24.88 3.58 16.98
C LEU B 84 25.78 3.67 15.75
N ALA B 85 25.51 4.58 14.81
CA ALA B 85 26.39 4.77 13.67
C ALA B 85 27.81 5.18 14.10
N LEU B 86 27.94 6.10 15.08
CA LEU B 86 29.25 6.50 15.60
C LEU B 86 29.94 5.31 16.28
N VAL B 87 29.21 4.48 17.03
CA VAL B 87 29.77 3.29 17.67
C VAL B 87 30.28 2.31 16.60
N VAL B 88 29.57 2.16 15.49
CA VAL B 88 30.03 1.30 14.41
C VAL B 88 31.31 1.89 13.79
N TRP B 89 31.41 3.21 13.61
CA TRP B 89 32.65 3.79 13.10
C TRP B 89 33.84 3.47 14.00
N ALA B 90 33.64 3.57 15.32
CA ALA B 90 34.68 3.20 16.26
C ALA B 90 35.02 1.71 16.16
N ALA B 91 34.01 0.83 16.13
CA ALA B 91 34.20 -0.61 16.08
C ALA B 91 34.99 -1.03 14.84
N CYS B 92 34.72 -0.37 13.70
CA CYS B 92 35.48 -0.57 12.48
C CYS B 92 36.94 -0.15 12.62
N GLY B 93 37.18 0.97 13.32
CA GLY B 93 38.53 1.38 13.71
C GLY B 93 39.27 0.29 14.48
N VAL B 94 38.66 -0.19 15.56
CA VAL B 94 39.27 -1.19 16.44
C VAL B 94 39.51 -2.49 15.66
N PHE B 95 38.57 -2.94 14.83
CA PHE B 95 38.78 -4.10 13.99
C PHE B 95 39.97 -3.89 13.03
N SER B 96 40.11 -2.69 12.45
CA SER B 96 41.26 -2.37 11.60
C SER B 96 42.59 -2.39 12.37
N ILE B 97 42.63 -1.93 13.64
CA ILE B 97 43.85 -2.01 14.45
C ILE B 97 44.29 -3.47 14.61
N VAL B 98 43.35 -4.36 14.97
CA VAL B 98 43.65 -5.77 15.09
C VAL B 98 44.04 -6.40 13.74
N GLY B 99 43.38 -6.03 12.64
CA GLY B 99 43.74 -6.49 11.30
C GLY B 99 45.13 -6.03 10.86
N ALA B 100 45.44 -4.74 11.03
CA ALA B 100 46.69 -4.14 10.61
C ALA B 100 47.89 -4.78 11.32
N LEU B 101 47.81 -5.01 12.65
CA LEU B 101 48.96 -5.60 13.35
C LEU B 101 49.18 -7.06 12.92
N CYS B 102 48.12 -7.82 12.55
CA CYS B 102 48.32 -9.15 12.01
C CYS B 102 49.02 -9.09 10.64
N TYR B 103 48.69 -8.06 9.86
CA TYR B 103 49.36 -7.82 8.58
C TYR B 103 50.76 -7.21 8.73
N ALA B 104 51.06 -6.56 9.87
CA ALA B 104 52.44 -6.21 10.21
C ALA B 104 53.30 -7.47 10.38
N GLU B 105 52.70 -8.54 10.96
CA GLU B 105 53.38 -9.83 11.07
C GLU B 105 53.57 -10.43 9.68
N LEU B 106 52.50 -10.78 8.94
CA LEU B 106 52.68 -11.41 7.64
C LEU B 106 53.55 -10.58 6.68
N GLY B 107 53.41 -9.25 6.71
CA GLY B 107 54.23 -8.33 5.91
C GLY B 107 55.71 -8.23 6.29
N THR B 108 56.15 -8.94 7.34
CA THR B 108 57.55 -9.01 7.74
C THR B 108 58.08 -10.43 7.93
N THR B 109 57.22 -11.46 8.10
CA THR B 109 57.69 -12.84 8.22
C THR B 109 57.95 -13.46 6.85
N ILE B 110 56.95 -13.45 5.94
CA ILE B 110 57.08 -14.07 4.62
C ILE B 110 57.74 -13.11 3.64
N SER B 111 57.34 -11.81 3.67
CA SER B 111 57.96 -10.68 2.96
C SER B 111 58.02 -10.80 1.42
N LYS B 112 57.50 -11.89 0.82
CA LYS B 112 57.49 -12.05 -0.63
C LYS B 112 56.59 -10.98 -1.28
N SER B 113 57.06 -10.33 -2.36
CA SER B 113 56.36 -9.23 -3.00
C SER B 113 55.09 -9.67 -3.74
N GLY B 114 54.07 -8.78 -3.79
CA GLY B 114 52.91 -8.93 -4.66
C GLY B 114 51.55 -8.93 -3.94
N GLY B 115 51.52 -8.84 -2.60
CA GLY B 115 50.28 -8.91 -1.82
C GLY B 115 49.96 -10.34 -1.36
N ASP B 116 48.73 -10.56 -0.87
CA ASP B 116 48.30 -11.80 -0.23
C ASP B 116 48.65 -13.08 -1.00
N TYR B 117 48.51 -13.04 -2.33
CA TYR B 117 48.86 -14.16 -3.20
C TYR B 117 50.28 -14.69 -2.92
N ALA B 118 51.23 -13.76 -2.71
CA ALA B 118 52.61 -14.09 -2.36
C ALA B 118 52.72 -14.89 -1.06
N TYR B 119 51.79 -14.69 -0.09
CA TYR B 119 51.73 -15.46 1.15
C TYR B 119 51.06 -16.82 0.90
N MET B 120 50.00 -16.84 0.08
CA MET B 120 49.27 -18.07 -0.21
C MET B 120 50.16 -19.12 -0.89
N LEU B 121 51.14 -18.70 -1.71
CA LEU B 121 52.13 -19.61 -2.30
C LEU B 121 52.92 -20.40 -1.26
N GLU B 122 53.19 -19.80 -0.08
CA GLU B 122 53.92 -20.46 1.00
C GLU B 122 53.00 -21.30 1.90
N VAL B 123 51.82 -20.76 2.23
CA VAL B 123 50.94 -21.39 3.22
C VAL B 123 50.13 -22.55 2.58
N TYR B 124 49.77 -22.45 1.28
CA TYR B 124 48.88 -23.40 0.62
C TYR B 124 49.37 -23.87 -0.75
N GLY B 125 49.95 -22.97 -1.57
CA GLY B 125 50.42 -23.29 -2.92
C GLY B 125 49.27 -23.60 -3.89
N SER B 126 49.62 -24.20 -5.05
CA SER B 126 48.74 -25.04 -5.85
C SER B 126 47.39 -24.34 -6.14
N LEU B 127 46.24 -24.96 -5.81
CA LEU B 127 44.92 -24.43 -6.11
C LEU B 127 44.55 -23.22 -5.24
N PRO B 128 44.60 -23.25 -3.87
CA PRO B 128 44.22 -22.08 -3.08
C PRO B 128 44.96 -20.78 -3.43
N ALA B 129 46.22 -20.85 -3.87
CA ALA B 129 46.94 -19.67 -4.35
C ALA B 129 46.29 -19.10 -5.61
N PHE B 130 45.94 -19.96 -6.59
CA PHE B 130 45.21 -19.52 -7.77
C PHE B 130 43.83 -18.97 -7.41
N LEU B 131 43.10 -19.59 -6.49
CA LEU B 131 41.78 -19.06 -6.13
C LEU B 131 41.87 -17.69 -5.43
N LYS B 132 42.93 -17.38 -4.67
CA LYS B 132 43.12 -16.02 -4.16
C LYS B 132 43.31 -15.05 -5.33
N LEU B 133 44.21 -15.36 -6.28
CA LEU B 133 44.44 -14.49 -7.42
C LEU B 133 43.17 -14.30 -8.25
N TRP B 134 42.41 -15.36 -8.43
CA TRP B 134 41.17 -15.35 -9.20
C TRP B 134 40.11 -14.51 -8.50
N ILE B 135 39.90 -14.71 -7.18
CA ILE B 135 39.00 -13.85 -6.42
C ILE B 135 39.47 -12.40 -6.53
N GLU B 136 40.75 -12.12 -6.30
CA GLU B 136 41.20 -10.74 -6.23
C GLU B 136 41.08 -10.01 -7.58
N LEU B 137 41.21 -10.71 -8.72
CA LEU B 137 41.14 -10.07 -10.03
C LEU B 137 39.72 -10.07 -10.59
N LEU B 138 38.83 -10.99 -10.22
CA LEU B 138 37.46 -10.94 -10.73
C LEU B 138 36.43 -10.36 -9.73
N ILE B 139 36.73 -10.37 -8.42
CA ILE B 139 35.82 -9.78 -7.43
C ILE B 139 36.44 -8.54 -6.80
N ILE B 140 37.52 -8.68 -6.05
CA ILE B 140 37.89 -7.59 -5.17
C ILE B 140 38.34 -6.36 -6.00
N ARG B 141 39.39 -6.43 -6.81
CA ARG B 141 39.93 -5.22 -7.42
C ARG B 141 38.95 -4.60 -8.42
N PRO B 142 38.10 -5.35 -9.17
CA PRO B 142 37.01 -4.74 -9.93
C PRO B 142 35.94 -4.02 -9.12
N SER B 143 35.37 -4.69 -8.12
CA SER B 143 34.27 -4.11 -7.39
C SER B 143 34.67 -2.86 -6.62
N SER B 144 35.81 -2.86 -5.91
CA SER B 144 36.25 -1.63 -5.26
C SER B 144 36.62 -0.51 -6.24
N GLN B 145 36.93 -0.78 -7.50
CA GLN B 145 37.16 0.30 -8.45
C GLN B 145 35.82 0.84 -8.90
N TYR B 146 34.88 -0.05 -9.19
CA TYR B 146 33.59 0.39 -9.68
C TYR B 146 32.94 1.26 -8.62
N ILE B 147 32.98 0.84 -7.34
CA ILE B 147 32.37 1.61 -6.26
C ILE B 147 32.96 3.01 -6.16
N VAL B 148 34.28 3.12 -6.26
CA VAL B 148 34.83 4.46 -6.20
C VAL B 148 34.58 5.24 -7.52
N ALA B 149 34.49 4.56 -8.65
CA ALA B 149 34.16 5.23 -9.90
C ALA B 149 32.73 5.74 -9.89
N LEU B 150 31.84 5.05 -9.19
CA LEU B 150 30.45 5.42 -9.13
C LEU B 150 30.22 6.53 -8.11
N VAL B 151 30.91 6.50 -6.95
CA VAL B 151 30.81 7.65 -6.05
C VAL B 151 31.32 8.91 -6.77
N PHE B 152 32.40 8.78 -7.54
CA PHE B 152 32.84 9.90 -8.34
C PHE B 152 31.68 10.43 -9.18
N ALA B 153 31.00 9.52 -9.88
CA ALA B 153 29.99 9.93 -10.83
C ALA B 153 28.81 10.61 -10.12
N THR B 154 28.34 10.05 -9.01
CA THR B 154 27.21 10.67 -8.34
C THR B 154 27.57 12.04 -7.83
N TYR B 155 28.74 12.19 -7.22
CA TYR B 155 29.07 13.50 -6.71
C TYR B 155 29.32 14.53 -7.81
N LEU B 156 29.90 14.11 -8.95
CA LEU B 156 30.13 15.04 -10.03
C LEU B 156 28.80 15.50 -10.61
N LEU B 157 27.80 14.62 -10.65
CA LEU B 157 26.49 14.97 -11.15
C LEU B 157 25.58 15.67 -10.15
N LYS B 158 25.68 15.40 -8.84
CA LYS B 158 24.65 15.80 -7.89
C LYS B 158 24.29 17.28 -7.96
N PRO B 159 25.17 18.28 -8.11
CA PRO B 159 24.71 19.66 -8.24
C PRO B 159 23.75 19.95 -9.40
N LEU B 160 23.65 19.08 -10.44
CA LEU B 160 22.63 19.23 -11.47
C LEU B 160 21.25 18.67 -11.07
N PHE B 161 21.21 17.93 -9.94
CA PHE B 161 20.04 17.23 -9.45
C PHE B 161 20.00 17.39 -7.91
N PRO B 162 19.71 18.63 -7.43
CA PRO B 162 19.91 18.96 -6.01
C PRO B 162 18.98 18.24 -5.04
N THR B 163 17.73 17.97 -5.47
CA THR B 163 16.73 17.37 -4.62
C THR B 163 16.48 15.91 -5.05
N CYS B 164 16.14 15.75 -6.34
CA CYS B 164 15.67 14.48 -6.89
C CYS B 164 16.87 13.60 -7.19
N PRO B 165 16.77 12.25 -7.13
CA PRO B 165 17.96 11.41 -7.22
C PRO B 165 18.48 11.44 -8.66
N VAL B 166 19.83 11.39 -8.75
CA VAL B 166 20.56 11.59 -10.00
C VAL B 166 20.31 10.35 -10.85
N PRO B 167 20.03 10.51 -12.17
CA PRO B 167 19.53 9.38 -13.00
C PRO B 167 20.55 8.27 -13.20
N GLU B 168 20.21 7.02 -12.84
CA GLU B 168 21.18 5.94 -12.73
C GLU B 168 21.85 5.64 -14.08
N GLU B 169 21.05 5.69 -15.14
CA GLU B 169 21.59 5.53 -16.49
C GLU B 169 22.73 6.53 -16.80
N ALA B 170 22.79 7.72 -16.17
CA ALA B 170 23.84 8.72 -16.39
C ALA B 170 24.94 8.52 -15.39
N ALA B 171 24.61 8.18 -14.17
CA ALA B 171 25.64 7.88 -13.19
C ALA B 171 26.52 6.76 -13.69
N LYS B 172 25.93 5.72 -14.30
CA LYS B 172 26.79 4.61 -14.73
C LYS B 172 27.66 4.97 -15.95
N LEU B 173 27.17 5.77 -16.90
CA LEU B 173 28.03 6.22 -17.99
C LEU B 173 29.16 7.09 -17.46
N VAL B 174 28.87 8.04 -16.58
CA VAL B 174 29.95 8.86 -16.09
C VAL B 174 30.92 8.06 -15.22
N ALA B 175 30.48 7.00 -14.57
CA ALA B 175 31.44 6.12 -13.88
C ALA B 175 32.39 5.50 -14.88
N CYS B 176 31.83 5.00 -15.98
CA CYS B 176 32.63 4.34 -17.00
C CYS B 176 33.56 5.31 -17.72
N LEU B 177 33.12 6.51 -18.04
CA LEU B 177 33.99 7.51 -18.64
C LEU B 177 35.21 7.79 -17.77
N CYS B 178 35.08 7.75 -16.44
CA CYS B 178 36.18 7.94 -15.54
C CYS B 178 37.16 6.76 -15.61
N VAL B 179 36.66 5.53 -15.50
CA VAL B 179 37.55 4.36 -15.55
C VAL B 179 38.26 4.21 -16.90
N LEU B 180 37.61 4.49 -18.02
CA LEU B 180 38.27 4.43 -19.32
C LEU B 180 39.31 5.52 -19.46
N LEU B 181 38.96 6.77 -19.16
CA LEU B 181 39.93 7.84 -19.27
C LEU B 181 41.20 7.57 -18.44
N LEU B 182 41.03 7.09 -17.21
CA LEU B 182 42.20 6.79 -16.39
C LEU B 182 42.92 5.50 -16.81
N THR B 183 42.24 4.60 -17.53
CA THR B 183 42.92 3.46 -18.10
C THR B 183 43.81 3.96 -19.24
N ALA B 184 43.28 4.85 -20.08
CA ALA B 184 44.07 5.40 -21.19
C ALA B 184 45.29 6.15 -20.65
N VAL B 185 45.13 6.97 -19.60
CA VAL B 185 46.25 7.74 -19.07
C VAL B 185 47.32 6.82 -18.49
N ASN B 186 46.95 5.75 -17.80
CA ASN B 186 47.93 4.79 -17.30
C ASN B 186 48.60 3.98 -18.43
N CYS B 187 47.92 3.78 -19.58
CA CYS B 187 48.53 3.11 -20.73
C CYS B 187 49.49 4.05 -21.46
N TYR B 188 49.16 5.33 -21.60
CA TYR B 188 50.00 6.28 -22.32
C TYR B 188 51.27 6.63 -21.57
N SER B 189 51.21 6.76 -20.23
CA SER B 189 52.39 7.28 -19.54
C SER B 189 52.40 7.08 -18.03
N VAL B 190 53.30 6.20 -17.53
CA VAL B 190 53.61 6.17 -16.09
C VAL B 190 54.18 7.52 -15.60
N LYS B 191 54.92 8.24 -16.47
CA LYS B 191 55.46 9.56 -16.14
C LYS B 191 54.35 10.60 -15.93
N ALA B 192 53.16 10.43 -16.57
CA ALA B 192 51.99 11.27 -16.32
C ALA B 192 51.15 10.74 -15.15
N ALA B 193 50.81 9.44 -15.14
CA ALA B 193 49.89 8.88 -14.15
C ALA B 193 50.45 8.91 -12.71
N THR B 194 51.76 8.87 -12.53
CA THR B 194 52.38 9.20 -11.25
C THR B 194 52.06 10.64 -10.78
N ARG B 195 52.16 11.66 -11.66
CA ARG B 195 51.87 13.05 -11.30
C ARG B 195 50.38 13.25 -10.94
N VAL B 196 49.49 12.52 -11.62
CA VAL B 196 48.06 12.50 -11.33
C VAL B 196 47.79 11.85 -9.96
N GLN B 197 48.64 10.92 -9.50
CA GLN B 197 48.52 10.36 -8.14
C GLN B 197 49.12 11.30 -7.10
N ASP B 198 50.26 11.92 -7.41
CA ASP B 198 50.97 12.82 -6.48
C ASP B 198 50.09 14.00 -6.07
N ALA B 199 49.32 14.57 -7.02
CA ALA B 199 48.50 15.77 -6.82
C ALA B 199 47.26 15.50 -5.95
N PHE B 200 46.37 14.60 -6.39
CA PHE B 200 45.02 14.51 -5.83
C PHE B 200 44.97 13.87 -4.44
N ALA B 201 46.06 13.27 -3.93
CA ALA B 201 46.18 12.91 -2.52
C ALA B 201 45.93 14.10 -1.58
N ALA B 202 46.20 15.34 -2.06
CA ALA B 202 45.91 16.57 -1.33
C ALA B 202 44.39 16.81 -1.22
N ALA B 203 43.64 16.58 -2.30
CA ALA B 203 42.20 16.81 -2.35
C ALA B 203 41.44 15.89 -1.38
N LYS B 204 41.88 14.63 -1.27
CA LYS B 204 41.34 13.66 -0.30
C LYS B 204 41.26 14.23 1.11
N LEU B 205 42.37 14.77 1.62
CA LEU B 205 42.43 15.30 2.97
C LEU B 205 41.83 16.70 3.04
N LEU B 206 41.92 17.51 1.98
CA LEU B 206 41.40 18.87 1.99
C LEU B 206 39.87 18.86 2.15
N ALA B 207 39.15 18.04 1.35
CA ALA B 207 37.71 17.90 1.46
C ALA B 207 37.28 17.37 2.84
N LEU B 208 38.00 16.38 3.36
CA LEU B 208 37.64 15.69 4.59
C LEU B 208 37.88 16.56 5.82
N ALA B 209 38.96 17.38 5.81
CA ALA B 209 39.23 18.35 6.86
C ALA B 209 38.20 19.49 6.80
N LEU B 210 37.85 19.96 5.60
CA LEU B 210 36.88 21.04 5.42
C LEU B 210 35.52 20.68 6.03
N ILE B 211 35.05 19.46 5.78
CA ILE B 211 33.83 18.96 6.43
C ILE B 211 33.93 19.05 7.97
N ILE B 212 35.08 18.72 8.57
CA ILE B 212 35.22 18.77 10.03
C ILE B 212 35.25 20.22 10.52
N LEU B 213 35.99 21.14 9.86
CA LEU B 213 36.08 22.52 10.34
C LEU B 213 34.71 23.23 10.18
N LEU B 214 33.95 22.93 9.12
CA LEU B 214 32.57 23.38 9.00
C LEU B 214 31.69 22.78 10.13
N GLY B 215 31.88 21.50 10.48
CA GLY B 215 31.25 20.87 11.63
C GLY B 215 31.53 21.57 12.97
N PHE B 216 32.78 22.02 13.17
CA PHE B 216 33.16 22.76 14.38
C PHE B 216 32.48 24.13 14.44
N VAL B 217 32.43 24.92 13.34
CA VAL B 217 31.73 26.22 13.39
C VAL B 217 30.21 26.03 13.54
N GLN B 218 29.65 24.93 13.02
CA GLN B 218 28.26 24.56 13.26
C GLN B 218 27.99 24.38 14.77
N ILE B 219 28.89 23.68 15.49
CA ILE B 219 28.79 23.54 16.94
C ILE B 219 29.06 24.87 17.67
N GLY B 220 30.05 25.66 17.20
CA GLY B 220 30.38 26.98 17.77
C GLY B 220 29.21 27.97 17.73
N LYS B 221 28.39 27.91 16.65
CA LYS B 221 27.14 28.65 16.51
C LYS B 221 26.01 28.00 17.31
N GLY B 222 25.95 26.65 17.33
CA GLY B 222 24.99 25.90 18.14
C GLY B 222 25.42 25.81 19.59
N PHE B 233 20.74 8.92 18.01
CA PHE B 233 21.12 8.93 19.46
C PHE B 233 20.63 7.69 20.23
N GLU B 234 19.56 7.02 19.77
CA GLU B 234 18.97 5.84 20.43
C GLU B 234 19.62 4.53 19.97
N GLY B 235 19.95 4.42 18.68
CA GLY B 235 20.21 3.14 18.02
C GLY B 235 18.93 2.33 17.77
N THR B 236 18.11 2.80 16.81
CA THR B 236 16.73 2.33 16.64
C THR B 236 16.61 0.97 15.95
N LYS B 237 17.72 0.38 15.47
CA LYS B 237 17.78 -1.03 15.10
C LYS B 237 18.95 -1.70 15.82
N LEU B 238 18.77 -2.97 16.22
CA LEU B 238 19.81 -3.73 16.91
C LEU B 238 19.85 -5.21 16.48
N ASP B 239 19.34 -5.54 15.29
CA ASP B 239 19.45 -6.89 14.73
C ASP B 239 20.91 -7.18 14.36
N VAL B 240 21.44 -8.33 14.79
CA VAL B 240 22.78 -8.81 14.42
C VAL B 240 22.93 -8.87 12.89
N GLY B 241 21.86 -9.26 12.17
CA GLY B 241 21.85 -9.19 10.71
C GLY B 241 22.27 -7.83 10.15
N ASN B 242 21.51 -6.78 10.52
CA ASN B 242 21.80 -5.42 10.05
C ASN B 242 23.15 -4.93 10.58
N ILE B 243 23.52 -5.24 11.81
CA ILE B 243 24.75 -4.64 12.34
C ILE B 243 26.00 -5.20 11.62
N VAL B 244 25.95 -6.41 11.05
CA VAL B 244 27.00 -6.92 10.18
C VAL B 244 27.04 -6.16 8.84
N LEU B 245 25.90 -5.71 8.30
CA LEU B 245 25.90 -4.86 7.11
C LEU B 245 26.33 -3.41 7.43
N ALA B 246 26.10 -2.95 8.66
CA ALA B 246 26.65 -1.67 9.13
C ALA B 246 28.16 -1.82 9.21
N LEU B 247 28.67 -2.91 9.80
CA LEU B 247 30.10 -3.14 9.90
C LEU B 247 30.73 -3.24 8.49
N TYR B 248 30.15 -3.99 7.55
CA TYR B 248 30.64 -4.03 6.18
C TYR B 248 30.75 -2.63 5.59
N SER B 249 29.71 -1.80 5.73
CA SER B 249 29.74 -0.45 5.18
C SER B 249 30.82 0.41 5.87
N GLY B 250 30.99 0.29 7.17
CA GLY B 250 31.98 1.12 7.85
C GLY B 250 33.39 0.63 7.58
N LEU B 251 33.62 -0.69 7.51
CA LEU B 251 34.93 -1.27 7.28
C LEU B 251 35.44 -0.95 5.88
N PHE B 252 34.54 -0.77 4.91
CA PHE B 252 34.95 -0.43 3.56
C PHE B 252 35.89 0.79 3.53
N ALA B 253 35.62 1.84 4.33
CA ALA B 253 36.45 3.05 4.32
C ALA B 253 37.88 2.78 4.81
N TYR B 254 38.08 1.89 5.79
CA TYR B 254 39.42 1.55 6.20
C TYR B 254 40.22 0.62 5.25
N GLY B 255 39.73 0.29 4.05
CA GLY B 255 40.15 -0.94 3.37
C GLY B 255 41.50 -0.91 2.63
N GLY B 256 42.48 -0.12 3.14
CA GLY B 256 43.80 0.02 2.55
C GLY B 256 44.86 -0.91 3.16
N TRP B 257 44.73 -1.25 4.46
CA TRP B 257 45.83 -1.84 5.22
C TRP B 257 46.32 -3.24 4.76
N ASN B 258 45.44 -4.05 4.15
CA ASN B 258 45.82 -5.37 3.66
C ASN B 258 46.63 -5.33 2.36
N TYR B 259 46.64 -4.19 1.62
CA TYR B 259 47.33 -4.10 0.33
C TYR B 259 48.78 -3.60 0.43
N LEU B 260 49.06 -2.66 1.37
CA LEU B 260 50.17 -1.72 1.22
C LEU B 260 50.91 -1.39 2.52
N ASN B 261 50.47 -1.91 3.68
CA ASN B 261 50.98 -1.48 4.97
C ASN B 261 52.50 -1.62 5.12
N PHE B 262 53.05 -2.72 4.54
CA PHE B 262 54.47 -3.05 4.50
C PHE B 262 55.35 -1.96 3.86
N VAL B 263 54.81 -1.08 2.99
CA VAL B 263 55.56 0.02 2.37
C VAL B 263 56.30 0.87 3.41
N THR B 264 55.70 1.09 4.60
CA THR B 264 56.30 1.92 5.63
C THR B 264 57.59 1.33 6.21
N GLU B 265 57.80 -0.01 6.13
CA GLU B 265 59.03 -0.66 6.59
C GLU B 265 60.28 -0.23 5.77
N GLU B 266 60.12 0.27 4.54
CA GLU B 266 61.24 0.76 3.73
C GLU B 266 61.72 2.17 4.14
N MET B 267 61.06 2.85 5.12
CA MET B 267 61.49 4.15 5.65
C MET B 267 61.47 4.23 7.19
N ILE B 268 60.68 3.37 7.88
CA ILE B 268 60.74 3.19 9.33
C ILE B 268 61.52 1.90 9.61
N ASN B 269 62.77 2.03 10.09
CA ASN B 269 63.74 0.95 9.99
C ASN B 269 63.52 -0.14 11.07
N PRO B 270 63.41 0.18 12.39
CA PRO B 270 63.21 -0.86 13.41
C PRO B 270 61.85 -1.57 13.33
N TYR B 271 61.88 -2.90 13.39
CA TYR B 271 60.68 -3.74 13.27
C TYR B 271 59.66 -3.49 14.39
N ARG B 272 60.08 -3.09 15.61
CA ARG B 272 59.13 -2.75 16.66
C ARG B 272 58.46 -1.38 16.43
N ASN B 273 59.02 -0.52 15.56
CA ASN B 273 58.42 0.79 15.25
C ASN B 273 57.28 0.69 14.22
N LEU B 274 57.17 -0.40 13.43
CA LEU B 274 56.05 -0.60 12.51
C LEU B 274 54.73 -0.78 13.29
N PRO B 275 54.59 -1.67 14.29
CA PRO B 275 53.46 -1.62 15.24
C PRO B 275 53.18 -0.25 15.87
N LEU B 276 54.18 0.57 16.22
CA LEU B 276 53.88 1.91 16.73
C LEU B 276 53.23 2.79 15.66
N ALA B 277 53.66 2.74 14.38
CA ALA B 277 53.03 3.49 13.30
C ALA B 277 51.55 3.08 13.09
N ILE B 278 51.25 1.78 13.16
CA ILE B 278 49.88 1.25 13.14
C ILE B 278 49.06 1.80 14.31
N ILE B 279 49.56 1.57 15.54
CA ILE B 279 48.82 1.81 16.78
C ILE B 279 48.60 3.31 16.98
N ILE B 280 49.51 4.17 16.50
CA ILE B 280 49.28 5.61 16.47
C ILE B 280 48.30 6.00 15.35
N SER B 281 48.48 5.49 14.11
CA SER B 281 47.73 5.97 12.95
C SER B 281 46.25 5.57 12.96
N LEU B 282 45.87 4.34 13.32
CA LEU B 282 44.48 3.94 13.08
C LEU B 282 43.49 4.61 14.04
N PRO B 283 43.83 4.91 15.33
CA PRO B 283 43.08 5.91 16.09
C PRO B 283 42.95 7.28 15.43
N ILE B 284 43.99 7.77 14.72
CA ILE B 284 43.85 9.05 14.00
C ILE B 284 42.81 8.93 12.86
N VAL B 285 42.83 7.85 12.08
CA VAL B 285 41.79 7.61 11.08
C VAL B 285 40.41 7.57 11.75
N THR B 286 40.27 6.74 12.80
CA THR B 286 39.00 6.59 13.50
C THR B 286 38.48 7.95 13.99
N LEU B 287 39.38 8.80 14.50
CA LEU B 287 39.03 10.13 14.95
C LEU B 287 38.44 10.92 13.77
N VAL B 288 39.11 10.92 12.60
CA VAL B 288 38.64 11.68 11.44
C VAL B 288 37.26 11.18 10.98
N TYR B 289 37.07 9.86 10.97
CA TYR B 289 35.80 9.28 10.55
C TYR B 289 34.67 9.59 11.53
N VAL B 290 34.93 9.49 12.82
CA VAL B 290 33.93 9.90 13.79
C VAL B 290 33.65 11.41 13.64
N LEU B 291 34.68 12.26 13.53
CA LEU B 291 34.45 13.71 13.42
C LEU B 291 33.67 14.11 12.15
N THR B 292 33.96 13.50 10.98
CA THR B 292 33.15 13.78 9.80
C THR B 292 31.69 13.35 9.98
N ASN B 293 31.43 12.22 10.62
CA ASN B 293 30.06 11.82 10.88
C ASN B 293 29.37 12.78 11.85
N LEU B 294 30.05 13.25 12.90
CA LEU B 294 29.50 14.31 13.73
C LEU B 294 29.23 15.59 12.92
N ALA B 295 30.11 15.97 11.98
CA ALA B 295 29.86 17.12 11.12
C ALA B 295 28.54 16.95 10.36
N TYR B 296 28.26 15.77 9.80
CA TYR B 296 26.96 15.50 9.20
C TYR B 296 25.84 15.53 10.25
N PHE B 297 25.92 14.74 11.32
CA PHE B 297 24.81 14.65 12.27
C PHE B 297 24.48 15.96 13.04
N THR B 298 25.41 16.91 13.10
CA THR B 298 25.15 18.22 13.69
C THR B 298 24.62 19.21 12.64
N THR B 299 24.41 18.78 11.38
CA THR B 299 23.90 19.64 10.31
C THR B 299 22.67 19.06 9.60
N LEU B 300 22.55 17.72 9.53
CA LEU B 300 21.55 17.03 8.70
C LEU B 300 20.71 16.07 9.54
N SER B 301 19.47 15.89 9.11
CA SER B 301 18.55 14.92 9.69
C SER B 301 18.84 13.52 9.16
N THR B 302 18.60 12.47 9.97
CA THR B 302 18.54 11.09 9.50
C THR B 302 17.69 10.96 8.21
N GLU B 303 16.55 11.62 8.14
CA GLU B 303 15.65 11.53 7.01
C GLU B 303 16.17 12.26 5.77
N GLN B 304 17.21 13.12 5.92
CA GLN B 304 17.94 13.67 4.78
C GLN B 304 19.06 12.70 4.37
N MET B 305 19.89 12.26 5.32
CA MET B 305 21.08 11.49 5.03
C MET B 305 20.78 10.13 4.39
N LEU B 306 19.60 9.55 4.63
CA LEU B 306 19.20 8.31 3.96
C LEU B 306 18.66 8.55 2.55
N SER B 307 18.29 9.79 2.21
CA SER B 307 17.67 10.11 0.93
C SER B 307 18.68 10.42 -0.16
N SER B 308 19.90 10.87 0.22
CA SER B 308 20.90 11.41 -0.69
C SER B 308 22.00 10.39 -0.97
N GLU B 309 22.26 10.12 -2.26
CA GLU B 309 23.35 9.26 -2.70
C GLU B 309 24.73 9.92 -2.51
N ALA B 310 24.81 11.22 -2.18
CA ALA B 310 26.07 11.96 -2.09
C ALA B 310 26.06 12.95 -0.91
N VAL B 311 26.08 12.41 0.32
CA VAL B 311 25.66 13.12 1.52
C VAL B 311 26.48 14.41 1.79
N ALA B 312 27.75 14.41 1.47
CA ALA B 312 28.57 15.59 1.68
C ALA B 312 28.16 16.76 0.77
N VAL B 313 27.50 16.51 -0.37
CA VAL B 313 27.00 17.61 -1.19
C VAL B 313 25.79 18.24 -0.49
N ASP B 314 24.93 17.46 0.19
CA ASP B 314 23.84 18.04 0.99
C ASP B 314 24.38 19.01 2.06
N PHE B 315 25.37 18.53 2.81
CA PHE B 315 26.07 19.30 3.83
C PHE B 315 26.74 20.55 3.21
N GLY B 316 27.43 20.41 2.08
CA GLY B 316 28.02 21.53 1.38
C GLY B 316 27.01 22.55 0.86
N ASN B 317 25.84 22.07 0.39
CA ASN B 317 24.75 22.93 -0.05
C ASN B 317 24.14 23.75 1.11
N TYR B 318 24.17 23.20 2.35
CA TYR B 318 23.67 23.92 3.52
C TYR B 318 24.59 25.09 3.90
N HIS B 319 25.89 24.84 4.10
CA HIS B 319 26.82 25.82 4.68
C HIS B 319 27.37 26.86 3.69
N LEU B 320 27.71 26.49 2.45
CA LEU B 320 28.75 27.22 1.73
C LEU B 320 28.22 28.34 0.83
N GLY B 321 27.04 28.18 0.20
CA GLY B 321 26.55 29.15 -0.78
C GLY B 321 27.28 29.11 -2.13
N VAL B 322 28.63 29.05 -2.10
CA VAL B 322 29.50 28.71 -3.24
C VAL B 322 29.59 27.19 -3.47
N MET B 323 28.65 26.41 -2.89
CA MET B 323 28.65 24.94 -2.75
C MET B 323 29.19 24.20 -3.99
N SER B 324 28.77 24.58 -5.21
CA SER B 324 29.05 23.81 -6.44
C SER B 324 30.54 23.65 -6.71
N TRP B 325 31.32 24.68 -6.33
CA TRP B 325 32.75 24.73 -6.64
C TRP B 325 33.64 24.13 -5.53
N ILE B 326 33.04 23.60 -4.45
CA ILE B 326 33.81 23.14 -3.30
C ILE B 326 33.62 21.63 -3.11
N ILE B 327 32.59 21.16 -2.38
CA ILE B 327 32.58 19.76 -1.96
C ILE B 327 32.52 18.83 -3.18
N PRO B 328 31.66 19.08 -4.20
CA PRO B 328 31.64 18.26 -5.41
C PRO B 328 32.98 18.16 -6.12
N VAL B 329 33.75 19.26 -6.15
CA VAL B 329 35.04 19.31 -6.83
C VAL B 329 36.08 18.55 -6.01
N PHE B 330 36.28 18.92 -4.73
CA PHE B 330 37.35 18.35 -3.92
C PHE B 330 37.10 16.85 -3.66
N VAL B 331 35.85 16.44 -3.40
CA VAL B 331 35.58 15.02 -3.22
C VAL B 331 35.68 14.29 -4.56
N GLY B 332 35.13 14.86 -5.62
CA GLY B 332 35.29 14.27 -6.94
C GLY B 332 36.76 14.00 -7.26
N LEU B 333 37.63 15.00 -7.09
CA LEU B 333 39.05 14.83 -7.38
C LEU B 333 39.65 13.75 -6.49
N SER B 334 39.25 13.63 -5.21
CA SER B 334 39.77 12.55 -4.38
C SER B 334 39.46 11.16 -4.95
N CYS B 335 38.26 10.99 -5.51
CA CYS B 335 37.86 9.72 -6.10
C CYS B 335 38.51 9.49 -7.46
N PHE B 336 38.71 10.55 -8.24
CA PHE B 336 39.50 10.46 -9.45
C PHE B 336 40.93 10.01 -9.13
N GLY B 337 41.49 10.52 -8.03
CA GLY B 337 42.76 10.04 -7.49
C GLY B 337 42.73 8.58 -7.05
N SER B 338 41.65 8.13 -6.40
CA SER B 338 41.57 6.76 -5.88
C SER B 338 41.34 5.71 -6.97
N VAL B 339 40.63 6.05 -8.06
CA VAL B 339 40.49 5.15 -9.19
C VAL B 339 41.84 5.05 -9.89
N ASN B 340 42.51 6.20 -10.09
CA ASN B 340 43.83 6.24 -10.71
C ASN B 340 44.83 5.35 -9.95
N GLY B 341 44.86 5.50 -8.61
CA GLY B 341 45.74 4.72 -7.75
C GLY B 341 45.55 3.20 -7.84
N SER B 342 44.30 2.75 -7.92
CA SER B 342 43.99 1.35 -8.01
C SER B 342 44.38 0.77 -9.37
N LEU B 343 44.44 1.60 -10.44
CA LEU B 343 44.92 1.14 -11.73
C LEU B 343 46.43 1.05 -11.73
N PHE B 344 47.08 2.16 -11.32
CA PHE B 344 48.54 2.30 -11.32
C PHE B 344 49.23 1.17 -10.54
N THR B 345 48.68 0.83 -9.37
CA THR B 345 49.28 -0.16 -8.50
C THR B 345 48.84 -1.60 -8.82
N SER B 346 48.05 -1.85 -9.88
CA SER B 346 47.51 -3.18 -10.19
C SER B 346 48.54 -4.13 -10.81
N SER B 347 49.43 -3.59 -11.66
CA SER B 347 50.39 -4.33 -12.48
C SER B 347 51.21 -5.36 -11.68
N ARG B 348 51.56 -4.99 -10.44
CA ARG B 348 52.38 -5.78 -9.54
C ARG B 348 51.83 -7.21 -9.42
N LEU B 349 50.51 -7.37 -9.30
CA LEU B 349 49.89 -8.67 -9.13
C LEU B 349 49.93 -9.50 -10.41
N PHE B 350 49.80 -8.87 -11.57
CA PHE B 350 49.91 -9.59 -12.83
C PHE B 350 51.33 -10.08 -13.08
N PHE B 351 52.34 -9.21 -12.86
CA PHE B 351 53.73 -9.61 -13.02
C PHE B 351 54.03 -10.81 -12.14
N VAL B 352 53.75 -10.70 -10.84
CA VAL B 352 54.00 -11.77 -9.88
C VAL B 352 53.21 -13.04 -10.25
N GLY B 353 51.90 -12.92 -10.53
CA GLY B 353 51.06 -14.06 -10.85
C GLY B 353 51.45 -14.81 -12.13
N SER B 354 52.06 -14.12 -13.10
CA SER B 354 52.56 -14.75 -14.32
C SER B 354 53.99 -15.29 -14.13
N ARG B 355 54.85 -14.58 -13.37
CA ARG B 355 56.19 -15.05 -13.02
C ARG B 355 56.13 -16.38 -12.26
N GLU B 356 55.22 -16.49 -11.28
CA GLU B 356 55.00 -17.72 -10.52
C GLU B 356 54.05 -18.71 -11.22
N GLY B 357 53.64 -18.41 -12.48
CA GLY B 357 53.19 -19.43 -13.42
C GLY B 357 51.70 -19.73 -13.36
N HIS B 358 50.93 -19.02 -12.53
CA HIS B 358 49.48 -19.18 -12.43
C HIS B 358 48.73 -18.45 -13.56
N LEU B 359 49.30 -17.34 -14.06
CA LEU B 359 48.54 -16.42 -14.90
C LEU B 359 49.11 -16.36 -16.33
N PRO B 360 48.24 -16.38 -17.39
CA PRO B 360 48.66 -16.35 -18.81
C PRO B 360 49.73 -15.33 -19.22
N SER B 361 50.64 -15.79 -20.08
CA SER B 361 51.93 -15.14 -20.34
C SER B 361 51.75 -13.74 -20.95
N ILE B 362 50.70 -13.55 -21.76
CA ILE B 362 50.39 -12.25 -22.36
C ILE B 362 50.14 -11.17 -21.30
N LEU B 363 49.52 -11.51 -20.15
CA LEU B 363 49.20 -10.48 -19.16
C LEU B 363 50.44 -9.98 -18.41
N SER B 364 51.62 -10.59 -18.61
CA SER B 364 52.87 -10.06 -18.11
C SER B 364 53.39 -8.87 -18.93
N MET B 365 52.94 -8.72 -20.18
CA MET B 365 53.73 -8.02 -21.18
C MET B 365 53.58 -6.50 -21.08
N ILE B 366 54.48 -5.81 -21.76
CA ILE B 366 54.62 -4.36 -21.68
C ILE B 366 54.77 -3.79 -23.09
N HIS B 367 54.29 -2.56 -23.33
CA HIS B 367 54.47 -1.86 -24.60
C HIS B 367 55.83 -1.16 -24.59
N PRO B 368 56.83 -1.65 -25.37
CA PRO B 368 58.24 -1.28 -25.14
C PRO B 368 58.66 0.18 -25.39
N GLN B 369 57.89 0.95 -26.19
CA GLN B 369 58.18 2.38 -26.37
C GLN B 369 57.76 3.23 -25.17
N LEU B 370 56.80 2.76 -24.34
CA LEU B 370 56.24 3.54 -23.22
C LEU B 370 56.46 2.90 -21.84
N LEU B 371 56.83 1.59 -21.81
CA LEU B 371 57.10 0.79 -20.62
C LEU B 371 55.86 0.67 -19.71
N THR B 372 54.65 0.73 -20.31
CA THR B 372 53.37 0.62 -19.61
C THR B 372 52.73 -0.75 -19.89
N PRO B 373 52.12 -1.42 -18.88
CA PRO B 373 51.79 -2.84 -18.97
C PRO B 373 50.45 -3.16 -19.62
N VAL B 374 50.28 -2.65 -20.85
CA VAL B 374 49.00 -2.53 -21.54
C VAL B 374 48.02 -3.70 -21.42
N PRO B 375 48.32 -4.99 -21.68
CA PRO B 375 47.31 -6.04 -21.53
C PRO B 375 46.77 -6.22 -20.10
N SER B 376 47.59 -5.94 -19.06
CA SER B 376 47.12 -6.03 -17.67
C SER B 376 46.12 -4.91 -17.34
N LEU B 377 46.38 -3.68 -17.82
CA LEU B 377 45.49 -2.55 -17.62
C LEU B 377 44.19 -2.83 -18.33
N VAL B 378 44.25 -3.18 -19.61
CA VAL B 378 43.02 -3.45 -20.34
C VAL B 378 42.20 -4.58 -19.71
N PHE B 379 42.81 -5.61 -19.14
CA PHE B 379 42.03 -6.62 -18.44
C PHE B 379 41.43 -6.06 -17.15
N THR B 380 42.24 -5.32 -16.36
CA THR B 380 41.74 -4.71 -15.13
C THR B 380 40.51 -3.85 -15.41
N CYS B 381 40.65 -3.00 -16.42
CA CYS B 381 39.63 -2.08 -16.83
C CYS B 381 38.34 -2.78 -17.25
N VAL B 382 38.41 -3.73 -18.14
CA VAL B 382 37.21 -4.40 -18.59
C VAL B 382 36.56 -5.19 -17.46
N MET B 383 37.30 -5.71 -16.49
CA MET B 383 36.61 -6.28 -15.33
C MET B 383 35.86 -5.20 -14.51
N THR B 384 36.50 -4.08 -14.21
CA THR B 384 35.82 -2.97 -13.55
C THR B 384 34.55 -2.55 -14.30
N LEU B 385 34.58 -2.45 -15.64
CA LEU B 385 33.44 -1.96 -16.39
C LEU B 385 32.28 -2.94 -16.43
N LEU B 386 32.47 -4.21 -16.10
CA LEU B 386 31.34 -5.12 -16.06
C LEU B 386 30.47 -4.90 -14.82
N TYR B 387 31.02 -4.29 -13.76
CA TYR B 387 30.23 -4.06 -12.57
C TYR B 387 29.15 -2.99 -12.80
N ALA B 388 29.19 -2.26 -13.91
CA ALA B 388 28.04 -1.48 -14.38
C ALA B 388 26.74 -2.29 -14.54
N PHE B 389 26.80 -3.62 -14.63
CA PHE B 389 25.60 -4.45 -14.64
C PHE B 389 24.99 -4.67 -13.24
N SER B 390 25.67 -4.27 -12.15
CA SER B 390 25.11 -4.40 -10.80
C SER B 390 23.98 -3.38 -10.56
N LYS B 391 23.13 -3.58 -9.53
CA LYS B 391 21.96 -2.73 -9.29
C LYS B 391 22.28 -1.42 -8.55
N ASP B 392 23.00 -1.49 -7.42
CA ASP B 392 23.02 -0.42 -6.41
C ASP B 392 24.36 -0.42 -5.68
N ILE B 393 24.89 0.78 -5.31
CA ILE B 393 26.24 0.91 -4.73
C ILE B 393 26.43 0.10 -3.43
N PHE B 394 25.44 0.10 -2.53
CA PHE B 394 25.56 -0.70 -1.32
C PHE B 394 25.35 -2.19 -1.58
N SER B 395 24.81 -2.58 -2.76
CA SER B 395 24.81 -3.99 -3.13
C SER B 395 26.25 -4.43 -3.37
N VAL B 396 26.97 -3.62 -4.15
CA VAL B 396 28.33 -3.95 -4.50
C VAL B 396 29.24 -3.84 -3.27
N ILE B 397 28.98 -2.92 -2.32
CA ILE B 397 29.83 -2.84 -1.13
C ILE B 397 29.65 -4.13 -0.32
N ASN B 398 28.44 -4.66 -0.26
CA ASN B 398 28.22 -5.90 0.49
C ASN B 398 28.99 -7.03 -0.18
N PHE B 399 28.89 -7.09 -1.52
CA PHE B 399 29.56 -8.12 -2.31
C PHE B 399 31.08 -8.07 -2.12
N PHE B 400 31.68 -6.91 -2.38
CA PHE B 400 33.10 -6.68 -2.11
C PHE B 400 33.47 -7.13 -0.69
N SER B 401 32.68 -6.70 0.32
CA SER B 401 33.05 -6.93 1.71
C SER B 401 33.08 -8.42 2.06
N PHE B 402 32.08 -9.17 1.59
CA PHE B 402 32.07 -10.61 1.87
C PHE B 402 33.39 -11.26 1.44
N PHE B 403 33.75 -11.11 0.16
CA PHE B 403 34.95 -11.77 -0.34
C PHE B 403 36.22 -11.14 0.19
N ASN B 404 36.26 -9.83 0.44
CA ASN B 404 37.44 -9.20 1.03
C ASN B 404 37.73 -9.82 2.40
N TRP B 405 36.70 -9.89 3.28
CA TRP B 405 36.94 -10.41 4.63
C TRP B 405 37.14 -11.93 4.64
N LEU B 406 36.53 -12.64 3.68
CA LEU B 406 36.76 -14.07 3.51
C LEU B 406 38.21 -14.33 3.07
N CYS B 407 38.79 -13.48 2.21
CA CYS B 407 40.22 -13.56 1.91
C CYS B 407 41.11 -13.28 3.11
N VAL B 408 40.80 -12.24 3.90
CA VAL B 408 41.57 -11.94 5.08
C VAL B 408 41.46 -13.08 6.12
N ALA B 409 40.28 -13.74 6.21
CA ALA B 409 40.14 -14.94 7.03
C ALA B 409 41.16 -16.02 6.64
N LEU B 410 41.22 -16.40 5.36
CA LEU B 410 42.17 -17.40 4.87
C LEU B 410 43.63 -17.01 5.17
N ALA B 411 43.96 -15.71 5.13
CA ALA B 411 45.30 -15.24 5.44
C ALA B 411 45.63 -15.41 6.94
N ILE B 412 44.75 -14.95 7.84
CA ILE B 412 45.07 -14.95 9.27
C ILE B 412 44.93 -16.36 9.86
N ILE B 413 43.95 -17.17 9.40
CA ILE B 413 43.95 -18.61 9.69
C ILE B 413 45.31 -19.21 9.31
N GLY B 414 45.74 -18.91 8.07
CA GLY B 414 47.03 -19.32 7.54
C GLY B 414 48.20 -18.99 8.47
N MET B 415 48.21 -17.76 9.03
CA MET B 415 49.30 -17.33 9.90
C MET B 415 49.40 -18.20 11.16
N ILE B 416 48.26 -18.56 11.77
CA ILE B 416 48.25 -19.40 12.97
C ILE B 416 48.62 -20.85 12.63
N TRP B 417 48.05 -21.40 11.54
CA TRP B 417 48.43 -22.73 11.05
C TRP B 417 49.93 -22.79 10.74
N LEU B 418 50.53 -21.72 10.18
CA LEU B 418 51.97 -21.63 9.93
C LEU B 418 52.79 -21.50 11.24
N ARG B 419 52.33 -20.72 12.24
CA ARG B 419 52.99 -20.64 13.55
C ARG B 419 53.03 -22.01 14.26
N HIS B 420 51.97 -22.82 14.08
CA HIS B 420 51.93 -24.22 14.53
C HIS B 420 52.88 -25.12 13.72
N ARG B 421 52.78 -25.10 12.38
CA ARG B 421 53.45 -26.05 11.48
C ARG B 421 54.97 -25.81 11.37
N LYS B 422 55.42 -24.54 11.38
CA LYS B 422 56.83 -24.16 11.26
C LYS B 422 57.18 -23.16 12.36
N PRO B 423 57.40 -23.62 13.62
CA PRO B 423 57.67 -22.71 14.73
C PRO B 423 59.02 -22.01 14.61
N GLU B 424 59.08 -20.79 15.17
CA GLU B 424 60.27 -19.96 15.33
C GLU B 424 60.97 -19.71 13.98
N LEU B 425 60.18 -19.43 12.93
CA LEU B 425 60.70 -19.12 11.60
C LEU B 425 61.16 -17.65 11.51
N GLU B 426 62.12 -17.29 12.38
CA GLU B 426 62.91 -16.04 12.36
C GLU B 426 62.06 -14.76 12.33
N ARG B 427 60.92 -14.74 13.03
CA ARG B 427 59.91 -13.68 12.92
C ARG B 427 60.41 -12.34 13.48
N PRO B 428 60.59 -11.25 12.70
CA PRO B 428 60.97 -9.95 13.25
C PRO B 428 59.87 -9.31 14.14
N ILE B 429 58.60 -9.67 13.87
CA ILE B 429 57.45 -9.30 14.68
C ILE B 429 56.67 -10.58 15.02
N LYS B 430 56.26 -10.74 16.29
CA LYS B 430 55.47 -11.87 16.74
C LYS B 430 54.40 -11.39 17.73
N VAL B 431 53.16 -11.21 17.23
CA VAL B 431 52.05 -10.70 18.03
C VAL B 431 51.54 -11.79 18.98
N ASN B 432 50.95 -11.35 20.10
CA ASN B 432 50.24 -12.21 21.04
C ASN B 432 49.12 -12.98 20.34
N LEU B 433 49.08 -14.32 20.54
CA LEU B 433 48.07 -15.19 19.95
C LEU B 433 46.63 -14.73 20.28
N ALA B 434 46.44 -14.05 21.43
CA ALA B 434 45.16 -13.50 21.87
C ALA B 434 44.51 -12.52 20.87
N LEU B 435 45.27 -11.92 19.93
CA LEU B 435 44.70 -11.02 18.93
C LEU B 435 44.10 -11.84 17.77
N PRO B 436 44.86 -12.59 16.93
CA PRO B 436 44.27 -13.48 15.94
C PRO B 436 43.12 -14.39 16.39
N VAL B 437 43.13 -14.96 17.61
CA VAL B 437 42.04 -15.87 18.01
C VAL B 437 40.71 -15.13 18.26
N PHE B 438 40.73 -13.80 18.47
CA PHE B 438 39.52 -12.99 18.39
C PHE B 438 39.21 -12.59 16.94
N PHE B 439 40.26 -12.15 16.21
CA PHE B 439 40.12 -11.60 14.87
C PHE B 439 39.59 -12.63 13.84
N ILE B 440 40.11 -13.87 13.84
CA ILE B 440 39.63 -14.94 12.96
C ILE B 440 38.13 -15.15 13.20
N LEU B 441 37.72 -15.21 14.47
CA LEU B 441 36.31 -15.38 14.82
C LEU B 441 35.47 -14.18 14.38
N ALA B 442 36.04 -12.95 14.39
CA ALA B 442 35.35 -11.77 13.90
C ALA B 442 35.16 -11.83 12.36
N CYS B 443 36.17 -12.28 11.60
CA CYS B 443 35.99 -12.54 10.18
C CYS B 443 34.90 -13.59 9.93
N LEU B 444 34.93 -14.69 10.68
CA LEU B 444 33.93 -15.75 10.56
C LEU B 444 32.54 -15.22 10.93
N PHE B 445 32.43 -14.36 11.96
CA PHE B 445 31.15 -13.79 12.38
C PHE B 445 30.48 -13.03 11.23
N LEU B 446 31.23 -12.10 10.60
CA LEU B 446 30.74 -11.32 9.47
C LEU B 446 30.27 -12.23 8.33
N ILE B 447 31.10 -13.20 7.93
CA ILE B 447 30.76 -14.13 6.84
C ILE B 447 29.52 -14.96 7.20
N ALA B 448 29.51 -15.57 8.40
CA ALA B 448 28.48 -16.51 8.81
C ALA B 448 27.09 -15.87 8.85
N VAL B 449 26.99 -14.61 9.32
CA VAL B 449 25.74 -13.86 9.28
C VAL B 449 25.34 -13.58 7.83
N SER B 450 26.32 -13.17 7.02
CA SER B 450 26.09 -12.69 5.66
C SER B 450 25.59 -13.76 4.70
N PHE B 451 25.95 -15.04 4.92
CA PHE B 451 25.40 -16.15 4.14
C PHE B 451 23.87 -16.12 4.05
N TRP B 452 23.19 -15.76 5.16
CA TRP B 452 21.73 -15.73 5.23
C TRP B 452 21.14 -14.31 5.22
N LYS B 453 21.89 -13.27 5.63
CA LYS B 453 21.41 -11.90 5.52
C LYS B 453 21.45 -11.40 4.07
N THR B 454 22.45 -11.84 3.28
CA THR B 454 22.61 -11.42 1.88
C THR B 454 22.97 -12.64 1.02
N PRO B 455 22.05 -13.60 0.80
CA PRO B 455 22.38 -14.84 0.09
C PRO B 455 22.76 -14.70 -1.39
N VAL B 456 22.04 -13.86 -2.15
CA VAL B 456 22.10 -13.86 -3.61
C VAL B 456 23.46 -13.33 -4.12
N GLU B 457 24.01 -12.32 -3.44
CA GLU B 457 25.35 -11.79 -3.75
C GLU B 457 26.43 -12.85 -3.51
N CYS B 458 26.37 -13.56 -2.38
CA CYS B 458 27.28 -14.67 -2.13
C CYS B 458 27.11 -15.78 -3.19
N GLY B 459 25.89 -16.08 -3.62
CA GLY B 459 25.64 -17.11 -4.62
C GLY B 459 26.35 -16.84 -5.95
N ILE B 460 26.21 -15.62 -6.48
CA ILE B 460 26.86 -15.26 -7.74
C ILE B 460 28.38 -15.18 -7.54
N GLY B 461 28.84 -14.74 -6.36
CA GLY B 461 30.27 -14.74 -6.04
C GLY B 461 30.88 -16.14 -5.94
N PHE B 462 30.25 -17.08 -5.22
CA PHE B 462 30.73 -18.46 -5.20
C PHE B 462 30.62 -19.08 -6.60
N THR B 463 29.66 -18.66 -7.45
CA THR B 463 29.62 -19.10 -8.85
C THR B 463 30.89 -18.65 -9.60
N ILE B 464 31.39 -17.43 -9.35
CA ILE B 464 32.68 -17.00 -9.88
C ILE B 464 33.83 -17.88 -9.34
N ILE B 465 33.88 -18.14 -8.03
CA ILE B 465 34.94 -18.96 -7.42
C ILE B 465 34.96 -20.36 -8.05
N LEU B 466 33.79 -21.04 -8.10
CA LEU B 466 33.71 -22.39 -8.66
C LEU B 466 34.06 -22.39 -10.15
N SER B 467 33.76 -21.33 -10.91
CA SER B 467 34.21 -21.18 -12.29
C SER B 467 35.73 -21.02 -12.44
N GLY B 468 36.47 -20.83 -11.34
CA GLY B 468 37.93 -20.87 -11.32
C GLY B 468 38.54 -22.28 -11.40
N LEU B 469 37.80 -23.32 -11.00
CA LEU B 469 38.35 -24.65 -10.94
C LEU B 469 38.64 -25.19 -12.35
N PRO B 470 37.72 -25.08 -13.37
CA PRO B 470 38.06 -25.38 -14.77
C PRO B 470 39.34 -24.74 -15.27
N VAL B 471 39.49 -23.42 -15.13
CA VAL B 471 40.67 -22.72 -15.66
C VAL B 471 41.93 -23.02 -14.85
N TYR B 472 41.82 -23.42 -13.57
CA TYR B 472 42.96 -23.95 -12.83
C TYR B 472 43.47 -25.26 -13.45
N PHE B 473 42.55 -26.21 -13.67
CA PHE B 473 42.92 -27.51 -14.23
C PHE B 473 43.47 -27.32 -15.65
N PHE B 474 42.69 -26.70 -16.55
CA PHE B 474 43.06 -26.48 -17.95
C PHE B 474 44.34 -25.63 -18.09
N GLY B 475 44.52 -24.61 -17.23
CA GLY B 475 45.57 -23.63 -17.39
C GLY B 475 46.87 -23.93 -16.63
N VAL B 476 46.82 -24.73 -15.55
CA VAL B 476 47.94 -24.88 -14.63
C VAL B 476 48.22 -26.36 -14.28
N TRP B 477 47.22 -27.12 -13.80
CA TRP B 477 47.46 -28.40 -13.13
C TRP B 477 47.47 -29.61 -14.09
N TRP B 478 46.54 -29.66 -15.05
CA TRP B 478 46.41 -30.78 -15.98
C TRP B 478 47.44 -30.67 -17.13
N LYS B 479 47.85 -29.43 -17.49
CA LYS B 479 48.91 -29.14 -18.46
C LYS B 479 48.64 -29.84 -19.79
N ASN B 480 47.44 -29.64 -20.34
CA ASN B 480 46.92 -30.43 -21.47
C ASN B 480 47.91 -30.44 -22.64
N LYS B 481 48.36 -31.67 -22.99
CA LYS B 481 49.50 -31.93 -23.87
C LYS B 481 49.27 -31.70 -25.37
N PRO B 482 48.05 -31.76 -25.98
CA PRO B 482 47.89 -31.66 -27.44
C PRO B 482 48.57 -30.47 -28.12
N LYS B 483 49.34 -30.78 -29.19
CA LYS B 483 50.16 -29.80 -29.89
C LYS B 483 49.27 -28.80 -30.64
N TRP B 484 48.11 -29.23 -31.17
CA TRP B 484 47.14 -28.30 -31.78
C TRP B 484 46.62 -27.27 -30.77
N LEU B 485 46.41 -27.68 -29.51
CA LEU B 485 45.94 -26.79 -28.46
C LEU B 485 47.03 -25.76 -28.14
N LEU B 486 48.27 -26.22 -27.93
CA LEU B 486 49.40 -25.33 -27.65
C LEU B 486 49.64 -24.34 -28.80
N GLN B 487 49.58 -24.77 -30.07
CA GLN B 487 49.71 -23.87 -31.21
C GLN B 487 48.53 -22.88 -31.31
N GLY B 488 47.32 -23.29 -30.89
CA GLY B 488 46.18 -22.39 -30.78
C GLY B 488 46.38 -21.29 -29.72
N ILE B 489 46.83 -21.70 -28.53
CA ILE B 489 47.20 -20.80 -27.43
C ILE B 489 48.28 -19.82 -27.90
N PHE B 490 49.34 -20.33 -28.55
CA PHE B 490 50.42 -19.51 -29.07
C PHE B 490 49.90 -18.51 -30.11
N SER B 491 49.09 -18.98 -31.08
CA SER B 491 48.51 -18.12 -32.11
C SER B 491 47.67 -16.99 -31.50
N THR B 492 46.82 -17.32 -30.51
CA THR B 492 46.03 -16.35 -29.77
C THR B 492 46.93 -15.32 -29.08
N THR B 493 48.01 -15.80 -28.44
CA THR B 493 48.98 -14.94 -27.76
C THR B 493 49.65 -13.97 -28.74
N VAL B 494 50.24 -14.47 -29.84
CA VAL B 494 50.98 -13.59 -30.75
C VAL B 494 50.03 -12.62 -31.45
N LEU B 495 48.77 -13.02 -31.70
CA LEU B 495 47.76 -12.08 -32.20
C LEU B 495 47.68 -10.88 -31.26
N CYS B 496 47.49 -11.11 -29.96
CA CYS B 496 47.41 -10.03 -28.98
C CYS B 496 48.71 -9.22 -28.96
N GLN B 497 49.87 -9.89 -29.00
CA GLN B 497 51.16 -9.21 -28.99
C GLN B 497 51.26 -8.25 -30.17
N LYS B 498 50.89 -8.70 -31.38
CA LYS B 498 50.95 -7.90 -32.59
C LYS B 498 49.91 -6.77 -32.57
N LEU B 499 48.71 -7.06 -32.02
CA LEU B 499 47.59 -6.13 -32.02
C LEU B 499 47.69 -5.07 -30.92
N MET B 500 48.54 -5.27 -29.89
CA MET B 500 48.82 -4.24 -28.88
C MET B 500 50.29 -3.75 -28.92
N GLN B 501 51.18 -4.40 -29.70
CA GLN B 501 52.61 -4.13 -29.75
C GLN B 501 53.23 -4.28 -28.34
N VAL B 502 53.28 -5.52 -27.83
CA VAL B 502 53.78 -5.78 -26.47
C VAL B 502 54.73 -6.98 -26.41
N VAL B 503 55.65 -6.90 -25.43
CA VAL B 503 56.80 -7.77 -25.30
C VAL B 503 56.99 -8.19 -23.85
N PRO B 504 57.62 -9.35 -23.57
CA PRO B 504 58.02 -9.71 -22.20
C PRO B 504 58.94 -8.71 -21.47
N GLN B 505 58.81 -8.69 -20.13
CA GLN B 505 59.69 -7.96 -19.23
C GLN B 505 61.02 -8.72 -19.09
N GLU B 506 62.08 -8.00 -18.68
CA GLU B 506 63.38 -8.61 -18.42
C GLU B 506 63.30 -9.57 -17.23
N THR B 507 63.53 -10.87 -17.48
CA THR B 507 63.44 -11.92 -16.45
C THR B 507 64.58 -11.75 -15.42
N ASP C 1 -13.91 -13.24 1.99
CA ASP C 1 -15.27 -12.77 2.37
C ASP C 1 -15.79 -13.58 3.56
N ILE C 2 -16.77 -13.02 4.27
CA ILE C 2 -17.61 -13.78 5.21
C ILE C 2 -18.40 -14.87 4.47
N VAL C 3 -18.67 -15.98 5.19
CA VAL C 3 -19.49 -17.07 4.71
C VAL C 3 -20.56 -17.33 5.74
N LEU C 4 -21.82 -17.49 5.24
CA LEU C 4 -22.95 -17.73 6.13
C LEU C 4 -23.58 -19.09 5.87
N THR C 5 -23.33 -20.03 6.77
CA THR C 5 -23.97 -21.32 6.78
C THR C 5 -25.38 -21.12 7.35
N GLN C 6 -26.34 -21.80 6.75
CA GLN C 6 -27.70 -21.74 7.22
C GLN C 6 -28.28 -23.14 7.37
N SER C 7 -29.09 -23.35 8.43
CA SER C 7 -29.69 -24.67 8.67
C SER C 7 -30.99 -24.55 9.47
N PRO C 8 -31.92 -25.54 9.40
CA PRO C 8 -31.87 -26.63 8.41
C PRO C 8 -32.22 -26.09 7.02
N SER C 9 -31.86 -26.85 5.98
CA SER C 9 -32.19 -26.48 4.61
C SER C 9 -33.70 -26.55 4.33
N SER C 10 -34.40 -27.43 5.05
CA SER C 10 -35.84 -27.59 4.98
C SER C 10 -36.41 -27.54 6.38
N LEU C 11 -37.57 -26.95 6.55
CA LEU C 11 -38.20 -26.92 7.86
C LEU C 11 -39.69 -27.12 7.70
N ALA C 12 -40.13 -28.37 7.56
CA ALA C 12 -41.57 -28.61 7.36
C ALA C 12 -42.25 -28.46 8.72
N MET C 13 -43.26 -27.57 8.82
CA MET C 13 -43.99 -27.34 10.08
C MET C 13 -45.47 -27.03 9.86
N SER C 14 -46.28 -27.28 10.89
CA SER C 14 -47.73 -27.25 10.80
C SER C 14 -48.25 -25.86 11.14
N VAL C 15 -49.44 -25.54 10.60
CA VAL C 15 -50.02 -24.21 10.76
C VAL C 15 -50.29 -23.95 12.24
N GLY C 16 -49.98 -22.73 12.70
CA GLY C 16 -50.13 -22.35 14.09
C GLY C 16 -48.88 -22.54 14.96
N GLN C 17 -47.93 -23.40 14.56
CA GLN C 17 -46.76 -23.73 15.38
C GLN C 17 -45.64 -22.69 15.25
N LYS C 18 -44.74 -22.68 16.24
CA LYS C 18 -43.55 -21.84 16.26
C LYS C 18 -42.41 -22.53 15.52
N VAL C 19 -41.60 -21.75 14.74
CA VAL C 19 -40.48 -22.27 13.94
C VAL C 19 -39.25 -21.39 14.03
N THR C 20 -38.08 -22.00 13.78
CA THR C 20 -36.77 -21.38 13.98
C THR C 20 -35.84 -21.73 12.82
N MET C 21 -35.25 -20.68 12.21
CA MET C 21 -34.15 -20.77 11.26
C MET C 21 -32.87 -20.43 12.03
N ASN C 22 -31.75 -21.10 11.73
CA ASN C 22 -30.46 -20.71 12.24
C ASN C 22 -29.57 -20.21 11.09
N CYS C 23 -28.83 -19.13 11.40
CA CYS C 23 -27.81 -18.58 10.53
C CYS C 23 -26.51 -18.46 11.32
N LYS C 24 -25.38 -18.78 10.67
CA LYS C 24 -24.13 -19.01 11.37
C LYS C 24 -23.01 -18.44 10.52
N SER C 25 -22.39 -17.35 11.01
CA SER C 25 -21.42 -16.56 10.26
C SER C 25 -19.95 -16.91 10.59
N SER C 26 -19.11 -17.00 9.55
CA SER C 26 -17.70 -17.29 9.68
C SER C 26 -16.86 -16.16 10.31
N GLN C 27 -17.49 -15.05 10.72
CA GLN C 27 -16.89 -14.03 11.56
C GLN C 27 -17.99 -13.42 12.41
N SER C 28 -17.59 -12.69 13.43
CA SER C 28 -18.54 -11.94 14.23
C SER C 28 -19.07 -10.77 13.40
N LEU C 29 -20.34 -10.47 13.60
CA LEU C 29 -21.01 -9.34 12.97
C LEU C 29 -21.53 -8.43 14.06
N LEU C 30 -20.89 -8.41 15.23
CA LEU C 30 -21.08 -7.36 16.20
C LEU C 30 -20.06 -6.26 15.89
N ASN C 31 -20.57 -5.03 15.75
CA ASN C 31 -19.74 -3.83 15.62
C ASN C 31 -19.49 -3.31 17.04
N ASN C 32 -18.28 -3.56 17.55
CA ASN C 32 -17.86 -3.25 18.91
C ASN C 32 -18.19 -1.82 19.34
N ASN C 33 -17.95 -0.86 18.43
CA ASN C 33 -18.08 0.57 18.68
C ASN C 33 -19.54 0.97 18.94
N ASN C 34 -20.51 0.12 18.55
CA ASN C 34 -21.90 0.54 18.39
C ASN C 34 -22.90 -0.43 19.02
N GLN C 35 -22.47 -1.67 19.34
CA GLN C 35 -23.27 -2.62 20.08
C GLN C 35 -24.56 -2.90 19.30
N LYS C 36 -24.40 -3.13 17.97
CA LYS C 36 -25.43 -3.87 17.26
C LYS C 36 -24.80 -4.76 16.19
N ASN C 37 -25.66 -5.72 15.82
CA ASN C 37 -25.25 -6.88 15.08
C ASN C 37 -25.83 -6.75 13.69
N TYR C 38 -24.97 -6.85 12.69
CA TYR C 38 -25.37 -6.60 11.32
C TYR C 38 -25.84 -7.87 10.67
N LEU C 39 -27.15 -8.10 10.62
CA LEU C 39 -27.71 -9.21 9.88
C LEU C 39 -29.14 -8.89 9.45
N ALA C 40 -29.56 -9.51 8.35
CA ALA C 40 -30.91 -9.40 7.87
C ALA C 40 -31.42 -10.72 7.35
N TRP C 41 -32.74 -10.80 7.30
CA TRP C 41 -33.53 -11.92 6.86
C TRP C 41 -34.43 -11.48 5.71
N TYR C 42 -34.42 -12.20 4.58
CA TYR C 42 -35.36 -11.95 3.50
C TYR C 42 -36.19 -13.17 3.27
N GLN C 43 -37.48 -12.94 3.04
CA GLN C 43 -38.44 -13.96 2.63
C GLN C 43 -38.56 -13.86 1.12
N GLN C 44 -38.54 -14.98 0.41
CA GLN C 44 -38.80 -14.98 -1.03
C GLN C 44 -39.81 -16.08 -1.31
N LYS C 45 -41.03 -15.57 -1.54
CA LYS C 45 -42.14 -16.45 -1.84
C LYS C 45 -41.90 -16.99 -3.25
N PRO C 46 -42.49 -18.15 -3.59
CA PRO C 46 -42.27 -18.73 -4.91
C PRO C 46 -42.84 -17.75 -5.94
N GLY C 47 -42.00 -17.43 -6.94
CA GLY C 47 -42.38 -16.63 -8.10
C GLY C 47 -42.34 -15.12 -7.87
N GLN C 48 -41.65 -14.64 -6.83
CA GLN C 48 -41.54 -13.22 -6.51
C GLN C 48 -40.11 -12.84 -6.08
N SER C 49 -39.94 -11.55 -5.80
CA SER C 49 -38.68 -10.92 -5.42
C SER C 49 -38.41 -11.16 -3.98
N PRO C 50 -37.14 -11.01 -3.49
CA PRO C 50 -36.88 -10.99 -2.06
C PRO C 50 -37.55 -9.83 -1.36
N LYS C 51 -38.15 -10.03 -0.18
CA LYS C 51 -38.76 -8.99 0.65
C LYS C 51 -37.91 -8.97 1.91
N LEU C 52 -37.53 -7.77 2.37
CA LEU C 52 -36.75 -7.66 3.59
C LEU C 52 -37.63 -7.79 4.83
N LEU C 53 -37.27 -8.65 5.79
CA LEU C 53 -38.05 -8.82 7.02
C LEU C 53 -37.44 -8.04 8.16
N VAL C 54 -36.25 -8.47 8.56
CA VAL C 54 -35.57 -7.75 9.60
C VAL C 54 -34.12 -7.43 9.23
N TYR C 55 -33.60 -6.38 9.81
CA TYR C 55 -32.23 -6.01 9.67
C TYR C 55 -31.67 -5.52 10.99
N PHE C 56 -30.36 -5.30 11.04
CA PHE C 56 -29.63 -5.20 12.28
C PHE C 56 -30.07 -6.23 13.31
N THR C 57 -30.18 -7.47 12.86
CA THR C 57 -30.64 -8.64 13.62
C THR C 57 -32.10 -8.62 14.09
N SER C 58 -32.72 -7.49 14.39
CA SER C 58 -33.99 -7.56 15.07
C SER C 58 -35.05 -6.58 14.56
N THR C 59 -34.61 -5.49 13.91
CA THR C 59 -35.47 -4.38 13.55
C THR C 59 -36.34 -4.85 12.40
N ARG C 60 -37.64 -4.96 12.69
CA ARG C 60 -38.64 -5.28 11.68
C ARG C 60 -38.76 -4.11 10.73
N GLU C 61 -38.83 -4.45 9.43
CA GLU C 61 -39.14 -3.47 8.41
C GLU C 61 -40.62 -3.09 8.53
N SER C 62 -41.00 -1.89 8.06
CA SER C 62 -42.41 -1.53 7.95
C SER C 62 -43.17 -2.45 6.97
N GLY C 63 -44.41 -2.81 7.33
CA GLY C 63 -45.21 -3.73 6.53
C GLY C 63 -44.87 -5.21 6.74
N VAL C 64 -44.23 -5.51 7.86
CA VAL C 64 -43.88 -6.87 8.24
C VAL C 64 -44.75 -7.25 9.45
N PRO C 65 -45.49 -8.37 9.37
CA PRO C 65 -46.22 -8.89 10.53
C PRO C 65 -45.35 -9.21 11.74
N ASP C 66 -45.86 -8.96 12.95
CA ASP C 66 -45.04 -9.00 14.16
C ASP C 66 -44.77 -10.43 14.65
N ARG C 67 -45.22 -11.45 13.90
CA ARG C 67 -44.83 -12.83 14.16
C ARG C 67 -43.38 -13.13 13.78
N PHE C 68 -42.69 -12.28 13.00
CA PHE C 68 -41.25 -12.47 12.70
C PHE C 68 -40.41 -11.79 13.78
N ILE C 69 -39.72 -12.59 14.58
CA ILE C 69 -38.86 -12.08 15.61
C ILE C 69 -37.47 -12.60 15.26
N GLY C 70 -36.54 -11.65 15.10
CA GLY C 70 -35.14 -12.00 14.95
C GLY C 70 -34.31 -11.74 16.21
N SER C 71 -33.31 -12.60 16.44
CA SER C 71 -32.56 -12.58 17.69
C SER C 71 -31.22 -13.29 17.51
N GLY C 72 -30.33 -13.10 18.48
CA GLY C 72 -28.99 -13.67 18.46
C GLY C 72 -27.95 -12.57 18.61
N SER C 73 -26.67 -12.98 18.75
CA SER C 73 -25.55 -12.05 18.65
C SER C 73 -24.28 -12.82 18.27
N GLY C 74 -23.26 -12.08 17.84
CA GLY C 74 -21.94 -12.63 17.56
C GLY C 74 -21.95 -13.39 16.25
N THR C 75 -22.25 -14.69 16.32
CA THR C 75 -22.32 -15.56 15.15
C THR C 75 -23.53 -16.49 15.15
N ASP C 76 -24.21 -16.73 16.27
CA ASP C 76 -25.41 -17.54 16.30
C ASP C 76 -26.61 -16.61 16.16
N PHE C 77 -27.30 -16.66 15.03
CA PHE C 77 -28.47 -15.82 14.78
C PHE C 77 -29.68 -16.66 14.38
N THR C 78 -30.87 -16.20 14.78
CA THR C 78 -32.11 -16.96 14.58
C THR C 78 -33.28 -16.04 14.24
N LEU C 79 -33.91 -16.38 13.11
CA LEU C 79 -35.20 -15.83 12.79
C LEU C 79 -36.22 -16.85 13.28
N THR C 80 -37.24 -16.36 14.01
CA THR C 80 -38.29 -17.22 14.56
C THR C 80 -39.65 -16.69 14.13
N ILE C 81 -40.59 -17.60 13.85
CA ILE C 81 -41.93 -17.21 13.47
C ILE C 81 -42.79 -17.77 14.59
N SER C 82 -43.51 -16.91 15.32
CA SER C 82 -44.18 -17.28 16.55
C SER C 82 -45.34 -18.25 16.33
N SER C 83 -46.02 -18.10 15.19
CA SER C 83 -47.19 -18.90 14.86
C SER C 83 -47.41 -18.85 13.34
N VAL C 84 -46.78 -19.84 12.66
CA VAL C 84 -46.74 -19.98 11.20
C VAL C 84 -48.13 -19.97 10.59
N GLN C 85 -48.31 -19.15 9.55
CA GLN C 85 -49.54 -19.14 8.78
C GLN C 85 -49.30 -19.82 7.42
N ALA C 86 -50.38 -20.18 6.74
CA ALA C 86 -50.29 -20.84 5.45
C ALA C 86 -49.58 -19.95 4.44
N GLU C 87 -49.66 -18.60 4.65
CA GLU C 87 -49.06 -17.64 3.74
C GLU C 87 -47.54 -17.59 3.85
N ASP C 88 -46.94 -18.29 4.82
CA ASP C 88 -45.53 -18.14 5.16
C ASP C 88 -44.59 -19.10 4.42
N LEU C 89 -45.10 -20.01 3.59
CA LEU C 89 -44.18 -20.91 2.91
C LEU C 89 -43.37 -20.15 1.86
N ALA C 90 -42.03 -20.32 1.90
CA ALA C 90 -41.05 -19.51 1.21
C ALA C 90 -39.65 -20.08 1.38
N LEU C 91 -38.64 -19.51 0.68
CA LEU C 91 -37.26 -19.64 1.12
C LEU C 91 -36.94 -18.39 1.90
N TYR C 92 -36.18 -18.57 2.99
CA TYR C 92 -35.72 -17.46 3.79
C TYR C 92 -34.21 -17.43 3.70
N TYR C 93 -33.65 -16.28 3.38
CA TYR C 93 -32.20 -16.11 3.35
C TYR C 93 -31.72 -15.18 4.45
N CYS C 94 -30.62 -15.54 5.12
CA CYS C 94 -29.95 -14.57 5.97
C CYS C 94 -28.92 -13.89 5.09
N GLN C 95 -28.60 -12.63 5.35
CA GLN C 95 -27.52 -11.85 4.76
C GLN C 95 -26.77 -11.09 5.86
N GLN C 96 -25.45 -11.03 5.79
CA GLN C 96 -24.70 -10.11 6.60
C GLN C 96 -24.76 -8.72 5.93
N HIS C 97 -24.80 -7.65 6.72
CA HIS C 97 -24.34 -6.38 6.18
C HIS C 97 -23.15 -5.76 6.91
N TYR C 98 -22.25 -6.56 7.37
CA TYR C 98 -21.09 -6.03 8.00
C TYR C 98 -20.01 -5.77 6.97
N THR C 99 -20.01 -6.42 5.81
CA THR C 99 -19.19 -5.84 4.76
C THR C 99 -19.89 -5.70 3.42
N ILE C 100 -19.39 -4.79 2.63
CA ILE C 100 -19.86 -4.68 1.26
C ILE C 100 -18.64 -5.09 0.47
N PRO C 101 -18.73 -6.11 -0.44
CA PRO C 101 -19.98 -6.78 -0.84
C PRO C 101 -20.61 -7.68 0.23
N PRO C 102 -21.93 -7.68 0.36
CA PRO C 102 -22.60 -8.57 1.28
C PRO C 102 -22.59 -9.98 0.76
N THR C 103 -23.01 -10.93 1.62
CA THR C 103 -23.10 -12.33 1.22
C THR C 103 -24.30 -12.98 1.87
N PHE C 104 -24.81 -14.06 1.30
CA PHE C 104 -26.06 -14.59 1.80
C PHE C 104 -25.95 -16.08 2.12
N GLY C 105 -26.83 -16.57 3.01
CA GLY C 105 -27.14 -17.98 3.18
C GLY C 105 -27.73 -18.67 1.96
N GLY C 106 -27.61 -19.98 1.92
CA GLY C 106 -28.22 -20.77 0.87
C GLY C 106 -29.70 -20.99 1.12
N GLY C 107 -30.21 -20.55 2.28
CA GLY C 107 -31.66 -20.40 2.43
C GLY C 107 -32.39 -21.63 2.96
N THR C 108 -33.37 -21.40 3.86
CA THR C 108 -34.17 -22.42 4.50
C THR C 108 -35.55 -22.46 3.83
N LYS C 109 -35.93 -23.61 3.27
CA LYS C 109 -37.23 -23.78 2.64
C LYS C 109 -38.22 -24.17 3.71
N LEU C 110 -39.10 -23.24 4.07
CA LEU C 110 -40.19 -23.58 4.99
C LEU C 110 -41.28 -24.24 4.16
N GLU C 111 -41.82 -25.35 4.65
CA GLU C 111 -42.90 -26.10 4.03
C GLU C 111 -43.99 -26.28 5.08
N ILE C 112 -45.22 -26.47 4.63
CA ILE C 112 -46.34 -26.63 5.54
C ILE C 112 -46.77 -28.10 5.60
N LYS C 113 -47.13 -28.54 6.81
CA LYS C 113 -47.79 -29.82 7.05
C LYS C 113 -49.29 -29.61 7.29
N ARG C 114 -50.11 -30.43 6.63
CA ARG C 114 -51.56 -30.42 6.76
C ARG C 114 -52.10 -31.86 6.79
N ALA C 115 -53.41 -31.98 7.08
CA ALA C 115 -54.14 -33.23 6.96
C ALA C 115 -54.08 -33.74 5.53
N ASP C 116 -53.69 -35.02 5.37
CA ASP C 116 -53.51 -35.63 4.05
C ASP C 116 -54.83 -35.60 3.26
N ALA C 117 -54.73 -35.49 1.92
CA ALA C 117 -55.88 -35.40 1.05
C ALA C 117 -55.60 -36.01 -0.33
N ALA C 118 -56.58 -36.74 -0.88
CA ALA C 118 -56.41 -37.46 -2.13
C ALA C 118 -56.58 -36.50 -3.31
N PRO C 119 -55.87 -36.73 -4.45
CA PRO C 119 -55.98 -35.84 -5.60
C PRO C 119 -57.33 -35.93 -6.30
N THR C 120 -57.87 -34.77 -6.69
CA THR C 120 -58.81 -34.70 -7.79
C THR C 120 -58.08 -35.06 -9.08
N VAL C 121 -58.50 -36.12 -9.77
CA VAL C 121 -57.81 -36.57 -10.98
C VAL C 121 -58.73 -36.30 -12.18
N SER C 122 -58.14 -35.71 -13.24
CA SER C 122 -58.82 -35.41 -14.50
C SER C 122 -57.88 -35.70 -15.67
N ILE C 123 -58.45 -36.17 -16.80
CA ILE C 123 -57.68 -36.47 -17.99
C ILE C 123 -58.34 -35.79 -19.20
N PHE C 124 -57.47 -35.27 -20.09
CA PHE C 124 -57.88 -34.43 -21.20
C PHE C 124 -57.46 -35.08 -22.51
N PRO C 125 -58.40 -35.50 -23.39
CA PRO C 125 -58.05 -35.94 -24.74
C PRO C 125 -57.32 -34.86 -25.54
N PRO C 126 -56.37 -35.22 -26.46
CA PRO C 126 -55.67 -34.25 -27.30
C PRO C 126 -56.55 -33.20 -27.99
N SER C 127 -56.01 -31.96 -28.06
CA SER C 127 -56.68 -30.82 -28.66
C SER C 127 -56.84 -31.04 -30.16
N SER C 128 -58.05 -30.80 -30.70
CA SER C 128 -58.32 -31.08 -32.12
C SER C 128 -57.40 -30.27 -33.05
N GLU C 129 -56.93 -29.10 -32.60
CA GLU C 129 -55.96 -28.28 -33.32
C GLU C 129 -54.58 -28.95 -33.36
N GLN C 130 -54.17 -29.58 -32.25
CA GLN C 130 -52.85 -30.21 -32.16
C GLN C 130 -52.73 -31.36 -33.18
N LEU C 131 -53.83 -32.06 -33.47
CA LEU C 131 -53.84 -33.17 -34.41
C LEU C 131 -53.42 -32.75 -35.83
N THR C 132 -53.42 -31.44 -36.15
CA THR C 132 -52.88 -30.93 -37.41
C THR C 132 -51.35 -31.08 -37.50
N SER C 133 -50.65 -31.18 -36.36
CA SER C 133 -49.20 -31.06 -36.27
C SER C 133 -48.43 -32.33 -36.65
N GLY C 134 -49.12 -33.46 -36.86
CA GLY C 134 -48.47 -34.76 -36.94
C GLY C 134 -48.11 -35.36 -35.58
N GLY C 135 -48.35 -34.63 -34.48
CA GLY C 135 -48.23 -35.15 -33.12
C GLY C 135 -49.50 -34.91 -32.30
N ALA C 136 -49.50 -35.47 -31.09
CA ALA C 136 -50.58 -35.31 -30.12
C ALA C 136 -50.01 -35.45 -28.70
N SER C 137 -50.57 -34.68 -27.75
CA SER C 137 -50.15 -34.76 -26.35
C SER C 137 -51.37 -34.98 -25.48
N VAL C 138 -51.36 -36.10 -24.72
CA VAL C 138 -52.39 -36.43 -23.74
C VAL C 138 -51.92 -35.94 -22.38
N VAL C 139 -52.84 -35.33 -21.59
CA VAL C 139 -52.49 -34.65 -20.33
C VAL C 139 -53.44 -35.07 -19.21
N CYS C 140 -52.84 -35.38 -18.06
CA CYS C 140 -53.53 -35.80 -16.85
C CYS C 140 -53.15 -34.84 -15.72
N PHE C 141 -54.16 -34.22 -15.11
CA PHE C 141 -53.98 -33.31 -13.99
C PHE C 141 -54.43 -33.93 -12.69
N LEU C 142 -53.57 -33.83 -11.67
CA LEU C 142 -53.83 -34.28 -10.31
C LEU C 142 -53.83 -33.02 -9.43
N ASN C 143 -54.99 -32.63 -8.89
CA ASN C 143 -55.11 -31.36 -8.21
C ASN C 143 -55.37 -31.53 -6.71
N ASN C 144 -54.70 -30.68 -5.92
CA ASN C 144 -55.03 -30.37 -4.53
C ASN C 144 -54.90 -31.60 -3.62
N PHE C 145 -53.67 -32.07 -3.42
CA PHE C 145 -53.40 -33.20 -2.56
C PHE C 145 -52.27 -32.89 -1.58
N TYR C 146 -52.09 -33.78 -0.59
CA TYR C 146 -50.99 -33.71 0.36
C TYR C 146 -50.74 -35.12 0.89
N PRO C 147 -49.48 -35.57 1.14
CA PRO C 147 -48.24 -34.87 0.85
C PRO C 147 -47.82 -35.02 -0.61
N LYS C 148 -46.65 -34.43 -0.90
CA LYS C 148 -46.06 -34.31 -2.23
C LYS C 148 -45.87 -35.67 -2.94
N ASP C 149 -45.54 -36.74 -2.21
CA ASP C 149 -45.20 -38.02 -2.84
C ASP C 149 -46.41 -38.64 -3.54
N ILE C 150 -46.23 -38.96 -4.85
CA ILE C 150 -47.26 -39.53 -5.71
C ILE C 150 -46.58 -40.25 -6.88
N ASN C 151 -47.29 -41.18 -7.54
CA ASN C 151 -46.83 -41.71 -8.83
C ASN C 151 -48.02 -41.96 -9.75
N VAL C 152 -47.71 -42.01 -11.06
CA VAL C 152 -48.69 -42.12 -12.12
C VAL C 152 -48.32 -43.29 -13.04
N LYS C 153 -49.35 -44.10 -13.37
CA LYS C 153 -49.28 -45.10 -14.43
C LYS C 153 -50.09 -44.62 -15.63
N TRP C 154 -49.48 -44.64 -16.81
CA TRP C 154 -50.20 -44.48 -18.06
C TRP C 154 -50.43 -45.86 -18.69
N LYS C 155 -51.70 -46.13 -19.05
CA LYS C 155 -52.08 -47.34 -19.77
C LYS C 155 -52.72 -46.95 -21.11
N ILE C 156 -52.40 -47.73 -22.15
CA ILE C 156 -52.80 -47.45 -23.52
C ILE C 156 -53.23 -48.80 -24.13
N ASP C 157 -54.54 -48.94 -24.38
CA ASP C 157 -55.20 -50.22 -24.67
C ASP C 157 -54.79 -51.30 -23.66
N GLY C 158 -54.58 -50.93 -22.39
CA GLY C 158 -54.13 -51.86 -21.36
C GLY C 158 -52.61 -52.03 -21.21
N SER C 159 -51.82 -51.68 -22.25
CA SER C 159 -50.36 -51.76 -22.19
C SER C 159 -49.81 -50.61 -21.33
N GLU C 160 -48.84 -50.90 -20.45
CA GLU C 160 -48.23 -49.89 -19.59
C GLU C 160 -47.18 -49.08 -20.37
N ARG C 161 -47.25 -47.74 -20.25
CA ARG C 161 -46.38 -46.83 -21.00
C ARG C 161 -45.37 -46.16 -20.06
N GLN C 162 -44.09 -46.23 -20.43
CA GLN C 162 -43.00 -45.66 -19.63
C GLN C 162 -41.98 -44.85 -20.47
N ASN C 163 -42.04 -44.92 -21.82
CA ASN C 163 -41.36 -43.97 -22.70
C ASN C 163 -42.20 -42.70 -22.87
N GLY C 164 -41.52 -41.54 -22.94
CA GLY C 164 -42.13 -40.28 -23.35
C GLY C 164 -43.20 -39.75 -22.38
N VAL C 165 -43.04 -40.05 -21.07
CA VAL C 165 -43.88 -39.53 -20.00
C VAL C 165 -43.08 -38.51 -19.19
N LEU C 166 -43.73 -37.37 -18.90
CA LEU C 166 -43.16 -36.26 -18.15
C LEU C 166 -44.11 -35.84 -17.03
N ASN C 167 -43.51 -35.32 -15.94
CA ASN C 167 -44.26 -34.88 -14.77
C ASN C 167 -43.75 -33.51 -14.30
N SER C 168 -44.66 -32.70 -13.75
CA SER C 168 -44.27 -31.48 -13.06
C SER C 168 -45.22 -31.19 -11.90
N TRP C 169 -44.64 -31.00 -10.70
CA TRP C 169 -45.36 -30.62 -9.50
C TRP C 169 -45.39 -29.12 -9.37
N THR C 170 -46.51 -28.57 -8.88
CA THR C 170 -46.47 -27.19 -8.43
C THR C 170 -45.70 -27.06 -7.12
N ASP C 171 -45.17 -25.86 -6.85
CA ASP C 171 -44.89 -25.43 -5.49
C ASP C 171 -46.20 -25.46 -4.69
N GLN C 172 -46.08 -25.57 -3.37
CA GLN C 172 -47.23 -25.79 -2.50
C GLN C 172 -48.09 -24.52 -2.42
N ASP C 173 -49.42 -24.65 -2.54
CA ASP C 173 -50.31 -23.50 -2.73
C ASP C 173 -50.50 -22.75 -1.41
N SER C 174 -50.16 -21.46 -1.35
CA SER C 174 -50.23 -20.67 -0.12
C SER C 174 -51.63 -20.46 0.47
N LYS C 175 -52.73 -20.71 -0.26
CA LYS C 175 -54.07 -20.59 0.29
C LYS C 175 -54.51 -21.82 1.07
N ASP C 176 -54.04 -23.01 0.65
CA ASP C 176 -54.57 -24.30 1.10
C ASP C 176 -53.49 -25.33 1.45
N SER C 177 -52.21 -25.00 1.21
CA SER C 177 -51.05 -25.82 1.48
C SER C 177 -51.08 -27.19 0.78
N THR C 178 -51.81 -27.31 -0.35
CA THR C 178 -51.83 -28.52 -1.17
C THR C 178 -50.84 -28.42 -2.32
N TYR C 179 -50.32 -29.58 -2.74
CA TYR C 179 -49.64 -29.72 -4.01
C TYR C 179 -50.66 -29.98 -5.11
N SER C 180 -50.22 -29.80 -6.36
CA SER C 180 -50.86 -30.32 -7.57
C SER C 180 -49.79 -30.80 -8.54
N MET C 181 -50.13 -31.74 -9.44
CA MET C 181 -49.15 -32.28 -10.38
C MET C 181 -49.79 -32.52 -11.76
N SER C 182 -49.04 -32.16 -12.80
CA SER C 182 -49.38 -32.43 -14.18
C SER C 182 -48.51 -33.59 -14.68
N SER C 183 -49.17 -34.51 -15.40
CA SER C 183 -48.49 -35.58 -16.12
C SER C 183 -48.86 -35.52 -17.61
N THR C 184 -47.86 -35.73 -18.47
CA THR C 184 -47.98 -35.52 -19.90
C THR C 184 -47.38 -36.70 -20.65
N LEU C 185 -48.09 -37.20 -21.68
CA LEU C 185 -47.62 -38.23 -22.58
C LEU C 185 -47.73 -37.71 -24.02
N THR C 186 -46.61 -37.71 -24.77
CA THR C 186 -46.58 -37.20 -26.14
C THR C 186 -46.37 -38.35 -27.13
N LEU C 187 -47.22 -38.34 -28.19
CA LEU C 187 -47.37 -39.38 -29.18
C LEU C 187 -47.24 -38.77 -30.58
N THR C 188 -46.85 -39.58 -31.58
CA THR C 188 -47.08 -39.21 -32.98
C THR C 188 -48.58 -39.34 -33.28
N LYS C 189 -49.06 -38.69 -34.34
CA LYS C 189 -50.47 -38.77 -34.70
C LYS C 189 -50.85 -40.23 -35.00
N ASP C 190 -50.01 -40.95 -35.75
CA ASP C 190 -50.23 -42.34 -36.10
C ASP C 190 -50.14 -43.28 -34.89
N GLU C 191 -49.38 -42.88 -33.85
CA GLU C 191 -49.31 -43.57 -32.57
C GLU C 191 -50.57 -43.33 -31.73
N TYR C 192 -51.18 -42.13 -31.82
CA TYR C 192 -52.47 -41.84 -31.22
C TYR C 192 -53.63 -42.47 -32.04
N GLU C 193 -53.41 -42.77 -33.33
CA GLU C 193 -54.45 -43.32 -34.21
C GLU C 193 -54.64 -44.83 -33.95
N ARG C 194 -53.53 -45.56 -33.81
CA ARG C 194 -53.53 -47.03 -33.78
C ARG C 194 -54.08 -47.61 -32.48
N HIS C 195 -54.24 -46.80 -31.41
CA HIS C 195 -54.75 -47.25 -30.11
C HIS C 195 -56.00 -46.46 -29.71
N ASN C 196 -56.91 -47.10 -28.98
CA ASN C 196 -58.30 -46.65 -28.79
C ASN C 196 -58.59 -46.06 -27.40
N SER C 197 -58.09 -46.72 -26.33
CA SER C 197 -58.45 -46.42 -24.94
C SER C 197 -57.23 -45.99 -24.12
N TYR C 198 -57.29 -44.76 -23.57
CA TYR C 198 -56.19 -44.14 -22.85
C TYR C 198 -56.58 -43.96 -21.38
N THR C 199 -55.67 -44.36 -20.48
CA THR C 199 -55.90 -44.39 -19.04
C THR C 199 -54.75 -43.71 -18.30
N CYS C 200 -55.10 -42.83 -17.35
CA CYS C 200 -54.19 -42.28 -16.35
C CYS C 200 -54.65 -42.80 -14.99
N GLU C 201 -53.75 -43.44 -14.23
CA GLU C 201 -54.10 -43.91 -12.88
C GLU C 201 -52.99 -43.51 -11.90
N ALA C 202 -53.42 -42.98 -10.74
CA ALA C 202 -52.54 -42.30 -9.80
C ALA C 202 -52.60 -43.01 -8.44
N THR C 203 -51.41 -43.35 -7.89
CA THR C 203 -51.31 -43.95 -6.57
C THR C 203 -50.77 -42.91 -5.60
N HIS C 204 -51.53 -42.66 -4.54
CA HIS C 204 -51.20 -41.70 -3.51
C HIS C 204 -51.48 -42.32 -2.15
N LYS C 205 -50.67 -41.98 -1.13
CA LYS C 205 -50.65 -42.70 0.15
C LYS C 205 -51.98 -42.64 0.93
N THR C 206 -52.95 -41.82 0.52
CA THR C 206 -54.28 -41.75 1.12
C THR C 206 -55.23 -42.88 0.68
N SER C 207 -54.86 -43.71 -0.32
CA SER C 207 -55.71 -44.81 -0.77
C SER C 207 -54.86 -46.05 -1.11
N THR C 208 -55.37 -47.24 -0.77
CA THR C 208 -54.74 -48.50 -1.13
C THR C 208 -54.82 -48.72 -2.64
N SER C 209 -56.05 -48.59 -3.19
CA SER C 209 -56.31 -48.68 -4.62
C SER C 209 -55.94 -47.38 -5.33
N PRO C 210 -55.40 -47.44 -6.59
CA PRO C 210 -55.22 -46.24 -7.40
C PRO C 210 -56.54 -45.56 -7.77
N ILE C 211 -56.48 -44.23 -7.96
CA ILE C 211 -57.56 -43.47 -8.57
C ILE C 211 -57.36 -43.55 -10.08
N VAL C 212 -58.47 -43.61 -10.83
CA VAL C 212 -58.46 -43.89 -12.27
C VAL C 212 -59.33 -42.87 -13.00
N LYS C 213 -58.80 -42.39 -14.15
CA LYS C 213 -59.60 -41.75 -15.18
C LYS C 213 -59.12 -42.22 -16.56
N SER C 214 -60.03 -42.22 -17.54
CA SER C 214 -59.75 -42.75 -18.87
C SER C 214 -60.71 -42.17 -19.91
N PHE C 215 -60.34 -42.31 -21.19
CA PHE C 215 -61.22 -41.98 -22.32
C PHE C 215 -60.95 -42.89 -23.51
N ASN C 216 -61.98 -43.04 -24.37
CA ASN C 216 -61.91 -43.79 -25.62
C ASN C 216 -62.15 -42.82 -26.77
N ARG C 217 -61.21 -42.78 -27.75
CA ARG C 217 -61.26 -41.83 -28.85
C ARG C 217 -62.41 -42.21 -29.80
N GLU D 1 -44.80 5.43 -2.65
CA GLU D 1 -44.28 4.37 -3.56
C GLU D 1 -42.79 4.55 -3.79
N VAL D 2 -42.04 3.44 -3.76
CA VAL D 2 -40.73 3.28 -4.42
C VAL D 2 -40.86 2.07 -5.31
N GLN D 3 -40.43 2.20 -6.57
CA GLN D 3 -40.61 1.07 -7.50
C GLN D 3 -39.51 1.04 -8.56
N LEU D 4 -38.77 -0.08 -8.55
CA LEU D 4 -37.79 -0.41 -9.55
C LEU D 4 -38.50 -1.36 -10.48
N GLN D 5 -38.28 -1.19 -11.80
CA GLN D 5 -38.75 -2.23 -12.73
C GLN D 5 -37.71 -2.52 -13.80
N GLN D 6 -37.83 -3.76 -14.30
CA GLN D 6 -36.85 -4.35 -15.19
C GLN D 6 -37.57 -5.10 -16.30
N SER D 7 -36.89 -5.17 -17.46
CA SER D 7 -37.27 -6.12 -18.49
C SER D 7 -37.37 -7.52 -17.90
N GLY D 8 -38.23 -8.36 -18.49
CA GLY D 8 -38.58 -9.66 -17.93
C GLY D 8 -37.58 -10.77 -18.26
N ALA D 9 -36.96 -10.72 -19.45
CA ALA D 9 -36.28 -11.87 -20.01
C ALA D 9 -35.25 -11.42 -21.04
N GLU D 10 -34.13 -12.12 -21.11
CA GLU D 10 -33.13 -11.90 -22.12
C GLU D 10 -32.55 -13.24 -22.54
N LEU D 11 -32.31 -13.40 -23.83
CA LEU D 11 -31.59 -14.54 -24.35
C LEU D 11 -30.21 -14.10 -24.86
N VAL D 12 -29.19 -14.89 -24.52
CA VAL D 12 -27.82 -14.54 -24.85
C VAL D 12 -27.11 -15.72 -25.47
N LYS D 13 -26.57 -15.56 -26.70
CA LYS D 13 -25.74 -16.60 -27.30
C LYS D 13 -24.40 -16.64 -26.56
N PRO D 14 -23.92 -17.82 -26.08
CA PRO D 14 -22.70 -17.89 -25.25
C PRO D 14 -21.52 -17.05 -25.76
N GLY D 15 -20.86 -16.38 -24.81
CA GLY D 15 -19.76 -15.47 -25.08
C GLY D 15 -20.19 -14.02 -25.32
N ALA D 16 -21.46 -13.77 -25.66
CA ALA D 16 -21.89 -12.42 -26.02
C ALA D 16 -22.12 -11.57 -24.76
N SER D 17 -22.16 -10.24 -24.90
CA SER D 17 -22.58 -9.36 -23.83
C SER D 17 -24.11 -9.26 -23.76
N VAL D 18 -24.61 -8.74 -22.62
CA VAL D 18 -26.00 -8.32 -22.49
C VAL D 18 -26.15 -7.09 -21.60
N ASN D 19 -27.16 -6.26 -21.90
CA ASN D 19 -27.54 -5.12 -21.07
C ASN D 19 -28.86 -5.46 -20.39
N LEU D 20 -28.86 -5.41 -19.05
CA LEU D 20 -30.07 -5.54 -18.24
C LEU D 20 -30.31 -4.17 -17.63
N SER D 21 -31.57 -3.76 -17.55
CA SER D 21 -31.87 -2.37 -17.28
C SER D 21 -32.95 -2.23 -16.20
N CYS D 22 -32.83 -1.18 -15.40
CA CYS D 22 -33.64 -1.00 -14.21
C CYS D 22 -34.04 0.45 -14.05
N LYS D 23 -35.32 0.74 -14.22
CA LYS D 23 -35.78 2.10 -14.15
C LYS D 23 -36.40 2.29 -12.78
N ALA D 24 -35.81 3.25 -12.04
CA ALA D 24 -36.34 3.69 -10.77
C ALA D 24 -37.51 4.69 -10.94
N SER D 25 -38.33 4.74 -9.91
CA SER D 25 -39.32 5.77 -9.74
C SER D 25 -39.63 5.94 -8.27
N GLY D 26 -40.15 7.10 -7.92
CA GLY D 26 -40.74 7.29 -6.59
C GLY D 26 -39.76 7.88 -5.58
N TYR D 27 -38.55 8.24 -6.04
CA TYR D 27 -37.55 8.83 -5.16
C TYR D 27 -36.53 9.57 -6.03
N THR D 28 -35.79 10.45 -5.29
CA THR D 28 -34.74 11.28 -5.85
C THR D 28 -33.56 10.43 -6.29
N PHE D 29 -33.36 10.15 -7.57
CA PHE D 29 -32.55 9.01 -7.99
C PHE D 29 -31.09 9.07 -7.58
N THR D 30 -30.51 10.28 -7.51
CA THR D 30 -29.13 10.45 -7.14
C THR D 30 -28.85 10.27 -5.64
N ASN D 31 -29.88 10.22 -4.77
CA ASN D 31 -29.65 10.10 -3.34
C ASN D 31 -29.24 8.70 -2.91
N TYR D 32 -29.43 7.68 -3.73
CA TYR D 32 -29.29 6.32 -3.24
C TYR D 32 -28.59 5.39 -4.21
N TRP D 33 -27.65 4.60 -3.65
CA TRP D 33 -26.95 3.81 -4.61
C TRP D 33 -27.78 2.59 -5.06
N MET D 34 -27.49 2.07 -6.26
CA MET D 34 -28.18 0.99 -6.87
C MET D 34 -27.34 -0.27 -6.91
N HIS D 35 -27.89 -1.38 -6.43
CA HIS D 35 -27.15 -2.61 -6.35
C HIS D 35 -27.75 -3.63 -7.33
N TRP D 36 -26.90 -4.53 -7.83
CA TRP D 36 -27.28 -5.66 -8.66
C TRP D 36 -26.98 -6.98 -7.97
N VAL D 37 -27.96 -7.85 -7.82
CA VAL D 37 -27.82 -9.13 -7.13
C VAL D 37 -28.38 -10.16 -8.07
N ARG D 38 -27.88 -11.37 -8.00
CA ARG D 38 -28.16 -12.46 -8.95
C ARG D 38 -28.59 -13.69 -8.16
N LEU D 39 -29.36 -14.55 -8.78
CA LEU D 39 -29.83 -15.77 -8.12
C LEU D 39 -29.74 -16.95 -9.09
N ARG D 40 -28.55 -17.61 -9.07
CA ARG D 40 -28.30 -18.85 -9.77
C ARG D 40 -29.35 -19.83 -9.25
N PRO D 41 -30.05 -20.64 -10.07
CA PRO D 41 -30.99 -21.62 -9.54
C PRO D 41 -30.36 -22.63 -8.56
N GLY D 42 -31.08 -22.81 -7.43
CA GLY D 42 -30.74 -23.74 -6.36
C GLY D 42 -29.40 -23.52 -5.67
N GLN D 43 -28.89 -22.30 -5.69
CA GLN D 43 -27.51 -22.00 -5.31
C GLN D 43 -27.39 -20.67 -4.53
N GLY D 44 -28.51 -19.98 -4.19
CA GLY D 44 -28.48 -18.85 -3.26
C GLY D 44 -28.05 -17.53 -3.89
N LEU D 45 -28.52 -16.41 -3.31
CA LEU D 45 -28.30 -15.08 -3.87
C LEU D 45 -26.82 -14.69 -3.82
N GLU D 46 -26.38 -13.84 -4.76
CA GLU D 46 -24.99 -13.41 -4.90
C GLU D 46 -24.97 -11.98 -5.41
N TRP D 47 -24.12 -11.13 -4.83
CA TRP D 47 -24.26 -9.68 -5.10
C TRP D 47 -23.16 -9.27 -6.02
N ILE D 48 -23.54 -8.48 -7.02
CA ILE D 48 -22.61 -8.19 -8.11
C ILE D 48 -21.80 -6.96 -7.73
N GLY D 49 -22.51 -5.92 -7.40
CA GLY D 49 -21.87 -4.62 -7.26
C GLY D 49 -22.94 -3.53 -7.21
N GLU D 50 -22.42 -2.34 -7.00
CA GLU D 50 -23.29 -1.22 -6.92
C GLU D 50 -22.66 0.02 -7.55
N ILE D 51 -23.55 0.98 -7.80
CA ILE D 51 -23.24 2.13 -8.60
C ILE D 51 -23.86 3.29 -7.88
N ASP D 52 -23.20 4.42 -7.96
CA ASP D 52 -23.69 5.64 -7.40
C ASP D 52 -24.19 6.50 -8.57
N PRO D 53 -25.48 6.81 -8.67
CA PRO D 53 -25.92 7.62 -9.76
C PRO D 53 -25.40 9.05 -9.79
N SER D 54 -24.88 9.56 -8.65
CA SER D 54 -24.46 10.94 -8.58
C SER D 54 -23.14 11.19 -9.31
N ASP D 55 -22.34 10.16 -9.61
CA ASP D 55 -21.05 10.34 -10.25
C ASP D 55 -20.56 9.10 -10.99
N SER D 56 -21.42 8.08 -11.13
CA SER D 56 -21.10 6.88 -11.87
C SER D 56 -19.90 6.05 -11.35
N TYR D 57 -19.41 6.31 -10.12
CA TYR D 57 -18.52 5.39 -9.40
C TYR D 57 -19.22 4.07 -9.16
N SER D 58 -18.48 2.94 -9.31
CA SER D 58 -19.09 1.65 -9.02
C SER D 58 -18.08 0.66 -8.49
N TYR D 59 -18.56 -0.28 -7.69
CA TYR D 59 -17.76 -1.06 -6.75
C TYR D 59 -18.27 -2.47 -6.95
N TYR D 60 -17.37 -3.44 -7.15
CA TYR D 60 -17.87 -4.75 -7.60
C TYR D 60 -17.32 -5.91 -6.79
N SER D 61 -18.06 -7.02 -6.72
CA SER D 61 -17.50 -8.12 -5.95
C SER D 61 -16.30 -8.67 -6.70
N GLN D 62 -15.40 -9.36 -6.02
CA GLN D 62 -14.20 -9.88 -6.67
C GLN D 62 -14.54 -10.82 -7.83
N ASN D 63 -15.64 -11.58 -7.70
CA ASN D 63 -16.06 -12.55 -8.71
C ASN D 63 -16.50 -11.89 -10.02
N PHE D 64 -16.90 -10.63 -9.99
CA PHE D 64 -17.45 -9.97 -11.17
C PHE D 64 -16.50 -8.90 -11.75
N LYS D 65 -15.32 -8.73 -11.19
CA LYS D 65 -14.57 -7.53 -11.48
C LYS D 65 -14.08 -7.66 -12.92
N GLY D 66 -14.46 -6.71 -13.77
CA GLY D 66 -14.13 -6.78 -15.19
C GLY D 66 -15.10 -7.61 -16.03
N LYS D 67 -15.69 -8.68 -15.47
CA LYS D 67 -16.82 -9.40 -16.07
C LYS D 67 -18.11 -8.57 -16.18
N ALA D 68 -18.44 -7.76 -15.16
CA ALA D 68 -19.57 -6.84 -15.15
C ALA D 68 -19.13 -5.43 -15.45
N THR D 69 -20.14 -4.56 -15.61
CA THR D 69 -19.92 -3.13 -15.84
C THR D 69 -21.23 -2.38 -15.66
N LEU D 70 -21.31 -1.59 -14.58
CA LEU D 70 -22.49 -0.81 -14.26
C LEU D 70 -22.31 0.56 -14.83
N THR D 71 -23.40 1.10 -15.37
CA THR D 71 -23.49 2.52 -15.64
C THR D 71 -24.87 2.96 -15.21
N VAL D 72 -25.15 4.22 -15.59
CA VAL D 72 -26.35 4.87 -15.13
C VAL D 72 -26.69 6.02 -16.09
N ASP D 73 -27.97 6.41 -16.10
CA ASP D 73 -28.50 7.51 -16.90
C ASP D 73 -29.43 8.35 -16.02
N GLN D 74 -28.90 9.50 -15.56
CA GLN D 74 -29.63 10.37 -14.63
C GLN D 74 -30.83 11.02 -15.28
N SER D 75 -30.86 11.09 -16.62
CA SER D 75 -31.94 11.75 -17.33
C SER D 75 -33.24 10.94 -17.29
N SER D 76 -33.17 9.63 -17.00
CA SER D 76 -34.35 8.77 -16.98
C SER D 76 -34.52 7.96 -15.68
N ASN D 77 -33.64 8.18 -14.68
CA ASN D 77 -33.57 7.37 -13.50
C ASN D 77 -33.32 5.90 -13.87
N THR D 78 -32.47 5.61 -14.85
CA THR D 78 -32.22 4.23 -15.21
C THR D 78 -30.79 3.84 -14.86
N ALA D 79 -30.64 2.64 -14.32
CA ALA D 79 -29.38 1.97 -14.06
C ALA D 79 -29.23 0.79 -15.00
N TYR D 80 -28.03 0.54 -15.51
CA TYR D 80 -27.81 -0.48 -16.52
C TYR D 80 -26.65 -1.36 -16.08
N LEU D 81 -26.88 -2.66 -16.10
CA LEU D 81 -25.79 -3.60 -15.86
C LEU D 81 -25.45 -4.26 -17.18
N GLN D 82 -24.24 -3.95 -17.70
CA GLN D 82 -23.67 -4.79 -18.75
C GLN D 82 -22.99 -5.99 -18.13
N LEU D 83 -23.23 -7.13 -18.73
CA LEU D 83 -22.51 -8.32 -18.38
C LEU D 83 -21.86 -8.85 -19.64
N THR D 84 -20.70 -9.50 -19.48
CA THR D 84 -19.86 -9.86 -20.63
C THR D 84 -19.28 -11.26 -20.45
N SER D 85 -18.92 -11.91 -21.56
CA SER D 85 -18.33 -13.25 -21.61
C SER D 85 -19.24 -14.35 -21.04
N LEU D 86 -20.56 -14.16 -21.13
CA LEU D 86 -21.54 -15.05 -20.48
C LEU D 86 -21.43 -16.51 -20.94
N THR D 87 -21.24 -17.41 -19.98
CA THR D 87 -21.27 -18.86 -20.13
C THR D 87 -22.65 -19.40 -19.76
N SER D 88 -22.90 -20.70 -19.97
CA SER D 88 -24.15 -21.32 -19.55
C SER D 88 -24.32 -21.19 -18.03
N GLU D 89 -23.22 -21.34 -17.26
CA GLU D 89 -23.31 -21.16 -15.81
C GLU D 89 -23.50 -19.69 -15.34
N ASP D 90 -23.59 -18.70 -16.22
CA ASP D 90 -24.02 -17.34 -15.90
C ASP D 90 -25.50 -17.09 -16.24
N SER D 91 -26.23 -18.15 -16.59
CA SER D 91 -27.69 -18.12 -16.71
C SER D 91 -28.21 -17.99 -15.30
N ALA D 92 -29.16 -17.07 -15.09
CA ALA D 92 -29.63 -16.72 -13.76
C ALA D 92 -30.79 -15.75 -13.81
N VAL D 93 -31.28 -15.36 -12.63
CA VAL D 93 -32.10 -14.17 -12.53
C VAL D 93 -31.29 -13.03 -11.95
N TYR D 94 -31.40 -11.86 -12.56
CA TYR D 94 -30.65 -10.69 -12.15
C TYR D 94 -31.66 -9.68 -11.61
N TYR D 95 -31.42 -9.29 -10.38
CA TYR D 95 -32.26 -8.39 -9.65
C TYR D 95 -31.51 -7.08 -9.40
N CYS D 96 -32.25 -6.01 -9.66
CA CYS D 96 -31.87 -4.65 -9.33
C CYS D 96 -32.46 -4.36 -7.95
N ALA D 97 -31.66 -3.79 -7.04
CA ALA D 97 -32.07 -3.49 -5.67
C ALA D 97 -31.57 -2.12 -5.20
N ARG D 98 -32.29 -1.48 -4.30
CA ARG D 98 -31.98 -0.17 -3.73
C ARG D 98 -31.68 -0.28 -2.26
N GLY D 99 -30.77 0.55 -1.78
CA GLY D 99 -30.47 0.52 -0.36
C GLY D 99 -31.47 1.33 0.46
N ARG D 100 -31.40 1.17 1.77
CA ARG D 100 -32.13 2.03 2.64
C ARG D 100 -31.34 3.31 2.94
N GLN D 101 -30.18 3.18 3.61
CA GLN D 101 -29.22 4.26 3.76
C GLN D 101 -28.44 4.35 2.46
N THR D 102 -27.76 5.49 2.25
CA THR D 102 -27.16 5.86 0.96
C THR D 102 -25.93 5.02 0.72
N TYR D 103 -26.10 3.89 0.00
CA TYR D 103 -25.08 2.84 -0.30
C TYR D 103 -24.91 1.61 0.65
N TYR D 104 -25.34 1.67 1.92
CA TYR D 104 -25.20 0.50 2.74
C TYR D 104 -26.06 -0.68 2.28
N PRO D 105 -25.51 -1.91 2.25
CA PRO D 105 -26.17 -3.05 1.65
C PRO D 105 -27.19 -3.80 2.49
N TRP D 106 -28.35 -3.24 2.64
CA TRP D 106 -29.51 -4.09 2.88
C TRP D 106 -30.66 -3.53 2.09
N PHE D 107 -31.47 -4.44 1.58
CA PHE D 107 -32.17 -4.13 0.38
C PHE D 107 -33.65 -4.18 0.60
N PRO D 108 -34.31 -3.08 0.98
CA PRO D 108 -35.74 -3.11 1.11
C PRO D 108 -36.41 -3.17 -0.24
N TYR D 109 -35.88 -2.52 -1.30
CA TYR D 109 -36.65 -2.44 -2.53
C TYR D 109 -35.95 -3.19 -3.67
N TRP D 110 -36.62 -4.18 -4.23
CA TRP D 110 -36.08 -4.93 -5.35
C TRP D 110 -36.98 -4.80 -6.58
N GLY D 111 -36.38 -4.74 -7.76
CA GLY D 111 -37.14 -4.93 -8.97
C GLY D 111 -37.49 -6.41 -9.16
N GLN D 112 -38.61 -6.74 -9.81
CA GLN D 112 -38.95 -8.08 -10.29
C GLN D 112 -37.86 -8.53 -11.25
N GLY D 113 -37.37 -9.75 -11.15
CA GLY D 113 -36.07 -10.10 -11.74
C GLY D 113 -36.04 -10.22 -13.28
N THR D 114 -34.89 -9.96 -13.91
CA THR D 114 -34.68 -10.21 -15.34
C THR D 114 -34.08 -11.59 -15.55
N LEU D 115 -34.77 -12.48 -16.22
CA LEU D 115 -34.31 -13.87 -16.34
C LEU D 115 -33.43 -13.98 -17.58
N VAL D 116 -32.14 -14.18 -17.35
CA VAL D 116 -31.13 -14.26 -18.40
C VAL D 116 -30.77 -15.70 -18.67
N THR D 117 -31.13 -16.16 -19.88
CA THR D 117 -30.83 -17.52 -20.30
C THR D 117 -29.69 -17.51 -21.32
N VAL D 118 -28.66 -18.34 -21.12
CA VAL D 118 -27.52 -18.36 -22.02
C VAL D 118 -27.55 -19.68 -22.80
N SER D 119 -27.91 -19.59 -24.10
CA SER D 119 -28.12 -20.75 -24.95
C SER D 119 -28.02 -20.36 -26.42
N ALA D 120 -27.50 -21.29 -27.22
CA ALA D 120 -27.40 -21.10 -28.67
C ALA D 120 -28.74 -21.35 -29.37
N ALA D 121 -29.65 -22.12 -28.74
CA ALA D 121 -30.97 -22.42 -29.28
C ALA D 121 -31.77 -21.13 -29.45
N LYS D 122 -32.51 -21.08 -30.56
CA LYS D 122 -33.17 -19.86 -31.01
C LYS D 122 -34.47 -19.65 -30.25
N THR D 123 -34.84 -18.36 -30.16
CA THR D 123 -36.17 -17.92 -29.76
C THR D 123 -37.23 -18.67 -30.55
N THR D 124 -38.26 -19.17 -29.86
CA THR D 124 -39.28 -20.00 -30.47
C THR D 124 -40.63 -19.66 -29.83
N PRO D 125 -41.52 -18.93 -30.54
CA PRO D 125 -42.84 -18.62 -29.98
C PRO D 125 -43.67 -19.85 -29.62
N PRO D 126 -44.55 -19.74 -28.59
CA PRO D 126 -45.28 -20.88 -28.06
C PRO D 126 -46.46 -21.31 -28.95
N SER D 127 -46.77 -22.61 -28.89
CA SER D 127 -47.97 -23.18 -29.48
C SER D 127 -48.92 -23.59 -28.35
N ASP D 128 -50.15 -23.06 -28.36
CA ASP D 128 -51.10 -23.20 -27.25
C ASP D 128 -52.26 -24.10 -27.66
N TYR D 129 -52.62 -25.03 -26.79
CA TYR D 129 -53.58 -26.07 -27.13
C TYR D 129 -54.51 -26.23 -25.94
N PRO D 130 -55.80 -25.89 -26.09
CA PRO D 130 -56.74 -25.95 -24.97
C PRO D 130 -57.18 -27.37 -24.66
N LEU D 131 -57.55 -27.59 -23.39
CA LEU D 131 -57.93 -28.91 -22.88
C LEU D 131 -59.32 -28.83 -22.27
N ALA D 132 -60.24 -29.67 -22.78
CA ALA D 132 -61.61 -29.76 -22.27
C ALA D 132 -61.95 -31.21 -21.97
N PRO D 133 -62.75 -31.50 -20.90
CA PRO D 133 -62.84 -32.87 -20.36
C PRO D 133 -63.38 -33.99 -21.25
N GLY D 134 -64.24 -33.67 -22.25
CA GLY D 134 -64.81 -34.66 -23.16
C GLY D 134 -65.99 -35.41 -22.55
N SER D 135 -65.88 -36.75 -22.45
CA SER D 135 -66.94 -37.62 -21.95
C SER D 135 -67.22 -37.38 -20.46
N ALA D 136 -68.51 -37.40 -20.09
CA ALA D 136 -69.01 -37.32 -18.71
C ALA D 136 -68.56 -36.03 -17.99
N ALA D 137 -68.36 -34.94 -18.74
CA ALA D 137 -67.80 -33.70 -18.22
C ALA D 137 -68.70 -33.08 -17.16
N GLN D 138 -70.00 -32.92 -17.48
CA GLN D 138 -70.97 -32.22 -16.64
C GLN D 138 -71.58 -33.14 -15.57
N THR D 139 -71.12 -34.40 -15.44
CA THR D 139 -71.59 -35.33 -14.42
C THR D 139 -71.13 -34.93 -13.00
N ASN D 140 -70.18 -33.97 -12.87
CA ASN D 140 -69.71 -33.47 -11.58
C ASN D 140 -69.94 -31.96 -11.46
N SER D 141 -70.07 -31.48 -10.21
CA SER D 141 -70.51 -30.12 -9.90
C SER D 141 -69.46 -29.07 -10.26
N MET D 142 -68.17 -29.41 -10.09
CA MET D 142 -67.03 -28.58 -10.49
C MET D 142 -66.28 -29.24 -11.64
N VAL D 143 -65.86 -28.44 -12.65
CA VAL D 143 -65.22 -28.94 -13.86
C VAL D 143 -63.90 -28.22 -14.08
N THR D 144 -62.87 -29.02 -14.41
CA THR D 144 -61.51 -28.52 -14.64
C THR D 144 -61.31 -28.26 -16.12
N LEU D 145 -60.55 -27.21 -16.43
CA LEU D 145 -60.18 -26.81 -17.77
C LEU D 145 -58.67 -26.54 -17.82
N GLY D 146 -58.08 -26.67 -19.01
CA GLY D 146 -56.63 -26.63 -19.12
C GLY D 146 -56.13 -26.03 -20.41
N CYS D 147 -54.83 -25.79 -20.42
CA CYS D 147 -54.15 -25.08 -21.49
C CYS D 147 -52.73 -25.62 -21.54
N LEU D 148 -52.47 -26.52 -22.48
CA LEU D 148 -51.11 -26.95 -22.77
C LEU D 148 -50.39 -25.86 -23.58
N VAL D 149 -49.13 -25.57 -23.22
CA VAL D 149 -48.24 -24.65 -23.89
C VAL D 149 -46.99 -25.44 -24.27
N LYS D 150 -46.71 -25.55 -25.57
CA LYS D 150 -45.76 -26.55 -26.03
C LYS D 150 -44.68 -25.92 -26.91
N GLY D 151 -43.47 -26.51 -26.82
CA GLY D 151 -42.37 -26.26 -27.74
C GLY D 151 -41.85 -24.83 -27.78
N TYR D 152 -42.07 -24.04 -26.72
CA TYR D 152 -41.73 -22.62 -26.70
C TYR D 152 -40.30 -22.40 -26.15
N PHE D 153 -39.77 -21.17 -26.30
CA PHE D 153 -38.47 -20.78 -25.74
C PHE D 153 -38.31 -19.26 -25.78
N PRO D 154 -37.58 -18.58 -24.86
CA PRO D 154 -36.99 -19.10 -23.62
C PRO D 154 -38.00 -19.28 -22.49
N GLU D 155 -37.44 -19.54 -21.28
CA GLU D 155 -38.14 -20.05 -20.10
C GLU D 155 -39.44 -19.32 -19.73
N PRO D 156 -39.48 -17.97 -19.63
CA PRO D 156 -40.62 -17.28 -18.99
C PRO D 156 -41.80 -17.12 -19.95
N VAL D 157 -42.85 -17.90 -19.72
CA VAL D 157 -44.17 -17.72 -20.30
C VAL D 157 -45.14 -17.59 -19.13
N THR D 158 -46.15 -16.76 -19.31
CA THR D 158 -47.10 -16.41 -18.28
C THR D 158 -48.48 -16.86 -18.77
N VAL D 159 -49.28 -17.38 -17.85
CA VAL D 159 -50.68 -17.66 -18.11
C VAL D 159 -51.51 -17.00 -17.02
N THR D 160 -52.58 -16.34 -17.48
CA THR D 160 -53.68 -15.90 -16.65
C THR D 160 -54.96 -16.27 -17.37
N TRP D 161 -56.02 -16.49 -16.61
CA TRP D 161 -57.29 -16.93 -17.17
C TRP D 161 -58.33 -15.80 -17.11
N ASN D 162 -59.00 -15.57 -18.26
CA ASN D 162 -59.97 -14.48 -18.44
C ASN D 162 -59.37 -13.15 -18.01
N SER D 163 -58.18 -12.82 -18.55
CA SER D 163 -57.49 -11.55 -18.33
C SER D 163 -57.22 -11.27 -16.85
N GLY D 164 -56.96 -12.33 -16.05
CA GLY D 164 -56.70 -12.19 -14.62
C GLY D 164 -57.96 -12.20 -13.75
N SER D 165 -59.15 -12.32 -14.35
CA SER D 165 -60.42 -12.35 -13.60
C SER D 165 -60.54 -13.64 -12.79
N LEU D 166 -60.14 -14.79 -13.37
CA LEU D 166 -60.16 -16.08 -12.69
C LEU D 166 -58.82 -16.30 -11.96
N SER D 167 -58.46 -15.39 -11.05
CA SER D 167 -57.25 -15.49 -10.26
C SER D 167 -57.41 -16.49 -9.10
N SER D 168 -58.63 -17.02 -8.88
CA SER D 168 -58.94 -18.01 -7.85
C SER D 168 -59.06 -19.42 -8.44
N GLY D 169 -58.33 -20.36 -7.83
CA GLY D 169 -58.37 -21.76 -8.22
C GLY D 169 -57.59 -22.07 -9.50
N VAL D 170 -56.45 -21.40 -9.75
CA VAL D 170 -55.57 -21.66 -10.87
C VAL D 170 -54.28 -22.31 -10.38
N HIS D 171 -53.89 -23.40 -11.07
CA HIS D 171 -52.61 -24.07 -10.90
C HIS D 171 -51.87 -24.03 -12.24
N THR D 172 -50.67 -23.45 -12.26
CA THR D 172 -49.82 -23.49 -13.43
C THR D 172 -48.54 -24.22 -13.08
N PHE D 173 -48.29 -25.31 -13.81
CA PHE D 173 -47.23 -26.21 -13.46
C PHE D 173 -45.93 -25.70 -14.06
N PRO D 174 -44.81 -25.71 -13.32
CA PRO D 174 -43.49 -25.43 -13.86
C PRO D 174 -43.19 -26.08 -15.21
N ALA D 175 -42.38 -25.37 -16.02
CA ALA D 175 -42.02 -25.83 -17.35
C ALA D 175 -40.98 -26.95 -17.31
N VAL D 176 -41.10 -27.84 -18.31
CA VAL D 176 -40.23 -28.99 -18.54
C VAL D 176 -39.48 -28.70 -19.84
N LEU D 177 -38.15 -28.88 -19.84
CA LEU D 177 -37.33 -28.62 -21.02
C LEU D 177 -37.05 -29.91 -21.78
N GLN D 178 -37.38 -29.92 -23.09
CA GLN D 178 -37.24 -31.09 -23.95
C GLN D 178 -36.66 -30.66 -25.29
N SER D 179 -35.56 -31.32 -25.73
CA SER D 179 -34.90 -31.04 -26.99
C SER D 179 -34.72 -29.52 -27.21
N ASP D 180 -34.26 -28.83 -26.17
CA ASP D 180 -34.00 -27.38 -26.14
C ASP D 180 -35.25 -26.54 -26.49
N LEU D 181 -36.47 -27.03 -26.16
CA LEU D 181 -37.73 -26.27 -26.16
C LEU D 181 -38.55 -26.62 -24.91
N TYR D 182 -39.24 -25.64 -24.32
CA TYR D 182 -39.96 -25.81 -23.07
C TYR D 182 -41.41 -26.24 -23.32
N THR D 183 -41.99 -26.93 -22.33
CA THR D 183 -43.41 -27.31 -22.30
C THR D 183 -43.95 -26.98 -20.91
N LEU D 184 -45.17 -26.41 -20.87
CA LEU D 184 -45.81 -25.96 -19.65
C LEU D 184 -47.31 -26.17 -19.79
N SER D 185 -48.02 -26.26 -18.68
CA SER D 185 -49.46 -26.39 -18.74
C SER D 185 -50.11 -25.68 -17.57
N SER D 186 -51.32 -25.19 -17.79
CA SER D 186 -52.02 -24.38 -16.81
C SER D 186 -53.43 -24.93 -16.72
N SER D 187 -54.02 -24.76 -15.54
CA SER D 187 -55.28 -25.39 -15.23
C SER D 187 -56.08 -24.50 -14.28
N VAL D 188 -57.41 -24.61 -14.43
CA VAL D 188 -58.37 -23.83 -13.68
C VAL D 188 -59.60 -24.70 -13.46
N THR D 189 -60.33 -24.45 -12.36
CA THR D 189 -61.55 -25.17 -12.06
C THR D 189 -62.66 -24.16 -11.81
N VAL D 190 -63.85 -24.43 -12.40
CA VAL D 190 -64.99 -23.53 -12.38
C VAL D 190 -66.27 -24.33 -12.10
N PRO D 191 -67.37 -23.67 -11.66
CA PRO D 191 -68.67 -24.32 -11.54
C PRO D 191 -69.15 -24.90 -12.89
N SER D 192 -69.81 -26.06 -12.83
CA SER D 192 -70.37 -26.72 -14.00
C SER D 192 -71.44 -25.87 -14.72
N SER D 193 -72.06 -24.91 -14.00
CA SER D 193 -72.92 -23.89 -14.59
C SER D 193 -72.16 -22.93 -15.52
N THR D 194 -70.91 -22.59 -15.16
CA THR D 194 -70.13 -21.55 -15.82
C THR D 194 -69.63 -22.00 -17.19
N TRP D 195 -68.93 -23.14 -17.30
CA TRP D 195 -68.04 -23.34 -18.45
C TRP D 195 -68.77 -23.34 -19.80
N PRO D 196 -69.82 -24.16 -20.09
CA PRO D 196 -70.54 -24.03 -21.36
C PRO D 196 -71.32 -22.72 -21.58
N SER D 197 -71.56 -21.94 -20.50
CA SER D 197 -72.39 -20.74 -20.50
C SER D 197 -71.59 -19.45 -20.75
N GLU D 198 -70.26 -19.47 -20.57
CA GLU D 198 -69.45 -18.26 -20.46
C GLU D 198 -68.13 -18.40 -21.24
N THR D 199 -67.46 -17.25 -21.45
CA THR D 199 -66.12 -17.21 -22.03
C THR D 199 -65.12 -17.79 -21.02
N VAL D 200 -64.25 -18.69 -21.49
CA VAL D 200 -63.04 -19.07 -20.76
C VAL D 200 -61.85 -19.06 -21.72
N THR D 201 -60.79 -18.31 -21.38
CA THR D 201 -59.55 -18.24 -22.15
C THR D 201 -58.31 -18.34 -21.28
N CYS D 202 -57.33 -19.15 -21.69
CA CYS D 202 -55.96 -18.96 -21.21
C CYS D 202 -55.33 -17.82 -22.02
N ASN D 203 -55.02 -16.70 -21.32
CA ASN D 203 -54.37 -15.53 -21.90
C ASN D 203 -52.84 -15.70 -21.84
N VAL D 204 -52.31 -16.62 -22.66
CA VAL D 204 -50.88 -16.92 -22.70
C VAL D 204 -50.10 -15.72 -23.23
N ALA D 205 -48.96 -15.44 -22.60
CA ALA D 205 -48.16 -14.27 -22.90
C ALA D 205 -46.68 -14.63 -22.78
N HIS D 206 -45.87 -14.10 -23.69
CA HIS D 206 -44.48 -14.48 -23.82
C HIS D 206 -43.62 -13.22 -23.99
N PRO D 207 -42.99 -12.67 -22.92
CA PRO D 207 -42.15 -11.47 -23.01
C PRO D 207 -41.03 -11.45 -24.06
N ALA D 208 -40.40 -12.60 -24.29
CA ALA D 208 -39.19 -12.66 -25.09
C ALA D 208 -39.45 -12.79 -26.60
N SER D 209 -40.70 -13.04 -27.04
CA SER D 209 -41.05 -12.96 -28.46
C SER D 209 -42.40 -12.27 -28.72
N SER D 210 -42.90 -11.48 -27.75
CA SER D 210 -43.98 -10.50 -27.90
C SER D 210 -45.34 -11.08 -28.31
N THR D 211 -45.53 -12.42 -28.28
CA THR D 211 -46.78 -13.04 -28.69
C THR D 211 -47.76 -13.11 -27.50
N LYS D 212 -49.01 -12.70 -27.76
CA LYS D 212 -50.10 -12.73 -26.79
C LYS D 212 -51.30 -13.41 -27.44
N VAL D 213 -51.85 -14.45 -26.79
CA VAL D 213 -52.82 -15.35 -27.40
C VAL D 213 -53.88 -15.75 -26.38
N ASP D 214 -55.15 -15.74 -26.82
CA ASP D 214 -56.33 -15.97 -25.98
C ASP D 214 -57.17 -17.10 -26.56
N LYS D 215 -56.71 -18.35 -26.42
CA LYS D 215 -57.44 -19.53 -26.89
C LYS D 215 -58.68 -19.76 -26.02
N LYS D 216 -59.86 -19.88 -26.65
CA LYS D 216 -61.10 -20.19 -25.95
C LYS D 216 -61.25 -21.70 -25.77
N ILE D 217 -61.73 -22.12 -24.58
CA ILE D 217 -61.88 -23.53 -24.24
C ILE D 217 -63.28 -23.99 -24.69
N VAL D 218 -63.37 -24.55 -25.90
CA VAL D 218 -64.62 -24.93 -26.54
C VAL D 218 -64.85 -26.43 -26.36
N PRO D 219 -66.07 -26.90 -25.99
CA PRO D 219 -66.37 -28.34 -25.89
C PRO D 219 -66.16 -29.17 -27.15
N ARG D 220 -65.97 -30.49 -26.97
CA ARG D 220 -65.75 -31.41 -28.08
C ARG D 220 -67.09 -31.67 -28.78
#